data_4Z10
#
_entry.id   4Z10
#
_cell.length_a   137.100
_cell.length_b   137.100
_cell.length_c   209.520
_cell.angle_alpha   90.00
_cell.angle_beta   90.00
_cell.angle_gamma   120.00
#
_symmetry.space_group_name_H-M   'P 31 2 1'
#
loop_
_entity.id
_entity.type
_entity.pdbx_description
1 polymer 'Aurone synthase'
2 polymer 'Aurone synthase'
3 non-polymer 'COPPER (II) ION'
4 non-polymer RESORCINOL
5 non-polymer GLYCEROL
6 non-polymer 'ACETATE ION'
7 water water
#
loop_
_entity_poly.entity_id
_entity_poly.type
_entity_poly.pdbx_seq_one_letter_code
_entity_poly.pdbx_strand_id
1 'polypeptide(L)'
;APITAPDITSICKDASSGIGNQEGAIRTRKCCPPSLGKKIKDFQFPNDKKVRMRWPAHKGTKKQVDDYRRAIAAMRALPD
DDPRSFVSQAKIHCAYCNGGYTQVDSGFPDIDIQIHNSWLFFPFHRWYLYFYERILGSLIDEPNFALPYWKWDEPKGMPI
SNIFLGDASNPLYDQYRDANHIEDRIVDLDYDGKDKDIPDQQQVACNLSTVYRDLVRNGVDPTSFFGGKYVAGDSPVANG
DPSVGSVEAGS(HS8)TAVHRWVGDPTQPNNEDMGNFYSAGYDPVFYIHHANVDRMWKLWKELRLPGHVDITDPDWLNAS
YVFYDENKDLVRVYNKDCVNLDKLKYNFIENSKE
;
A,B,C,D,E,F
2 'polypeptide(L)' DGVFTTPCDPEYAGG G,H,I,J,K,L
#
loop_
_chem_comp.id
_chem_comp.type
_chem_comp.name
_chem_comp.formula
ACT non-polymer 'ACETATE ION' 'C2 H3 O2 -1'
CU non-polymer 'COPPER (II) ION' 'Cu 2'
GOL non-polymer GLYCEROL 'C3 H8 O3'
RCO non-polymer RESORCINOL 'C6 H6 O2'
#
# COMPACT_ATOMS: atom_id res chain seq x y z
N ALA A 1 -3.68 -7.82 -29.79
CA ALA A 1 -2.42 -8.39 -30.20
C ALA A 1 -1.33 -7.32 -30.14
N PRO A 2 -0.10 -7.73 -29.81
CA PRO A 2 0.97 -6.76 -29.59
C PRO A 2 1.57 -6.22 -30.89
N ILE A 3 2.05 -4.98 -30.82
CA ILE A 3 2.85 -4.39 -31.87
C ILE A 3 4.15 -5.16 -32.00
N THR A 4 4.45 -5.59 -33.22
CA THR A 4 5.56 -6.47 -33.51
C THR A 4 6.34 -5.97 -34.72
N ALA A 5 7.60 -5.59 -34.51
CA ALA A 5 8.43 -5.18 -35.63
C ALA A 5 8.64 -6.36 -36.58
N PRO A 6 8.63 -6.10 -37.89
CA PRO A 6 8.91 -7.19 -38.83
C PRO A 6 10.41 -7.39 -38.95
N ASP A 7 10.85 -8.16 -39.95
CA ASP A 7 12.26 -8.14 -40.31
C ASP A 7 12.56 -6.79 -40.95
N ILE A 8 12.98 -5.86 -40.11
CA ILE A 8 13.24 -4.49 -40.50
C ILE A 8 14.30 -4.38 -41.61
N THR A 9 15.10 -5.42 -41.79
CA THR A 9 16.14 -5.41 -42.82
C THR A 9 15.62 -5.96 -44.15
N SER A 10 14.40 -6.47 -44.16
CA SER A 10 13.78 -6.96 -45.38
C SER A 10 12.52 -6.18 -45.75
N ILE A 11 11.85 -5.61 -44.76
CA ILE A 11 10.58 -4.91 -44.99
C ILE A 11 10.62 -3.53 -44.34
N CYS A 12 10.88 -2.52 -45.15
CA CYS A 12 11.09 -1.16 -44.68
C CYS A 12 10.85 -0.21 -45.84
N LYS A 13 10.36 0.98 -45.54
CA LYS A 13 10.14 2.02 -46.55
C LYS A 13 10.70 3.34 -46.03
N ASP A 14 10.96 4.27 -46.94
CA ASP A 14 11.43 5.60 -46.57
C ASP A 14 10.50 6.24 -45.55
N ALA A 15 11.08 6.96 -44.60
CA ALA A 15 10.29 7.71 -43.61
C ALA A 15 9.55 8.84 -44.29
N SER A 16 8.25 8.95 -44.03
CA SER A 16 7.45 9.97 -44.70
C SER A 16 6.29 10.48 -43.86
N SER A 17 6.31 10.22 -42.55
CA SER A 17 5.30 10.75 -41.65
C SER A 17 5.95 11.55 -40.53
N GLY A 18 5.28 12.61 -40.11
CA GLY A 18 5.75 13.43 -39.02
C GLY A 18 6.86 14.39 -39.39
N ILE A 19 7.13 14.52 -40.68
CA ILE A 19 8.14 15.46 -41.17
C ILE A 19 7.46 16.50 -42.05
N GLY A 20 7.31 17.70 -41.50
CA GLY A 20 6.54 18.76 -42.15
C GLY A 20 7.15 19.25 -43.45
N ASN A 21 8.45 19.47 -43.45
CA ASN A 21 9.15 19.96 -44.63
C ASN A 21 10.06 18.91 -45.20
N GLN A 22 9.54 18.09 -46.10
CA GLN A 22 10.36 17.05 -46.69
C GLN A 22 11.21 17.64 -47.82
N GLU A 23 10.68 18.62 -48.52
CA GLU A 23 11.40 19.23 -49.64
C GLU A 23 12.78 19.78 -49.21
N GLY A 24 12.83 20.52 -48.12
CA GLY A 24 14.08 21.10 -47.64
C GLY A 24 14.77 20.36 -46.51
N ALA A 25 14.30 19.17 -46.17
CA ALA A 25 14.86 18.38 -45.08
C ALA A 25 16.37 18.27 -45.19
N ILE A 26 17.08 18.48 -44.08
CA ILE A 26 18.54 18.50 -44.15
C ILE A 26 19.15 17.12 -43.88
N ARG A 27 18.36 16.22 -43.31
CA ARG A 27 18.78 14.83 -43.15
C ARG A 27 17.99 13.96 -44.11
N THR A 28 18.48 12.75 -44.35
CA THR A 28 17.83 11.81 -45.25
C THR A 28 16.56 11.25 -44.63
N ARG A 29 15.66 10.77 -45.49
CA ARG A 29 14.48 10.02 -45.04
C ARG A 29 14.63 8.55 -45.44
N LYS A 30 15.76 8.20 -46.02
CA LYS A 30 16.09 6.80 -46.30
C LYS A 30 16.73 6.18 -45.05
N CYS A 31 15.88 5.79 -44.10
CA CYS A 31 16.34 5.44 -42.77
C CYS A 31 16.34 3.94 -42.51
N CYS A 32 16.18 3.16 -43.57
CA CYS A 32 16.13 1.72 -43.40
C CYS A 32 17.49 1.17 -42.98
N PRO A 33 17.49 0.12 -42.15
CA PRO A 33 18.73 -0.49 -41.69
C PRO A 33 19.37 -1.35 -42.78
N PRO A 34 20.68 -1.62 -42.67
CA PRO A 34 21.36 -2.41 -43.70
C PRO A 34 20.81 -3.82 -43.83
N SER A 35 20.59 -4.24 -45.06
CA SER A 35 20.09 -5.58 -45.37
C SER A 35 21.26 -6.53 -45.58
N LEU A 36 21.48 -7.39 -44.60
CA LEU A 36 22.62 -8.31 -44.63
C LEU A 36 22.16 -9.77 -44.64
N GLY A 37 20.85 -9.98 -44.83
CA GLY A 37 20.29 -11.33 -44.88
C GLY A 37 20.44 -12.12 -43.59
N LYS A 38 20.61 -11.42 -42.47
CA LYS A 38 20.82 -12.08 -41.17
C LYS A 38 19.53 -12.71 -40.65
N LYS A 39 19.69 -13.74 -39.83
CA LYS A 39 18.57 -14.35 -39.13
C LYS A 39 18.31 -13.60 -37.84
N ILE A 40 17.04 -13.30 -37.58
CA ILE A 40 16.66 -12.64 -36.34
C ILE A 40 16.70 -13.66 -35.21
N LYS A 41 17.47 -13.37 -34.17
CA LYS A 41 17.59 -14.28 -33.03
C LYS A 41 16.96 -13.68 -31.79
N ASP A 42 16.50 -14.54 -30.89
CA ASP A 42 15.86 -14.05 -29.68
C ASP A 42 16.90 -13.52 -28.69
N PHE A 43 16.49 -12.50 -27.96
CA PHE A 43 17.32 -11.85 -26.95
C PHE A 43 17.71 -12.84 -25.86
N GLN A 44 18.95 -12.71 -25.39
CA GLN A 44 19.43 -13.46 -24.25
C GLN A 44 19.94 -12.46 -23.22
N PHE A 45 19.63 -12.69 -21.95
CA PHE A 45 20.03 -11.76 -20.91
C PHE A 45 21.55 -11.71 -20.79
N PRO A 46 22.12 -10.50 -20.66
CA PRO A 46 23.58 -10.33 -20.66
C PRO A 46 24.29 -10.99 -19.48
N ASN A 47 25.51 -11.46 -19.72
CA ASN A 47 26.30 -12.15 -18.71
C ASN A 47 27.41 -11.28 -18.12
N ASP A 48 27.34 -9.97 -18.38
CA ASP A 48 28.32 -9.01 -17.85
C ASP A 48 28.64 -9.26 -16.39
N LYS A 49 29.93 -9.20 -16.06
CA LYS A 49 30.40 -9.45 -14.70
C LYS A 49 30.24 -8.22 -13.82
N LYS A 50 30.15 -7.05 -14.44
CA LYS A 50 29.98 -5.78 -13.73
C LYS A 50 28.80 -5.00 -14.30
N VAL A 51 28.18 -4.17 -13.46
CA VAL A 51 27.09 -3.31 -13.88
C VAL A 51 27.64 -2.02 -14.47
N ARG A 52 27.16 -1.66 -15.67
CA ARG A 52 27.51 -0.38 -16.27
C ARG A 52 26.83 0.73 -15.51
N MET A 53 27.61 1.69 -15.04
CA MET A 53 27.07 2.78 -14.23
C MET A 53 27.06 4.09 -15.00
N ARG A 54 25.88 4.46 -15.49
CA ARG A 54 25.72 5.69 -16.25
C ARG A 54 25.95 6.90 -15.37
N TRP A 55 26.62 7.90 -15.91
CA TRP A 55 27.18 8.97 -15.09
C TRP A 55 26.59 10.32 -15.47
N PRO A 56 26.36 11.20 -14.48
CA PRO A 56 25.79 12.52 -14.80
C PRO A 56 26.72 13.27 -15.74
N ALA A 57 26.17 13.83 -16.82
CA ALA A 57 27.02 14.39 -17.87
C ALA A 57 27.83 15.59 -17.38
N HIS A 58 27.44 16.17 -16.24
CA HIS A 58 28.14 17.34 -15.73
C HIS A 58 29.16 16.98 -14.64
N LYS A 59 29.24 15.70 -14.29
CA LYS A 59 30.17 15.24 -13.24
C LYS A 59 30.98 14.01 -13.67
N GLY A 60 31.36 13.95 -14.95
CA GLY A 60 32.12 12.81 -15.43
C GLY A 60 33.59 12.88 -15.04
N THR A 61 34.20 11.71 -14.84
CA THR A 61 35.64 11.61 -14.64
C THR A 61 36.34 11.74 -16.00
N LYS A 62 37.64 12.00 -15.96
CA LYS A 62 38.43 12.10 -17.19
C LYS A 62 38.23 10.86 -18.07
N LYS A 63 38.31 9.68 -17.46
CA LYS A 63 38.20 8.44 -18.21
C LYS A 63 36.79 8.27 -18.79
N GLN A 64 35.78 8.71 -18.05
CA GLN A 64 34.40 8.62 -18.52
C GLN A 64 34.21 9.50 -19.75
N VAL A 65 34.59 10.76 -19.64
CA VAL A 65 34.47 11.69 -20.76
C VAL A 65 35.33 11.23 -21.94
N ASP A 66 36.59 10.85 -21.68
CA ASP A 66 37.50 10.43 -22.74
C ASP A 66 37.01 9.17 -23.45
N ASP A 67 36.54 8.19 -22.69
CA ASP A 67 36.04 6.95 -23.27
C ASP A 67 34.81 7.22 -24.15
N TYR A 68 33.92 8.07 -23.65
CA TYR A 68 32.70 8.40 -24.37
C TYR A 68 33.02 9.11 -25.70
N ARG A 69 33.91 10.10 -25.66
CA ARG A 69 34.31 10.81 -26.88
C ARG A 69 34.95 9.85 -27.88
N ARG A 70 35.81 8.97 -27.39
CA ARG A 70 36.51 8.02 -28.25
C ARG A 70 35.53 7.08 -28.91
N ALA A 71 34.54 6.60 -28.16
CA ALA A 71 33.52 5.71 -28.69
C ALA A 71 32.68 6.40 -29.77
N ILE A 72 32.26 7.63 -29.52
CA ILE A 72 31.47 8.37 -30.50
C ILE A 72 32.30 8.63 -31.75
N ALA A 73 33.57 9.00 -31.56
CA ALA A 73 34.48 9.21 -32.68
C ALA A 73 34.62 7.94 -33.51
N ALA A 74 34.79 6.80 -32.84
CA ALA A 74 34.90 5.53 -33.53
C ALA A 74 33.65 5.25 -34.36
N MET A 75 32.51 5.59 -33.77
CA MET A 75 31.22 5.42 -34.40
C MET A 75 31.09 6.32 -35.63
N ARG A 76 31.54 7.56 -35.49
CA ARG A 76 31.55 8.49 -36.60
C ARG A 76 32.51 8.06 -37.69
N ALA A 77 33.52 7.26 -37.34
CA ALA A 77 34.55 6.84 -38.28
C ALA A 77 34.08 5.67 -39.13
N LEU A 78 33.08 4.94 -38.66
CA LEU A 78 32.57 3.81 -39.42
C LEU A 78 31.82 4.30 -40.65
N PRO A 79 31.92 3.57 -41.77
CA PRO A 79 31.06 3.92 -42.91
C PRO A 79 29.59 3.77 -42.54
N ASP A 80 28.73 4.61 -43.10
CA ASP A 80 27.33 4.66 -42.69
C ASP A 80 26.62 3.32 -42.80
N ASP A 81 26.98 2.50 -43.79
CA ASP A 81 26.26 1.27 -44.03
C ASP A 81 26.63 0.18 -43.02
N ASP A 82 27.60 0.45 -42.15
CA ASP A 82 27.81 -0.39 -40.98
C ASP A 82 26.63 -0.14 -40.00
N PRO A 83 25.95 -1.20 -39.56
CA PRO A 83 24.80 -0.97 -38.67
C PRO A 83 25.18 -0.38 -37.31
N ARG A 84 26.45 -0.41 -36.96
CA ARG A 84 26.92 0.20 -35.71
C ARG A 84 27.31 1.67 -35.88
N SER A 85 27.27 2.16 -37.11
CA SER A 85 27.80 3.48 -37.41
C SER A 85 26.95 4.61 -36.81
N PHE A 86 27.52 5.81 -36.77
CA PHE A 86 26.84 6.98 -36.25
C PHE A 86 25.52 7.20 -36.98
N VAL A 87 25.56 7.13 -38.30
CA VAL A 87 24.37 7.40 -39.10
C VAL A 87 23.36 6.27 -38.97
N SER A 88 23.81 5.02 -38.93
CA SER A 88 22.87 3.91 -38.76
C SER A 88 22.13 4.01 -37.43
N GLN A 89 22.83 4.39 -36.38
CA GLN A 89 22.20 4.48 -35.08
C GLN A 89 21.16 5.61 -35.09
N ALA A 90 21.50 6.72 -35.74
CA ALA A 90 20.55 7.83 -35.86
C ALA A 90 19.31 7.40 -36.66
N LYS A 91 19.52 6.58 -37.69
CA LYS A 91 18.40 6.21 -38.58
C LYS A 91 17.39 5.28 -37.89
N ILE A 92 17.83 4.57 -36.85
CA ILE A 92 16.94 3.72 -36.09
C ILE A 92 15.76 4.55 -35.59
N HIS A 93 16.06 5.72 -35.05
CA HIS A 93 15.03 6.58 -34.51
C HIS A 93 14.07 7.04 -35.60
N CYS A 94 14.64 7.44 -36.73
CA CYS A 94 13.86 7.80 -37.91
C CYS A 94 12.91 6.68 -38.36
N ALA A 95 13.43 5.47 -38.52
CA ALA A 95 12.62 4.37 -39.03
C ALA A 95 11.44 4.04 -38.10
N TYR A 96 11.70 3.98 -36.80
CA TYR A 96 10.65 3.63 -35.84
C TYR A 96 9.70 4.79 -35.50
N CYS A 97 10.14 6.04 -35.69
CA CYS A 97 9.35 7.22 -35.29
C CYS A 97 8.67 7.94 -36.46
N ASN A 98 9.12 7.65 -37.68
CA ASN A 98 8.63 8.39 -38.85
C ASN A 98 8.16 7.46 -39.96
N GLY A 99 7.72 6.27 -39.58
CA GLY A 99 6.97 5.41 -40.49
C GLY A 99 7.77 4.53 -41.42
N GLY A 100 8.93 4.06 -41.00
CA GLY A 100 9.68 3.11 -41.79
C GLY A 100 9.03 1.73 -41.88
N TYR A 101 8.33 1.34 -40.82
CA TYR A 101 7.79 -0.03 -40.71
C TYR A 101 6.28 -0.08 -40.63
N THR A 102 5.72 -1.24 -40.97
CA THR A 102 4.28 -1.47 -40.84
C THR A 102 3.99 -2.62 -39.88
N GLN A 103 2.70 -2.78 -39.56
CA GLN A 103 2.23 -3.85 -38.72
C GLN A 103 1.93 -5.13 -39.52
N VAL A 104 2.70 -5.35 -40.58
CA VAL A 104 2.47 -6.49 -41.45
C VAL A 104 2.52 -7.82 -40.70
N ASP A 105 3.43 -7.94 -39.73
CA ASP A 105 3.59 -9.20 -39.01
C ASP A 105 2.38 -9.50 -38.13
N SER A 106 1.59 -8.47 -37.82
CA SER A 106 0.37 -8.63 -37.04
C SER A 106 -0.88 -8.72 -37.91
N GLY A 107 -0.70 -8.74 -39.23
CA GLY A 107 -1.82 -8.82 -40.14
C GLY A 107 -2.40 -7.46 -40.53
N PHE A 108 -1.63 -6.40 -40.31
CA PHE A 108 -2.06 -5.05 -40.68
C PHE A 108 -0.98 -4.32 -41.49
N PRO A 109 -0.68 -4.83 -42.71
CA PRO A 109 0.33 -4.19 -43.56
C PRO A 109 -0.09 -2.80 -44.02
N ASP A 110 -1.34 -2.44 -43.76
CA ASP A 110 -1.89 -1.15 -44.16
C ASP A 110 -1.66 -0.06 -43.10
N ILE A 111 -1.06 -0.42 -41.97
CA ILE A 111 -0.87 0.52 -40.85
C ILE A 111 0.59 0.59 -40.41
N ASP A 112 1.11 1.81 -40.26
CA ASP A 112 2.46 2.02 -39.79
C ASP A 112 2.65 1.64 -38.32
N ILE A 113 3.87 1.27 -37.96
CA ILE A 113 4.29 1.20 -36.58
C ILE A 113 4.79 2.58 -36.16
N GLN A 114 4.31 3.05 -35.01
CA GLN A 114 4.80 4.26 -34.39
C GLN A 114 5.08 3.90 -32.94
N ILE A 115 6.29 4.12 -32.44
CA ILE A 115 6.56 3.80 -31.05
C ILE A 115 6.36 5.00 -30.12
N HIS A 116 6.21 6.21 -30.69
CA HIS A 116 5.97 7.39 -29.86
C HIS A 116 4.50 7.59 -29.54
N ASN A 117 4.24 8.45 -28.56
CA ASN A 117 2.88 8.87 -28.25
C ASN A 117 2.01 7.70 -27.76
N SER A 118 2.64 6.76 -27.08
CA SER A 118 1.92 5.62 -26.49
C SER A 118 2.77 4.93 -25.46
N TRP A 119 2.21 3.88 -24.88
CA TRP A 119 2.91 3.11 -23.86
C TRP A 119 4.17 2.41 -24.37
N LEU A 120 4.44 2.44 -25.68
CA LEU A 120 5.69 1.86 -26.19
C LEU A 120 6.88 2.78 -25.97
N PHE A 121 6.63 4.03 -25.60
CA PHE A 121 7.68 5.05 -25.56
C PHE A 121 8.87 4.67 -24.67
N PHE A 122 8.61 4.37 -23.40
CA PHE A 122 9.70 4.06 -22.50
C PHE A 122 10.48 2.77 -22.85
N PRO A 123 9.79 1.65 -23.06
CA PRO A 123 10.56 0.43 -23.33
C PRO A 123 11.31 0.48 -24.67
N PHE A 124 10.73 1.09 -25.71
CA PHE A 124 11.45 1.17 -26.98
C PHE A 124 12.77 1.88 -26.79
N HIS A 125 12.75 3.03 -26.13
CA HIS A 125 13.97 3.82 -25.97
C HIS A 125 14.94 3.17 -25.01
N ARG A 126 14.43 2.42 -24.04
CA ARG A 126 15.30 1.66 -23.14
C ARG A 126 16.13 0.64 -23.95
N TRP A 127 15.49 -0.08 -24.87
CA TRP A 127 16.19 -1.07 -25.69
C TRP A 127 17.14 -0.43 -26.70
N TYR A 128 16.69 0.66 -27.32
CA TYR A 128 17.48 1.44 -28.28
C TYR A 128 18.82 1.84 -27.65
N LEU A 129 18.74 2.37 -26.44
CA LEU A 129 19.93 2.81 -25.71
C LEU A 129 20.78 1.63 -25.24
N TYR A 130 20.12 0.55 -24.88
CA TYR A 130 20.80 -0.64 -24.38
C TYR A 130 21.81 -1.15 -25.41
N PHE A 131 21.35 -1.31 -26.64
CA PHE A 131 22.22 -1.76 -27.72
C PHE A 131 23.21 -0.67 -28.15
N TYR A 132 22.77 0.58 -28.15
CA TYR A 132 23.64 1.70 -28.48
C TYR A 132 24.85 1.77 -27.55
N GLU A 133 24.58 1.64 -26.25
CA GLU A 133 25.61 1.70 -25.23
C GLU A 133 26.58 0.52 -25.37
N ARG A 134 26.05 -0.67 -25.61
CA ARG A 134 26.88 -1.85 -25.76
C ARG A 134 27.71 -1.79 -27.05
N ILE A 135 27.16 -1.15 -28.08
CA ILE A 135 27.89 -1.00 -29.34
C ILE A 135 29.07 -0.05 -29.12
N LEU A 136 28.81 1.07 -28.46
CA LEU A 136 29.87 2.03 -28.17
C LEU A 136 31.02 1.40 -27.39
N GLY A 137 30.69 0.63 -26.36
CA GLY A 137 31.71 -0.07 -25.59
C GLY A 137 32.57 -1.01 -26.43
N SER A 138 31.92 -1.72 -27.35
CA SER A 138 32.63 -2.68 -28.20
C SER A 138 33.61 -2.01 -29.14
N LEU A 139 33.28 -0.79 -29.60
CA LEU A 139 34.14 -0.08 -30.55
C LEU A 139 35.44 0.41 -29.93
N ILE A 140 35.49 0.54 -28.60
CA ILE A 140 36.72 0.96 -27.93
C ILE A 140 37.26 -0.10 -26.96
N ASP A 141 36.71 -1.31 -27.02
CA ASP A 141 37.20 -2.44 -26.24
C ASP A 141 37.08 -2.19 -24.74
N GLU A 142 35.95 -1.61 -24.34
CA GLU A 142 35.65 -1.33 -22.92
C GLU A 142 34.40 -2.10 -22.50
N PRO A 143 34.59 -3.28 -21.88
CA PRO A 143 33.42 -4.11 -21.58
C PRO A 143 32.48 -3.54 -20.51
N ASN A 144 32.91 -2.50 -19.79
CA ASN A 144 32.09 -1.91 -18.74
C ASN A 144 31.65 -0.48 -19.10
N PHE A 145 31.70 -0.16 -20.38
CA PHE A 145 31.36 1.18 -20.85
C PHE A 145 29.93 1.57 -20.49
N ALA A 146 29.75 2.83 -20.12
CA ALA A 146 28.45 3.36 -19.75
C ALA A 146 28.26 4.78 -20.30
N LEU A 147 27.06 5.05 -20.77
CA LEU A 147 26.65 6.38 -21.23
C LEU A 147 26.58 7.41 -20.12
N PRO A 148 26.85 8.68 -20.44
CA PRO A 148 26.39 9.72 -19.52
C PRO A 148 24.88 9.92 -19.62
N TYR A 149 24.32 10.64 -18.66
CA TYR A 149 22.94 11.06 -18.74
C TYR A 149 22.83 12.53 -18.33
N TRP A 150 21.98 13.26 -19.04
CA TRP A 150 21.78 14.67 -18.79
C TRP A 150 20.83 14.87 -17.63
N LYS A 151 21.38 15.19 -16.47
CA LYS A 151 20.61 15.22 -15.24
C LYS A 151 19.90 16.58 -15.04
N TRP A 152 18.98 16.88 -15.95
CA TRP A 152 18.29 18.17 -15.90
C TRP A 152 17.24 18.26 -14.81
N ASP A 153 17.12 17.24 -13.98
CA ASP A 153 16.24 17.29 -12.81
C ASP A 153 16.97 17.82 -11.57
N GLU A 154 18.27 18.02 -11.71
CA GLU A 154 19.10 18.62 -10.64
C GLU A 154 19.65 19.95 -11.14
N PRO A 155 19.64 20.99 -10.29
CA PRO A 155 20.08 22.32 -10.76
C PRO A 155 21.42 22.34 -11.48
N LYS A 156 22.47 21.76 -10.88
CA LYS A 156 23.79 21.75 -11.51
C LYS A 156 23.80 20.98 -12.85
N GLY A 157 22.85 20.08 -13.03
CA GLY A 157 22.73 19.33 -14.27
C GLY A 157 21.86 19.96 -15.36
N MET A 158 21.20 21.06 -15.05
CA MET A 158 20.28 21.67 -16.01
C MET A 158 20.99 22.38 -17.18
N PRO A 159 22.11 23.06 -16.92
CA PRO A 159 22.86 23.58 -18.07
C PRO A 159 23.36 22.44 -18.96
N ILE A 160 23.26 22.58 -20.27
CA ILE A 160 23.81 21.57 -21.16
C ILE A 160 25.31 21.47 -20.89
N SER A 161 25.81 20.23 -20.80
CA SER A 161 27.17 20.00 -20.39
C SER A 161 28.16 20.56 -21.42
N ASN A 162 29.25 21.13 -20.92
CA ASN A 162 30.24 21.73 -21.81
C ASN A 162 30.88 20.67 -22.73
N ILE A 163 30.77 19.39 -22.36
CA ILE A 163 31.40 18.34 -23.16
C ILE A 163 30.78 18.23 -24.56
N PHE A 164 29.56 18.74 -24.74
CA PHE A 164 28.87 18.71 -26.03
C PHE A 164 29.16 19.94 -26.89
N LEU A 165 29.94 20.87 -26.36
CA LEU A 165 30.11 22.18 -27.00
C LEU A 165 31.47 22.29 -27.70
N GLY A 166 31.77 23.46 -28.23
CA GLY A 166 33.01 23.69 -28.98
C GLY A 166 32.74 23.74 -30.46
N ASP A 167 33.41 22.86 -31.22
CA ASP A 167 33.27 22.84 -32.68
C ASP A 167 33.39 21.41 -33.19
N ALA A 168 33.53 21.24 -34.50
CA ALA A 168 33.50 19.92 -35.12
C ALA A 168 34.61 18.99 -34.63
N SER A 169 35.70 19.57 -34.14
CA SER A 169 36.82 18.77 -33.64
C SER A 169 36.40 17.94 -32.43
N ASN A 170 35.35 18.38 -31.75
CA ASN A 170 34.74 17.61 -30.67
C ASN A 170 33.67 16.65 -31.25
N PRO A 171 33.88 15.33 -31.08
CA PRO A 171 32.92 14.37 -31.67
C PRO A 171 31.51 14.51 -31.12
N LEU A 172 31.35 15.16 -29.97
CA LEU A 172 30.04 15.29 -29.34
C LEU A 172 29.28 16.54 -29.82
N TYR A 173 29.93 17.33 -30.68
CA TYR A 173 29.34 18.56 -31.20
C TYR A 173 28.31 18.29 -32.30
N ASP A 174 27.33 19.19 -32.41
CA ASP A 174 26.38 19.21 -33.53
C ASP A 174 26.04 20.67 -33.85
N GLN A 175 26.30 21.11 -35.07
CA GLN A 175 26.05 22.52 -35.43
C GLN A 175 24.55 22.84 -35.44
N TYR A 176 23.73 21.82 -35.64
CA TYR A 176 22.28 22.03 -35.77
C TYR A 176 21.60 22.01 -34.42
N ARG A 177 21.88 23.07 -33.66
CA ARG A 177 21.25 23.32 -32.36
C ARG A 177 20.90 24.80 -32.30
N ASP A 178 19.90 25.14 -31.51
CA ASP A 178 19.49 26.52 -31.31
C ASP A 178 20.63 27.32 -30.66
N ALA A 179 21.31 28.14 -31.47
CA ALA A 179 22.48 28.88 -31.03
C ALA A 179 22.21 29.78 -29.82
N ASN A 180 21.05 30.42 -29.79
CA ASN A 180 20.69 31.28 -28.67
C ASN A 180 20.51 30.47 -27.39
N HIS A 181 19.92 29.29 -27.53
CA HIS A 181 19.67 28.46 -26.37
C HIS A 181 20.97 27.88 -25.83
N ILE A 182 21.87 27.46 -26.72
CA ILE A 182 23.16 26.94 -26.29
C ILE A 182 23.91 28.03 -25.51
N GLU A 183 23.74 29.28 -25.91
CA GLU A 183 24.36 30.39 -25.16
C GLU A 183 23.71 30.53 -23.79
N ASP A 184 22.39 30.38 -23.72
CA ASP A 184 21.67 30.41 -22.45
C ASP A 184 22.07 29.26 -21.53
N ARG A 185 22.46 28.14 -22.16
CA ARG A 185 22.91 26.93 -21.47
C ARG A 185 21.81 26.18 -20.69
N ILE A 186 21.05 26.89 -19.84
CA ILE A 186 20.07 26.22 -18.97
C ILE A 186 18.78 25.83 -19.69
N VAL A 187 18.54 24.53 -19.79
CA VAL A 187 17.37 24.02 -20.52
C VAL A 187 16.08 24.43 -19.84
N ASP A 188 15.05 24.65 -20.65
CA ASP A 188 13.72 24.99 -20.16
C ASP A 188 12.83 23.76 -20.34
N LEU A 189 12.59 23.05 -19.24
CA LEU A 189 11.79 21.82 -19.30
C LEU A 189 10.32 22.10 -19.55
N ASP A 190 9.93 23.38 -19.52
CA ASP A 190 8.55 23.80 -19.77
C ASP A 190 8.47 24.50 -21.14
N TYR A 191 9.50 24.34 -21.95
CA TYR A 191 9.59 25.10 -23.21
C TYR A 191 8.46 24.75 -24.15
N ASP A 192 7.77 25.77 -24.67
CA ASP A 192 6.65 25.54 -25.58
C ASP A 192 6.84 26.29 -26.92
N GLY A 193 8.07 26.68 -27.21
CA GLY A 193 8.40 27.31 -28.48
C GLY A 193 8.62 28.81 -28.38
N LYS A 194 8.42 29.36 -27.18
CA LYS A 194 8.65 30.79 -26.96
C LYS A 194 9.54 30.98 -25.74
N ASP A 195 10.61 31.74 -25.91
CA ASP A 195 11.52 32.06 -24.82
C ASP A 195 10.81 32.75 -23.66
N LYS A 196 11.04 32.25 -22.45
CA LYS A 196 10.41 32.83 -21.27
C LYS A 196 11.10 34.13 -20.86
N ASP A 197 12.40 34.24 -21.15
CA ASP A 197 13.19 35.41 -20.78
C ASP A 197 13.07 35.69 -19.28
N ILE A 198 13.26 34.65 -18.47
CA ILE A 198 13.19 34.76 -17.02
C ILE A 198 14.58 34.57 -16.41
N PRO A 199 14.75 34.98 -15.14
CA PRO A 199 16.04 34.76 -14.49
C PRO A 199 16.41 33.28 -14.43
N ASP A 200 17.70 32.98 -14.47
CA ASP A 200 18.20 31.62 -14.38
C ASP A 200 17.64 30.87 -13.17
N GLN A 201 17.61 31.53 -12.02
CA GLN A 201 17.16 30.90 -10.79
C GLN A 201 15.68 30.52 -10.88
N GLN A 202 14.90 31.34 -11.57
CA GLN A 202 13.48 31.05 -11.76
C GLN A 202 13.30 29.88 -12.72
N GLN A 203 14.17 29.77 -13.72
CA GLN A 203 14.12 28.63 -14.63
C GLN A 203 14.41 27.34 -13.88
N VAL A 204 15.34 27.40 -12.92
CA VAL A 204 15.62 26.23 -12.09
C VAL A 204 14.34 25.78 -11.38
N ALA A 205 13.67 26.72 -10.75
CA ALA A 205 12.43 26.43 -10.01
C ALA A 205 11.36 25.86 -10.94
N CYS A 206 11.25 26.45 -12.14
CA CYS A 206 10.33 25.98 -13.14
C CYS A 206 10.63 24.53 -13.54
N ASN A 207 11.92 24.21 -13.70
CA ASN A 207 12.34 22.85 -14.05
C ASN A 207 12.05 21.84 -12.94
N LEU A 208 12.29 22.21 -11.68
CA LEU A 208 11.98 21.33 -10.56
C LEU A 208 10.48 21.07 -10.48
N SER A 209 9.70 22.11 -10.73
CA SER A 209 8.24 22.02 -10.78
C SER A 209 7.78 21.07 -11.91
N THR A 210 8.42 21.18 -13.05
CA THR A 210 8.06 20.37 -14.22
C THR A 210 8.31 18.88 -13.96
N VAL A 211 9.44 18.55 -13.32
CA VAL A 211 9.78 17.16 -13.03
C VAL A 211 8.75 16.60 -12.07
N TYR A 212 8.39 17.39 -11.06
CA TYR A 212 7.34 17.02 -10.12
C TYR A 212 6.01 16.76 -10.83
N ARG A 213 5.63 17.65 -11.75
CA ARG A 213 4.39 17.50 -12.49
C ARG A 213 4.38 16.18 -13.29
N ASP A 214 5.48 15.89 -13.97
CA ASP A 214 5.57 14.70 -14.83
C ASP A 214 5.64 13.38 -14.03
N LEU A 215 6.34 13.39 -12.91
CA LEU A 215 6.54 12.17 -12.12
C LEU A 215 5.49 11.91 -11.06
N VAL A 216 4.81 12.96 -10.60
CA VAL A 216 3.90 12.82 -9.47
C VAL A 216 2.50 13.34 -9.77
N ARG A 217 2.37 14.63 -10.07
CA ARG A 217 1.06 15.24 -10.29
C ARG A 217 0.30 14.60 -11.44
N ASN A 218 0.97 14.44 -12.58
CA ASN A 218 0.31 13.92 -13.78
C ASN A 218 0.57 12.44 -14.07
N GLY A 219 1.70 11.92 -13.59
CA GLY A 219 2.01 10.51 -13.78
C GLY A 219 1.52 9.69 -12.59
N VAL A 220 0.19 9.54 -12.52
CA VAL A 220 -0.45 8.99 -11.32
C VAL A 220 -0.74 7.51 -11.47
N ASP A 221 -0.70 7.00 -12.69
CA ASP A 221 -0.95 5.59 -12.94
C ASP A 221 -0.27 5.17 -14.24
N PRO A 222 -0.28 3.87 -14.55
CA PRO A 222 0.47 3.43 -15.73
C PRO A 222 0.04 4.12 -17.03
N THR A 223 -1.24 4.36 -17.22
CA THR A 223 -1.73 4.97 -18.44
C THR A 223 -1.26 6.44 -18.54
N SER A 224 -1.35 7.19 -17.45
CA SER A 224 -0.94 8.58 -17.51
C SER A 224 0.61 8.75 -17.56
N PHE A 225 1.36 7.80 -17.02
CA PHE A 225 2.82 7.90 -17.01
C PHE A 225 3.42 7.37 -18.31
N PHE A 226 3.10 6.12 -18.66
CA PHE A 226 3.67 5.46 -19.84
C PHE A 226 3.05 5.90 -21.15
N GLY A 227 1.79 6.32 -21.08
CA GLY A 227 1.03 6.66 -22.27
C GLY A 227 -0.07 5.66 -22.58
N GLY A 228 -0.90 6.01 -23.54
CA GLY A 228 -2.10 5.25 -23.87
C GLY A 228 -1.82 3.89 -24.48
N LYS A 229 -2.79 3.00 -24.31
CA LYS A 229 -2.74 1.67 -24.87
C LYS A 229 -2.72 1.76 -26.38
N TYR A 230 -1.83 0.98 -26.99
CA TYR A 230 -1.58 1.01 -28.43
C TYR A 230 -1.25 -0.41 -28.87
N VAL A 231 -2.12 -0.98 -29.70
CA VAL A 231 -2.03 -2.38 -30.09
C VAL A 231 -2.17 -2.55 -31.60
N ALA A 232 -1.90 -3.76 -32.09
CA ALA A 232 -2.06 -4.07 -33.51
C ALA A 232 -3.44 -3.68 -34.00
N GLY A 233 -3.50 -2.97 -35.12
CA GLY A 233 -4.75 -2.46 -35.66
C GLY A 233 -4.97 -0.98 -35.38
N ASP A 234 -4.24 -0.43 -34.41
CA ASP A 234 -4.33 1.00 -34.08
C ASP A 234 -3.49 1.87 -35.01
N SER A 235 -4.05 3.02 -35.38
CA SER A 235 -3.34 4.03 -36.15
C SER A 235 -2.39 4.81 -35.25
N PRO A 236 -1.43 5.55 -35.84
CA PRO A 236 -0.47 6.32 -35.05
C PRO A 236 -1.13 7.45 -34.27
N VAL A 237 -0.77 7.58 -33.00
CA VAL A 237 -1.25 8.68 -32.19
C VAL A 237 -0.49 9.94 -32.53
N ALA A 238 -1.22 11.03 -32.74
CA ALA A 238 -0.62 12.31 -33.12
C ALA A 238 0.21 12.91 -31.99
N ASN A 239 1.28 13.61 -32.35
CA ASN A 239 2.02 14.38 -31.38
C ASN A 239 1.08 15.36 -30.68
N GLY A 240 1.25 15.51 -29.37
CA GLY A 240 0.43 16.42 -28.60
C GLY A 240 -0.93 15.87 -28.20
N ASP A 241 -1.22 14.62 -28.57
CA ASP A 241 -2.49 13.98 -28.19
C ASP A 241 -2.56 13.85 -26.67
N PRO A 242 -3.76 14.08 -26.10
CA PRO A 242 -3.91 13.97 -24.64
C PRO A 242 -3.50 12.61 -24.05
N SER A 243 -3.51 11.55 -24.85
CA SER A 243 -3.21 10.20 -24.32
C SER A 243 -1.71 9.94 -24.16
N VAL A 244 -0.89 10.84 -24.67
CA VAL A 244 0.56 10.72 -24.54
C VAL A 244 0.94 10.83 -23.07
N GLY A 245 1.92 10.04 -22.63
CA GLY A 245 2.29 10.00 -21.22
C GLY A 245 2.91 11.29 -20.72
N SER A 246 3.02 11.42 -19.40
CA SER A 246 3.36 12.70 -18.78
C SER A 246 4.79 13.11 -19.13
N VAL A 247 5.76 12.22 -19.00
CA VAL A 247 7.14 12.55 -19.32
C VAL A 247 7.33 12.81 -20.82
N GLU A 248 6.81 11.91 -21.67
CA GLU A 248 6.95 12.07 -23.11
C GLU A 248 6.40 13.43 -23.57
N ALA A 249 5.22 13.80 -23.10
CA ALA A 249 4.56 15.02 -23.55
C ALA A 249 5.12 16.27 -22.87
N GLY A 250 5.81 16.06 -21.76
CA GLY A 250 6.26 17.14 -20.92
C GLY A 250 7.73 17.45 -21.13
N SER A 251 8.51 17.19 -20.08
CA SER A 251 9.93 17.49 -20.08
C SER A 251 10.66 16.92 -21.30
N HS8 A 252 10.29 15.71 -21.74
CA HS8 A 252 10.92 15.12 -22.90
CB HS8 A 252 10.30 13.74 -23.20
CG HS8 A 252 10.87 13.19 -24.44
ND1 HS8 A 252 12.24 12.83 -24.53
CE1 HS8 A 252 12.49 12.37 -25.77
NE2 HS8 A 252 11.33 12.42 -26.50
CD2 HS8 A 252 10.29 12.94 -25.69
C HS8 A 252 10.82 15.97 -24.17
O HS8 A 252 11.79 16.32 -24.87
O3 HS8 A 252 10.98 13.08 -28.89
S HS8 A 252 11.23 11.93 -28.17
O1 HS8 A 252 9.83 11.13 -28.14
O2 HS8 A 252 12.25 11.05 -28.37
N THR A 253 9.57 16.28 -24.51
CA THR A 253 9.26 17.11 -25.66
C THR A 253 9.92 18.48 -25.55
N ALA A 254 9.85 19.07 -24.36
CA ALA A 254 10.44 20.38 -24.14
C ALA A 254 11.94 20.41 -24.49
N VAL A 255 12.70 19.41 -24.03
CA VAL A 255 14.14 19.42 -24.28
C VAL A 255 14.42 19.33 -25.80
N HIS A 256 13.69 18.46 -26.49
CA HIS A 256 13.85 18.34 -27.94
C HIS A 256 13.56 19.64 -28.66
N ARG A 257 12.48 20.31 -28.29
CA ARG A 257 12.12 21.56 -28.94
C ARG A 257 13.15 22.65 -28.62
N TRP A 258 13.64 22.66 -27.39
CA TRP A 258 14.59 23.66 -26.93
C TRP A 258 15.98 23.53 -27.58
N VAL A 259 16.44 22.29 -27.80
CA VAL A 259 17.77 22.08 -28.38
C VAL A 259 17.74 22.25 -29.89
N GLY A 260 16.62 21.87 -30.52
CA GLY A 260 16.51 21.90 -31.97
C GLY A 260 16.67 23.31 -32.55
N ASP A 261 17.31 23.40 -33.71
CA ASP A 261 17.65 24.70 -34.31
C ASP A 261 16.49 25.28 -35.13
N PRO A 262 15.85 26.35 -34.64
CA PRO A 262 14.65 26.85 -35.32
C PRO A 262 14.91 27.45 -36.71
N THR A 263 16.17 27.70 -37.06
CA THR A 263 16.49 28.22 -38.39
C THR A 263 16.51 27.09 -39.44
N GLN A 264 16.33 25.85 -38.99
CA GLN A 264 16.27 24.71 -39.92
C GLN A 264 14.80 24.36 -40.22
N PRO A 265 14.56 23.79 -41.41
CA PRO A 265 13.19 23.58 -41.90
C PRO A 265 12.30 22.74 -40.99
N ASN A 266 12.87 21.73 -40.35
CA ASN A 266 12.14 20.89 -39.42
C ASN A 266 12.73 20.99 -38.02
N ASN A 267 13.41 22.11 -37.75
CA ASN A 267 14.09 22.33 -36.48
C ASN A 267 15.12 21.24 -36.17
N GLU A 268 15.72 20.69 -37.21
CA GLU A 268 16.80 19.71 -37.06
C GLU A 268 17.91 20.29 -36.18
N ASP A 269 18.63 19.44 -35.43
CA ASP A 269 18.43 17.99 -35.40
C ASP A 269 17.40 17.51 -34.37
N MET A 270 17.53 17.99 -33.13
CA MET A 270 16.66 17.51 -32.02
C MET A 270 15.18 17.87 -32.17
N GLY A 271 14.86 18.87 -32.98
CA GLY A 271 13.50 19.37 -33.10
C GLY A 271 12.52 18.48 -33.87
N ASN A 272 13.02 17.40 -34.45
CA ASN A 272 12.17 16.38 -35.08
C ASN A 272 12.73 14.99 -34.84
N PHE A 273 11.85 14.00 -34.62
CA PHE A 273 12.27 12.60 -34.45
C PHE A 273 13.26 12.14 -35.51
N TYR A 274 13.00 12.48 -36.77
CA TYR A 274 13.69 11.83 -37.88
C TYR A 274 15.18 12.20 -37.89
N SER A 275 15.49 13.35 -37.29
CA SER A 275 16.84 13.90 -37.31
C SER A 275 17.51 13.95 -35.95
N ALA A 276 16.75 13.66 -34.89
CA ALA A 276 17.23 13.84 -33.53
C ALA A 276 18.50 13.07 -33.22
N GLY A 277 18.60 11.86 -33.77
CA GLY A 277 19.72 10.97 -33.47
C GLY A 277 21.06 11.42 -34.06
N TYR A 278 21.05 12.43 -34.91
CA TYR A 278 22.30 12.96 -35.45
C TYR A 278 22.97 13.90 -34.45
N ASP A 279 22.26 14.24 -33.37
CA ASP A 279 22.86 15.02 -32.28
C ASP A 279 23.25 14.07 -31.15
N PRO A 280 24.54 13.96 -30.84
CA PRO A 280 24.94 13.04 -29.77
C PRO A 280 24.19 13.27 -28.46
N VAL A 281 23.76 14.50 -28.20
CA VAL A 281 23.12 14.79 -26.93
C VAL A 281 21.74 14.12 -26.87
N PHE A 282 21.20 13.74 -28.01
CA PHE A 282 19.92 13.02 -28.07
C PHE A 282 19.90 11.81 -27.15
N TYR A 283 20.95 11.00 -27.25
CA TYR A 283 21.02 9.74 -26.50
C TYR A 283 21.21 10.00 -25.02
N ILE A 284 21.82 11.15 -24.69
CA ILE A 284 22.22 11.46 -23.33
C ILE A 284 21.05 12.09 -22.58
N HIS A 285 20.30 12.93 -23.30
CA HIS A 285 18.98 13.34 -22.84
C HIS A 285 18.10 12.10 -22.59
N HIS A 286 18.04 11.21 -23.56
CA HIS A 286 17.18 10.04 -23.41
C HIS A 286 17.65 9.10 -22.30
N ALA A 287 18.93 9.11 -21.97
CA ALA A 287 19.40 8.30 -20.84
C ALA A 287 18.75 8.82 -19.55
N ASN A 288 18.51 10.11 -19.44
CA ASN A 288 17.81 10.61 -18.26
C ASN A 288 16.31 10.34 -18.31
N VAL A 289 15.74 10.34 -19.51
CA VAL A 289 14.34 9.92 -19.65
C VAL A 289 14.21 8.46 -19.19
N ASP A 290 15.16 7.62 -19.60
CA ASP A 290 15.21 6.25 -19.13
C ASP A 290 15.28 6.19 -17.61
N ARG A 291 16.06 7.10 -17.02
CA ARG A 291 16.17 7.18 -15.57
C ARG A 291 14.85 7.63 -14.91
N MET A 292 14.06 8.45 -15.60
CA MET A 292 12.77 8.89 -15.05
C MET A 292 11.85 7.71 -14.77
N TRP A 293 11.89 6.71 -15.62
CA TRP A 293 11.12 5.48 -15.39
C TRP A 293 11.59 4.79 -14.11
N LYS A 294 12.90 4.72 -13.92
CA LYS A 294 13.43 4.17 -12.66
C LYS A 294 12.94 4.97 -11.46
N LEU A 295 13.05 6.30 -11.52
CA LEU A 295 12.65 7.15 -10.39
C LEU A 295 11.15 7.04 -10.11
N TRP A 296 10.37 6.97 -11.17
CA TRP A 296 8.92 6.85 -11.05
C TRP A 296 8.53 5.58 -10.28
N LYS A 297 9.21 4.48 -10.58
CA LYS A 297 8.96 3.22 -9.89
C LYS A 297 9.45 3.26 -8.44
N GLU A 298 10.61 3.87 -8.22
CA GLU A 298 11.16 3.96 -6.87
C GLU A 298 10.32 4.86 -5.95
N LEU A 299 9.52 5.75 -6.53
CA LEU A 299 8.50 6.45 -5.76
C LEU A 299 7.41 5.46 -5.40
N ARG A 300 7.34 5.04 -4.15
CA ARG A 300 6.43 3.98 -3.81
C ARG A 300 5.05 4.57 -3.54
N LEU A 301 4.40 4.95 -4.63
CA LEU A 301 3.11 5.61 -4.56
C LEU A 301 2.07 4.73 -5.23
N PRO A 302 0.82 4.85 -4.78
CA PRO A 302 -0.26 4.12 -5.46
C PRO A 302 -0.24 4.41 -6.96
N GLY A 303 -0.32 3.36 -7.76
CA GLY A 303 -0.37 3.52 -9.19
C GLY A 303 0.99 3.54 -9.85
N HIS A 304 2.07 3.62 -9.06
CA HIS A 304 3.41 3.63 -9.63
C HIS A 304 3.91 2.20 -9.82
N VAL A 305 3.30 1.52 -10.77
CA VAL A 305 3.50 0.10 -10.98
C VAL A 305 3.74 -0.17 -12.46
N ASP A 306 4.35 -1.31 -12.77
CA ASP A 306 4.63 -1.63 -14.16
C ASP A 306 3.40 -2.25 -14.83
N ILE A 307 3.41 -2.19 -16.16
CA ILE A 307 2.33 -2.68 -16.99
C ILE A 307 2.29 -4.21 -17.02
N THR A 308 1.10 -4.78 -16.90
CA THR A 308 0.93 -6.23 -16.93
C THR A 308 0.07 -6.71 -18.11
N ASP A 309 -0.40 -5.77 -18.92
CA ASP A 309 -1.17 -6.10 -20.13
C ASP A 309 -0.28 -6.90 -21.11
N PRO A 310 -0.72 -8.11 -21.49
CA PRO A 310 0.10 -8.91 -22.42
C PRO A 310 0.40 -8.20 -23.75
N ASP A 311 -0.51 -7.37 -24.24
CA ASP A 311 -0.27 -6.68 -25.50
C ASP A 311 0.80 -5.60 -25.38
N TRP A 312 1.18 -5.26 -24.14
CA TRP A 312 2.37 -4.44 -23.90
C TRP A 312 3.57 -5.37 -23.66
N LEU A 313 3.40 -6.36 -22.79
CA LEU A 313 4.49 -7.25 -22.43
C LEU A 313 5.11 -7.89 -23.66
N ASN A 314 4.27 -8.23 -24.62
CA ASN A 314 4.70 -9.01 -25.79
C ASN A 314 5.00 -8.17 -27.01
N ALA A 315 4.93 -6.86 -26.90
CA ALA A 315 5.34 -6.00 -28.00
C ALA A 315 6.85 -6.14 -28.20
N SER A 316 7.31 -6.11 -29.45
CA SER A 316 8.73 -6.35 -29.70
C SER A 316 9.29 -5.51 -30.84
N TYR A 317 10.58 -5.24 -30.73
CA TYR A 317 11.33 -4.48 -31.73
C TYR A 317 12.54 -5.29 -32.14
N VAL A 318 13.19 -4.89 -33.23
CA VAL A 318 14.40 -5.53 -33.71
C VAL A 318 15.54 -4.51 -33.77
N PHE A 319 16.72 -4.92 -33.29
CA PHE A 319 17.92 -4.10 -33.35
C PHE A 319 19.13 -4.94 -33.78
N TYR A 320 20.07 -4.29 -34.44
CA TYR A 320 21.42 -4.83 -34.60
C TYR A 320 22.19 -4.65 -33.28
N ASP A 321 22.97 -5.67 -32.89
CA ASP A 321 23.85 -5.53 -31.73
C ASP A 321 25.31 -5.34 -32.14
N GLU A 322 26.22 -5.41 -31.17
CA GLU A 322 27.64 -5.10 -31.39
C GLU A 322 28.35 -6.11 -32.28
N ASN A 323 27.76 -7.29 -32.44
CA ASN A 323 28.28 -8.32 -33.33
C ASN A 323 27.62 -8.28 -34.71
N LYS A 324 26.80 -7.27 -34.94
CA LYS A 324 26.00 -7.17 -36.16
C LYS A 324 25.01 -8.32 -36.29
N ASP A 325 24.63 -8.93 -35.18
CA ASP A 325 23.51 -9.86 -35.17
C ASP A 325 22.20 -9.09 -35.08
N LEU A 326 21.14 -9.65 -35.64
CA LEU A 326 19.80 -9.10 -35.50
C LEU A 326 19.10 -9.73 -34.31
N VAL A 327 18.61 -8.89 -33.41
CA VAL A 327 18.00 -9.35 -32.16
C VAL A 327 16.58 -8.81 -31.97
N ARG A 328 15.65 -9.69 -31.65
CA ARG A 328 14.30 -9.27 -31.27
C ARG A 328 14.22 -9.15 -29.77
N VAL A 329 13.71 -8.01 -29.29
CA VAL A 329 13.56 -7.76 -27.86
C VAL A 329 12.09 -7.47 -27.52
N TYR A 330 11.67 -7.86 -26.32
CA TYR A 330 10.30 -7.65 -25.87
C TYR A 330 10.23 -6.66 -24.70
N ASN A 331 9.15 -5.88 -24.64
CA ASN A 331 8.93 -4.93 -23.54
C ASN A 331 9.09 -5.59 -22.17
N LYS A 332 8.56 -6.80 -22.04
CA LYS A 332 8.56 -7.48 -20.74
C LYS A 332 9.98 -7.64 -20.19
N ASP A 333 10.96 -7.69 -21.07
CA ASP A 333 12.31 -8.08 -20.67
C ASP A 333 13.23 -6.91 -20.30
N CYS A 334 12.74 -5.67 -20.39
CA CYS A 334 13.56 -4.53 -20.02
C CYS A 334 13.10 -3.84 -18.73
N VAL A 335 12.11 -4.40 -18.03
CA VAL A 335 11.56 -3.71 -16.86
C VAL A 335 12.51 -3.76 -15.66
N ASN A 336 13.44 -4.72 -15.66
CA ASN A 336 14.39 -4.89 -14.54
C ASN A 336 15.82 -4.52 -14.96
N LEU A 337 16.33 -3.42 -14.42
CA LEU A 337 17.63 -2.90 -14.82
C LEU A 337 18.78 -3.82 -14.40
N ASP A 338 18.64 -4.49 -13.26
CA ASP A 338 19.69 -5.42 -12.81
C ASP A 338 19.94 -6.49 -13.86
N LYS A 339 18.88 -6.92 -14.53
CA LYS A 339 19.01 -7.99 -15.52
C LYS A 339 19.62 -7.47 -16.81
N LEU A 340 19.50 -6.17 -17.06
CA LEU A 340 20.15 -5.58 -18.23
C LEU A 340 21.58 -5.11 -17.92
N LYS A 341 22.00 -5.30 -16.67
CA LYS A 341 23.38 -5.05 -16.24
C LYS A 341 23.82 -3.59 -16.40
N TYR A 342 22.90 -2.66 -16.16
CA TYR A 342 23.27 -1.27 -16.01
C TYR A 342 22.41 -0.56 -14.97
N ASN A 343 22.91 0.57 -14.49
CA ASN A 343 22.13 1.45 -13.63
C ASN A 343 22.65 2.89 -13.79
N PHE A 344 22.26 3.75 -12.86
CA PHE A 344 22.67 5.15 -12.88
C PHE A 344 23.38 5.51 -11.58
N ILE A 345 24.50 6.22 -11.70
CA ILE A 345 25.14 6.84 -10.54
C ILE A 345 24.26 7.99 -10.08
N GLU A 346 23.72 7.91 -8.87
CA GLU A 346 22.89 8.99 -8.36
C GLU A 346 23.76 10.02 -7.66
N ASN A 347 23.35 11.29 -7.74
CA ASN A 347 24.18 12.42 -7.29
C ASN A 347 25.63 12.30 -7.75
N ASP B 1 4.13 24.59 -9.41
CA ASP B 1 3.64 23.35 -8.82
C ASP B 1 4.66 22.82 -7.83
N GLY B 2 4.30 21.76 -7.11
CA GLY B 2 5.16 21.28 -6.04
C GLY B 2 5.10 22.31 -4.93
N VAL B 3 6.25 22.75 -4.44
CA VAL B 3 6.28 23.80 -3.41
C VAL B 3 6.39 25.21 -3.99
N PHE B 4 6.44 25.32 -5.32
CA PHE B 4 6.63 26.61 -5.97
C PHE B 4 5.34 27.17 -6.57
N THR B 5 5.15 28.48 -6.42
CA THR B 5 3.98 29.16 -6.98
C THR B 5 4.28 29.67 -8.39
N THR B 6 3.57 29.10 -9.37
CA THR B 6 3.68 29.48 -10.78
C THR B 6 5.11 29.84 -11.23
N PRO B 7 6.08 28.94 -11.00
CA PRO B 7 7.48 29.26 -11.32
C PRO B 7 7.76 29.35 -12.82
N CYS B 8 6.90 28.77 -13.65
CA CYS B 8 7.12 28.79 -15.10
C CYS B 8 6.42 29.97 -15.77
N ASP B 9 5.80 30.81 -14.97
CA ASP B 9 5.08 31.97 -15.47
C ASP B 9 6.05 33.10 -15.88
N PRO B 10 6.14 33.41 -17.19
CA PRO B 10 7.07 34.46 -17.63
C PRO B 10 6.64 35.85 -17.17
N GLU B 11 5.37 36.00 -16.79
CA GLU B 11 4.82 37.30 -16.42
C GLU B 11 4.64 37.45 -14.91
N TYR B 12 5.40 36.69 -14.13
CA TYR B 12 5.28 36.74 -12.68
C TYR B 12 5.62 38.12 -12.13
N ALA C 1 5.04 -26.49 14.71
CA ALA C 1 6.09 -27.21 13.99
C ALA C 1 5.62 -27.51 12.57
N PRO C 2 6.55 -27.44 11.60
CA PRO C 2 6.20 -27.63 10.19
C PRO C 2 6.00 -29.09 9.78
N ILE C 3 5.06 -29.31 8.88
CA ILE C 3 4.90 -30.60 8.22
C ILE C 3 6.18 -30.94 7.47
N THR C 4 6.69 -32.15 7.70
CA THR C 4 7.99 -32.56 7.19
C THR C 4 7.91 -33.98 6.63
N ALA C 5 8.10 -34.12 5.33
CA ALA C 5 8.10 -35.45 4.73
C ALA C 5 9.27 -36.23 5.32
N PRO C 6 9.06 -37.53 5.59
CA PRO C 6 10.16 -38.38 6.07
C PRO C 6 10.98 -38.87 4.89
N ASP C 7 11.91 -39.81 5.12
CA ASP C 7 12.51 -40.49 3.99
C ASP C 7 11.42 -41.36 3.38
N ILE C 8 10.79 -40.81 2.36
CA ILE C 8 9.66 -41.45 1.70
C ILE C 8 10.01 -42.80 1.06
N THR C 9 11.29 -43.07 0.88
CA THR C 9 11.72 -44.33 0.26
C THR C 9 12.04 -45.38 1.31
N SER C 10 11.92 -45.01 2.59
CA SER C 10 12.16 -45.95 3.69
C SER C 10 10.94 -46.06 4.59
N ILE C 11 10.13 -45.00 4.64
CA ILE C 11 8.96 -44.98 5.51
C ILE C 11 7.72 -44.59 4.70
N CYS C 12 7.01 -45.61 4.22
CA CYS C 12 5.84 -45.41 3.39
C CYS C 12 4.88 -46.57 3.55
N LYS C 13 3.59 -46.32 3.32
CA LYS C 13 2.60 -47.39 3.32
C LYS C 13 1.60 -47.22 2.19
N ASP C 14 0.96 -48.31 1.80
CA ASP C 14 -0.07 -48.25 0.77
C ASP C 14 -1.11 -47.19 1.11
N ALA C 15 -1.57 -46.47 0.08
CA ALA C 15 -2.58 -45.44 0.23
C ALA C 15 -3.90 -46.07 0.67
N SER C 16 -4.53 -45.50 1.68
CA SER C 16 -5.79 -46.06 2.19
C SER C 16 -6.78 -45.01 2.68
N SER C 17 -6.58 -43.76 2.29
N SER C 17 -6.56 -43.76 2.27
CA SER C 17 -7.49 -42.69 2.67
CA SER C 17 -7.44 -42.65 2.66
C SER C 17 -7.96 -41.92 1.43
C SER C 17 -7.96 -41.94 1.40
N GLY C 18 -9.22 -41.48 1.48
CA GLY C 18 -9.78 -40.65 0.43
C GLY C 18 -10.21 -41.42 -0.81
N ILE C 19 -10.25 -42.74 -0.70
CA ILE C 19 -10.68 -43.59 -1.80
C ILE C 19 -11.93 -44.37 -1.37
N GLY C 20 -13.07 -44.04 -1.98
CA GLY C 20 -14.34 -44.62 -1.60
C GLY C 20 -14.43 -46.11 -1.89
N ASN C 21 -14.01 -46.49 -3.09
CA ASN C 21 -14.02 -47.88 -3.52
C ASN C 21 -12.59 -48.38 -3.70
N GLN C 22 -12.02 -48.94 -2.64
CA GLN C 22 -10.64 -49.43 -2.69
C GLN C 22 -10.51 -50.77 -3.40
N GLU C 23 -11.36 -51.72 -3.05
CA GLU C 23 -11.24 -53.07 -3.60
C GLU C 23 -11.52 -53.08 -5.10
N GLY C 24 -12.38 -52.17 -5.55
CA GLY C 24 -12.71 -52.04 -6.96
C GLY C 24 -11.89 -50.98 -7.68
N ALA C 25 -10.99 -50.31 -6.97
CA ALA C 25 -10.13 -49.28 -7.56
C ALA C 25 -9.45 -49.78 -8.83
N ILE C 26 -9.39 -48.94 -9.87
CA ILE C 26 -8.81 -49.41 -11.13
C ILE C 26 -7.32 -49.13 -11.24
N ARG C 27 -6.80 -48.26 -10.38
CA ARG C 27 -5.35 -48.07 -10.24
C ARG C 27 -4.86 -48.65 -8.91
N THR C 28 -3.56 -48.93 -8.84
CA THR C 28 -3.00 -49.51 -7.63
C THR C 28 -3.05 -48.52 -6.47
N ARG C 29 -3.04 -49.03 -5.25
CA ARG C 29 -2.87 -48.20 -4.07
C ARG C 29 -1.44 -48.34 -3.52
N LYS C 30 -0.63 -49.15 -4.18
CA LYS C 30 0.77 -49.30 -3.79
C LYS C 30 1.57 -48.17 -4.44
N CYS C 31 1.53 -46.99 -3.80
CA CYS C 31 2.03 -45.77 -4.40
C CYS C 31 3.38 -45.34 -3.85
N CYS C 32 4.03 -46.21 -3.10
CA CYS C 32 5.30 -45.84 -2.49
C CYS C 32 6.38 -45.68 -3.55
N PRO C 33 7.31 -44.74 -3.35
CA PRO C 33 8.38 -44.54 -4.32
C PRO C 33 9.43 -45.65 -4.22
N PRO C 34 10.22 -45.85 -5.28
CA PRO C 34 11.24 -46.89 -5.27
C PRO C 34 12.27 -46.67 -4.16
N SER C 35 12.61 -47.74 -3.45
CA SER C 35 13.60 -47.70 -2.38
C SER C 35 14.96 -48.04 -2.95
N LEU C 36 15.84 -47.04 -3.07
CA LEU C 36 17.15 -47.26 -3.69
C LEU C 36 18.30 -46.99 -2.72
N GLY C 37 17.99 -46.77 -1.45
CA GLY C 37 19.00 -46.50 -0.44
C GLY C 37 19.72 -45.19 -0.64
N LYS C 38 19.04 -44.21 -1.25
CA LYS C 38 19.65 -42.94 -1.58
C LYS C 38 19.72 -42.04 -0.35
N LYS C 39 20.78 -41.25 -0.26
CA LYS C 39 20.85 -40.19 0.74
C LYS C 39 20.03 -39.00 0.24
N ILE C 40 19.22 -38.41 1.12
CA ILE C 40 18.44 -37.23 0.76
C ILE C 40 19.35 -36.01 0.78
N LYS C 41 19.34 -35.26 -0.32
CA LYS C 41 20.20 -34.10 -0.49
C LYS C 41 19.40 -32.82 -0.37
N ASP C 42 20.04 -31.75 0.08
CA ASP C 42 19.37 -30.46 0.14
C ASP C 42 19.27 -29.85 -1.25
N PHE C 43 18.12 -29.24 -1.49
CA PHE C 43 17.88 -28.52 -2.73
C PHE C 43 18.92 -27.42 -2.94
N GLN C 44 19.34 -27.26 -4.18
CA GLN C 44 20.13 -26.11 -4.63
C GLN C 44 19.42 -25.46 -5.80
N PHE C 45 19.44 -24.13 -5.88
CA PHE C 45 18.73 -23.44 -6.94
C PHE C 45 19.37 -23.76 -8.30
N PRO C 46 18.54 -23.96 -9.33
CA PRO C 46 19.08 -24.40 -10.62
C PRO C 46 19.89 -23.31 -11.30
N ASN C 47 20.90 -23.72 -12.06
CA ASN C 47 21.79 -22.79 -12.75
C ASN C 47 21.47 -22.69 -14.23
N ASP C 48 20.26 -23.09 -14.62
CA ASP C 48 19.79 -23.01 -16.01
C ASP C 48 20.16 -21.66 -16.63
N LYS C 49 20.66 -21.71 -17.86
CA LYS C 49 21.08 -20.51 -18.58
C LYS C 49 19.87 -19.71 -19.08
N LYS C 50 18.81 -20.42 -19.45
CA LYS C 50 17.59 -19.79 -19.95
C LYS C 50 16.38 -20.19 -19.12
N VAL C 51 15.35 -19.34 -19.12
CA VAL C 51 14.12 -19.62 -18.41
C VAL C 51 13.22 -20.52 -19.25
N ARG C 52 12.73 -21.60 -18.65
CA ARG C 52 11.74 -22.46 -19.29
C ARG C 52 10.43 -21.70 -19.40
N MET C 53 9.87 -21.63 -20.61
CA MET C 53 8.67 -20.85 -20.81
C MET C 53 7.48 -21.75 -21.10
N ARG C 54 6.64 -21.95 -20.10
CA ARG C 54 5.47 -22.79 -20.24
C ARG C 54 4.48 -22.13 -21.20
N TRP C 55 3.89 -22.94 -22.06
CA TRP C 55 3.15 -22.45 -23.22
C TRP C 55 1.68 -22.84 -23.13
N PRO C 56 0.78 -21.97 -23.62
CA PRO C 56 -0.64 -22.35 -23.58
C PRO C 56 -0.93 -23.58 -24.44
N ALA C 57 -1.65 -24.54 -23.89
CA ALA C 57 -1.85 -25.82 -24.56
C ALA C 57 -2.63 -25.71 -25.87
N HIS C 58 -3.38 -24.62 -26.04
CA HIS C 58 -4.17 -24.44 -27.26
C HIS C 58 -3.42 -23.67 -28.34
N LYS C 59 -2.24 -23.13 -28.01
CA LYS C 59 -1.45 -22.35 -28.96
C LYS C 59 0.00 -22.82 -29.01
N GLY C 60 0.23 -24.13 -28.96
CA GLY C 60 1.58 -24.67 -28.99
C GLY C 60 2.17 -24.66 -30.39
N THR C 61 3.46 -24.37 -30.49
CA THR C 61 4.17 -24.56 -31.76
C THR C 61 4.33 -26.03 -32.05
N LYS C 62 4.77 -26.35 -33.26
CA LYS C 62 5.03 -27.73 -33.64
C LYS C 62 6.10 -28.32 -32.74
N LYS C 63 7.17 -27.56 -32.49
CA LYS C 63 8.27 -28.05 -31.66
C LYS C 63 7.82 -28.26 -30.21
N GLN C 64 6.98 -27.37 -29.71
CA GLN C 64 6.53 -27.46 -28.34
C GLN C 64 5.69 -28.72 -28.14
N VAL C 65 4.76 -28.94 -29.05
CA VAL C 65 3.88 -30.11 -28.98
C VAL C 65 4.68 -31.40 -29.20
N ASP C 66 5.54 -31.42 -30.20
CA ASP C 66 6.31 -32.62 -30.51
C ASP C 66 7.28 -32.97 -29.37
N ASP C 67 7.86 -31.94 -28.75
CA ASP C 67 8.77 -32.19 -27.63
C ASP C 67 7.99 -32.78 -26.46
N TYR C 68 6.83 -32.18 -26.18
CA TYR C 68 6.03 -32.60 -25.04
C TYR C 68 5.55 -34.05 -25.26
N ARG C 69 5.05 -34.37 -26.46
CA ARG C 69 4.64 -35.74 -26.76
C ARG C 69 5.82 -36.71 -26.66
N ARG C 70 6.98 -36.32 -27.18
CA ARG C 70 8.16 -37.18 -27.14
C ARG C 70 8.55 -37.46 -25.68
N ALA C 71 8.47 -36.45 -24.84
CA ALA C 71 8.87 -36.58 -23.46
C ALA C 71 7.92 -37.51 -22.70
N ILE C 72 6.63 -37.32 -22.86
CA ILE C 72 5.64 -38.18 -22.20
C ILE C 72 5.79 -39.62 -22.70
N ALA C 73 5.97 -39.80 -24.00
CA ALA C 73 6.22 -41.12 -24.55
C ALA C 73 7.46 -41.77 -23.92
N ALA C 74 8.53 -40.99 -23.77
CA ALA C 74 9.75 -41.49 -23.17
C ALA C 74 9.50 -41.93 -21.73
N MET C 75 8.66 -41.17 -21.04
CA MET C 75 8.32 -41.45 -19.67
C MET C 75 7.49 -42.73 -19.55
N ARG C 76 6.57 -42.91 -20.51
CA ARG C 76 5.76 -44.12 -20.61
C ARG C 76 6.59 -45.35 -20.97
N ALA C 77 7.73 -45.13 -21.63
CA ALA C 77 8.59 -46.23 -22.06
C ALA C 77 9.44 -46.79 -20.91
N LEU C 78 9.55 -46.04 -19.81
CA LEU C 78 10.33 -46.50 -18.67
C LEU C 78 9.58 -47.56 -17.86
N PRO C 79 10.30 -48.56 -17.35
CA PRO C 79 9.65 -49.49 -16.41
C PRO C 79 9.11 -48.73 -15.20
N ASP C 80 7.99 -49.20 -14.64
CA ASP C 80 7.32 -48.48 -13.55
C ASP C 80 8.26 -48.20 -12.38
N ASP C 81 9.16 -49.14 -12.08
CA ASP C 81 9.98 -49.03 -10.88
C ASP C 81 11.09 -47.99 -11.01
N ASP C 82 11.28 -47.45 -12.21
CA ASP C 82 12.15 -46.30 -12.39
C ASP C 82 11.43 -45.07 -11.80
N PRO C 83 12.11 -44.31 -10.91
CA PRO C 83 11.41 -43.20 -10.24
C PRO C 83 10.99 -42.08 -11.18
N ARG C 84 11.49 -42.08 -12.41
CA ARG C 84 11.14 -41.07 -13.40
C ARG C 84 10.00 -41.53 -14.31
N SER C 85 9.55 -42.76 -14.13
CA SER C 85 8.58 -43.36 -15.04
C SER C 85 7.20 -42.70 -14.94
N PHE C 86 6.37 -42.94 -15.95
CA PHE C 86 5.02 -42.41 -15.98
C PHE C 86 4.25 -42.81 -14.73
N VAL C 87 4.34 -44.09 -14.37
CA VAL C 87 3.62 -44.60 -13.20
C VAL C 87 4.21 -44.05 -11.90
N SER C 88 5.53 -44.02 -11.78
CA SER C 88 6.15 -43.45 -10.58
C SER C 88 5.73 -42.01 -10.35
N GLN C 89 5.68 -41.22 -11.41
CA GLN C 89 5.32 -39.81 -11.28
C GLN C 89 3.87 -39.67 -10.84
N ALA C 90 3.00 -40.51 -11.40
CA ALA C 90 1.60 -40.54 -10.99
C ALA C 90 1.46 -40.92 -9.52
N LYS C 91 2.25 -41.90 -9.09
CA LYS C 91 2.17 -42.43 -7.72
C LYS C 91 2.52 -41.39 -6.66
N ILE C 92 3.38 -40.44 -7.01
CA ILE C 92 3.71 -39.33 -6.11
C ILE C 92 2.44 -38.68 -5.57
N HIS C 93 1.50 -38.41 -6.47
CA HIS C 93 0.27 -37.72 -6.07
C HIS C 93 -0.52 -38.57 -5.10
N CYS C 94 -0.58 -39.85 -5.40
CA CYS C 94 -1.24 -40.83 -4.54
C CYS C 94 -0.59 -40.90 -3.16
N ALA C 95 0.73 -40.97 -3.11
CA ALA C 95 1.43 -41.12 -1.84
C ALA C 95 1.17 -39.90 -0.93
N TYR C 96 1.23 -38.70 -1.50
CA TYR C 96 1.07 -37.48 -0.71
C TYR C 96 -0.38 -37.10 -0.41
N CYS C 97 -1.31 -37.59 -1.22
CA CYS C 97 -2.73 -37.16 -1.11
C CYS C 97 -3.64 -38.23 -0.49
N ASN C 98 -3.18 -39.46 -0.43
CA ASN C 98 -4.03 -40.56 0.02
C ASN C 98 -3.40 -41.40 1.13
N GLY C 99 -2.51 -40.77 1.89
CA GLY C 99 -2.07 -41.33 3.16
C GLY C 99 -0.87 -42.26 3.11
N GLY C 100 0.02 -42.05 2.15
CA GLY C 100 1.25 -42.84 2.09
C GLY C 100 2.24 -42.58 3.20
N TYR C 101 2.27 -41.34 3.71
CA TYR C 101 3.27 -40.92 4.69
C TYR C 101 2.63 -40.44 6.00
N THR C 102 3.42 -40.49 7.07
CA THR C 102 3.00 -39.98 8.38
C THR C 102 3.90 -38.84 8.84
N GLN C 103 3.51 -38.19 9.92
CA GLN C 103 4.28 -37.11 10.49
C GLN C 103 5.31 -37.61 11.51
N VAL C 104 5.82 -38.82 11.29
CA VAL C 104 6.78 -39.42 12.21
C VAL C 104 8.00 -38.50 12.45
N ASP C 105 8.46 -37.79 11.43
CA ASP C 105 9.66 -36.96 11.59
C ASP C 105 9.38 -35.75 12.48
N SER C 106 8.10 -35.46 12.72
CA SER C 106 7.70 -34.37 13.60
C SER C 106 7.27 -34.86 14.98
N GLY C 107 7.31 -36.17 15.19
CA GLY C 107 6.95 -36.76 16.46
C GLY C 107 5.51 -37.24 16.53
N PHE C 108 4.86 -37.35 15.38
CA PHE C 108 3.48 -37.84 15.30
C PHE C 108 3.36 -38.97 14.30
N PRO C 109 3.95 -40.13 14.62
CA PRO C 109 3.86 -41.29 13.71
C PRO C 109 2.45 -41.82 13.59
N ASP C 110 1.55 -41.34 14.46
CA ASP C 110 0.16 -41.78 14.49
C ASP C 110 -0.73 -40.91 13.60
N ILE C 111 -0.15 -39.97 12.87
CA ILE C 111 -0.94 -39.07 12.03
C ILE C 111 -0.39 -39.00 10.61
N ASP C 112 -1.27 -39.13 9.63
CA ASP C 112 -0.88 -39.04 8.24
C ASP C 112 -0.50 -37.61 7.84
N ILE C 113 0.36 -37.51 6.83
CA ILE C 113 0.53 -36.26 6.10
C ILE C 113 -0.49 -36.16 4.99
N GLN C 114 -1.12 -35.00 4.88
CA GLN C 114 -2.01 -34.67 3.78
C GLN C 114 -1.56 -33.31 3.28
N ILE C 115 -1.30 -33.18 1.98
CA ILE C 115 -0.88 -31.88 1.44
C ILE C 115 -2.05 -31.11 0.85
N HIS C 116 -3.19 -31.77 0.67
CA HIS C 116 -4.37 -31.10 0.15
C HIS C 116 -5.18 -30.43 1.27
N ASN C 117 -6.04 -29.49 0.88
CA ASN C 117 -7.03 -28.88 1.76
C ASN C 117 -6.40 -28.04 2.85
N SER C 118 -5.30 -27.38 2.52
CA SER C 118 -4.59 -26.52 3.44
C SER C 118 -3.60 -25.66 2.68
N TRP C 119 -2.89 -24.82 3.43
CA TRP C 119 -1.92 -23.92 2.84
C TRP C 119 -0.75 -24.62 2.14
N LEU C 120 -0.67 -25.95 2.25
CA LEU C 120 0.40 -26.68 1.55
C LEU C 120 0.10 -26.91 0.08
N PHE C 121 -1.15 -26.68 -0.32
CA PHE C 121 -1.62 -27.02 -1.66
C PHE C 121 -0.76 -26.43 -2.77
N PHE C 122 -0.62 -25.11 -2.81
CA PHE C 122 0.12 -24.47 -3.89
C PHE C 122 1.62 -24.83 -3.93
N PRO C 123 2.33 -24.71 -2.80
CA PRO C 123 3.76 -25.03 -2.87
C PRO C 123 4.07 -26.51 -3.17
N PHE C 124 3.27 -27.43 -2.63
CA PHE C 124 3.52 -28.82 -2.92
C PHE C 124 3.44 -29.08 -4.41
N HIS C 125 2.37 -28.61 -5.05
CA HIS C 125 2.20 -28.89 -6.46
C HIS C 125 3.20 -28.12 -7.33
N ARG C 126 3.65 -26.96 -6.86
CA ARG C 126 4.68 -26.25 -7.58
C ARG C 126 5.98 -27.08 -7.64
N TRP C 127 6.35 -27.67 -6.51
CA TRP C 127 7.54 -28.52 -6.49
C TRP C 127 7.37 -29.80 -7.32
N TYR C 128 6.21 -30.43 -7.17
CA TYR C 128 5.87 -31.63 -7.91
C TYR C 128 6.08 -31.42 -9.41
N LEU C 129 5.51 -30.33 -9.92
CA LEU C 129 5.64 -29.98 -11.33
C LEU C 129 7.05 -29.58 -11.71
N TYR C 130 7.74 -28.93 -10.78
CA TYR C 130 9.11 -28.47 -11.02
C TYR C 130 10.00 -29.65 -11.41
N PHE C 131 9.98 -30.71 -10.59
CA PHE C 131 10.77 -31.89 -10.89
C PHE C 131 10.24 -32.67 -12.08
N TYR C 132 8.92 -32.76 -12.18
CA TYR C 132 8.28 -33.47 -13.28
C TYR C 132 8.74 -32.91 -14.64
N GLU C 133 8.71 -31.59 -14.74
CA GLU C 133 9.11 -30.88 -15.93
C GLU C 133 10.60 -31.08 -16.24
N ARG C 134 11.43 -31.04 -15.21
CA ARG C 134 12.87 -31.20 -15.42
C ARG C 134 13.21 -32.64 -15.77
N ILE C 135 12.43 -33.57 -15.24
CA ILE C 135 12.61 -34.98 -15.60
C ILE C 135 12.25 -35.20 -17.07
N LEU C 136 11.12 -34.64 -17.49
CA LEU C 136 10.69 -34.76 -18.87
C LEU C 136 11.76 -34.22 -19.81
N GLY C 137 12.27 -33.03 -19.50
CA GLY C 137 13.31 -32.43 -20.29
C GLY C 137 14.55 -33.31 -20.43
N SER C 138 14.96 -33.95 -19.33
CA SER C 138 16.16 -34.79 -19.37
C SER C 138 15.95 -36.03 -20.23
N LEU C 139 14.72 -36.52 -20.30
CA LEU C 139 14.45 -37.76 -21.01
C LEU C 139 14.59 -37.59 -22.52
N ILE C 140 14.51 -36.34 -23.01
CA ILE C 140 14.67 -36.09 -24.44
C ILE C 140 15.81 -35.11 -24.76
N ASP C 141 16.74 -34.96 -23.82
CA ASP C 141 17.89 -34.09 -24.02
C ASP C 141 17.50 -32.67 -24.43
N GLU C 142 16.49 -32.11 -23.78
CA GLU C 142 16.06 -30.74 -24.05
C GLU C 142 16.24 -29.89 -22.79
N PRO C 143 17.37 -29.18 -22.67
CA PRO C 143 17.64 -28.46 -21.42
C PRO C 143 16.67 -27.31 -21.12
N ASN C 144 15.97 -26.83 -22.14
CA ASN C 144 15.04 -25.71 -21.98
C ASN C 144 13.58 -26.16 -22.09
N PHE C 145 13.34 -27.44 -21.85
CA PHE C 145 11.99 -27.99 -21.96
C PHE C 145 11.00 -27.33 -21.00
N ALA C 146 9.80 -27.05 -21.50
CA ALA C 146 8.75 -26.47 -20.68
C ALA C 146 7.42 -27.19 -20.91
N LEU C 147 6.63 -27.29 -19.85
CA LEU C 147 5.29 -27.83 -19.91
C LEU C 147 4.32 -26.89 -20.60
N PRO C 148 3.29 -27.46 -21.23
CA PRO C 148 2.15 -26.60 -21.57
C PRO C 148 1.31 -26.30 -20.33
N TYR C 149 0.43 -25.31 -20.41
CA TYR C 149 -0.58 -25.12 -19.37
C TYR C 149 -1.95 -24.97 -20.03
N TRP C 150 -2.96 -25.50 -19.35
CA TRP C 150 -4.34 -25.42 -19.82
C TRP C 150 -4.92 -24.09 -19.39
N LYS C 151 -5.03 -23.17 -20.34
CA LYS C 151 -5.38 -21.80 -20.01
C LYS C 151 -6.90 -21.60 -19.97
N TRP C 152 -7.56 -22.26 -19.02
CA TRP C 152 -9.01 -22.21 -18.97
C TRP C 152 -9.56 -20.91 -18.39
N ASP C 153 -8.68 -19.95 -18.11
CA ASP C 153 -9.12 -18.62 -17.71
C ASP C 153 -9.30 -17.71 -18.93
N GLU C 154 -8.97 -18.24 -20.11
CA GLU C 154 -9.09 -17.51 -21.36
C GLU C 154 -10.06 -18.27 -22.28
N PRO C 155 -11.02 -17.56 -22.90
CA PRO C 155 -12.05 -18.23 -23.71
C PRO C 155 -11.51 -19.27 -24.69
N LYS C 156 -10.57 -18.89 -25.55
CA LYS C 156 -10.00 -19.84 -26.51
C LYS C 156 -9.32 -21.04 -25.84
N GLY C 157 -8.89 -20.85 -24.59
CA GLY C 157 -8.20 -21.91 -23.86
C GLY C 157 -9.10 -22.83 -23.04
N MET C 158 -10.40 -22.56 -23.02
CA MET C 158 -11.31 -23.31 -22.16
C MET C 158 -11.63 -24.70 -22.69
N PRO C 159 -11.79 -24.84 -24.02
CA PRO C 159 -11.91 -26.20 -24.54
C PRO C 159 -10.66 -27.03 -24.22
N ILE C 160 -10.82 -28.28 -23.80
CA ILE C 160 -9.66 -29.14 -23.61
C ILE C 160 -8.95 -29.22 -24.96
N SER C 161 -7.63 -29.09 -24.94
CA SER C 161 -6.87 -29.03 -26.19
C SER C 161 -6.92 -30.35 -26.93
N ASN C 162 -6.99 -30.27 -28.26
CA ASN C 162 -7.10 -31.48 -29.07
C ASN C 162 -5.84 -32.35 -29.00
N ILE C 163 -4.74 -31.81 -28.48
CA ILE C 163 -3.51 -32.60 -28.40
C ILE C 163 -3.66 -33.78 -27.44
N PHE C 164 -4.64 -33.72 -26.54
CA PHE C 164 -4.87 -34.78 -25.54
C PHE C 164 -5.83 -35.85 -26.02
N LEU C 165 -6.32 -35.71 -27.25
CA LEU C 165 -7.41 -36.56 -27.73
C LEU C 165 -6.92 -37.55 -28.78
N GLY C 166 -7.77 -38.52 -29.09
CA GLY C 166 -7.43 -39.56 -30.06
C GLY C 166 -7.53 -40.92 -29.41
N ASP C 167 -6.44 -41.69 -29.49
CA ASP C 167 -6.40 -43.01 -28.89
C ASP C 167 -5.02 -43.28 -28.28
N ALA C 168 -4.80 -44.53 -27.86
CA ALA C 168 -3.59 -44.92 -27.15
C ALA C 168 -2.28 -44.60 -27.88
N SER C 169 -2.35 -44.49 -29.21
CA SER C 169 -1.16 -44.21 -29.98
C SER C 169 -0.69 -42.78 -29.74
N ASN C 170 -1.58 -41.94 -29.18
CA ASN C 170 -1.20 -40.61 -28.70
C ASN C 170 -0.80 -40.71 -27.22
N PRO C 171 0.47 -40.41 -26.89
CA PRO C 171 0.91 -40.54 -25.49
C PRO C 171 0.16 -39.66 -24.50
N LEU C 172 -0.48 -38.61 -25.00
CA LEU C 172 -1.18 -37.66 -24.15
C LEU C 172 -2.62 -38.10 -23.87
N TYR C 173 -3.01 -39.23 -24.44
CA TYR C 173 -4.38 -39.74 -24.32
C TYR C 173 -4.59 -40.52 -23.02
N ASP C 174 -5.82 -40.51 -22.52
CA ASP C 174 -6.21 -41.34 -21.38
C ASP C 174 -7.66 -41.74 -21.57
N GLN C 175 -7.93 -43.04 -21.59
CA GLN C 175 -9.28 -43.53 -21.83
C GLN C 175 -10.21 -43.24 -20.67
N TYR C 176 -9.63 -43.03 -19.48
CA TYR C 176 -10.44 -42.85 -18.28
C TYR C 176 -10.76 -41.37 -18.08
N ARG C 177 -11.58 -40.85 -18.98
CA ARG C 177 -12.14 -39.50 -18.89
C ARG C 177 -13.65 -39.56 -19.17
N ASP C 178 -14.39 -38.55 -18.70
CA ASP C 178 -15.81 -38.43 -19.01
C ASP C 178 -16.01 -38.19 -20.50
N ALA C 179 -16.52 -39.22 -21.18
CA ALA C 179 -16.70 -39.19 -22.64
C ALA C 179 -17.63 -38.07 -23.10
N ASN C 180 -18.71 -37.84 -22.36
CA ASN C 180 -19.63 -36.76 -22.70
C ASN C 180 -18.96 -35.39 -22.59
N HIS C 181 -18.18 -35.21 -21.55
CA HIS C 181 -17.51 -33.93 -21.33
C HIS C 181 -16.43 -33.68 -22.37
N ILE C 182 -15.68 -34.72 -22.75
CA ILE C 182 -14.69 -34.58 -23.79
C ILE C 182 -15.39 -34.19 -25.10
N GLU C 183 -16.57 -34.73 -25.33
CA GLU C 183 -17.35 -34.34 -26.50
C GLU C 183 -17.75 -32.87 -26.42
N ASP C 184 -18.15 -32.42 -25.22
CA ASP C 184 -18.53 -31.02 -25.00
C ASP C 184 -17.34 -30.07 -25.15
N ARG C 185 -16.18 -30.58 -24.79
CA ARG C 185 -14.88 -29.88 -24.91
C ARG C 185 -14.70 -28.73 -23.91
N ILE C 186 -15.68 -27.84 -23.78
CA ILE C 186 -15.50 -26.66 -22.92
C ILE C 186 -15.67 -26.98 -21.44
N VAL C 187 -14.60 -26.82 -20.68
CA VAL C 187 -14.61 -27.16 -19.26
C VAL C 187 -15.57 -26.23 -18.50
N ASP C 188 -16.19 -26.77 -17.47
CA ASP C 188 -17.06 -26.01 -16.57
C ASP C 188 -16.30 -25.79 -15.25
N LEU C 189 -15.79 -24.58 -15.06
CA LEU C 189 -15.00 -24.29 -13.86
C LEU C 189 -15.87 -24.19 -12.61
N ASP C 190 -17.19 -24.22 -12.81
CA ASP C 190 -18.17 -24.17 -11.73
C ASP C 190 -18.80 -25.55 -11.50
N TYR C 191 -18.24 -26.59 -12.12
CA TYR C 191 -18.85 -27.91 -12.11
C TYR C 191 -18.97 -28.50 -10.71
N ASP C 192 -20.17 -29.01 -10.38
CA ASP C 192 -20.42 -29.58 -9.05
C ASP C 192 -21.07 -30.96 -9.11
N GLY C 193 -20.96 -31.64 -10.25
CA GLY C 193 -21.45 -32.99 -10.40
C GLY C 193 -22.73 -33.12 -11.20
N LYS C 194 -23.31 -31.97 -11.56
CA LYS C 194 -24.49 -31.95 -12.41
C LYS C 194 -24.23 -31.08 -13.63
N ASP C 195 -24.47 -31.64 -14.82
CA ASP C 195 -24.33 -30.89 -16.06
C ASP C 195 -25.28 -29.70 -16.12
N LYS C 196 -24.72 -28.53 -16.41
CA LYS C 196 -25.52 -27.35 -16.66
C LYS C 196 -26.15 -27.46 -18.05
N ASP C 197 -27.38 -26.97 -18.19
CA ASP C 197 -28.05 -26.94 -19.47
C ASP C 197 -27.91 -25.56 -20.08
N ILE C 198 -26.67 -25.16 -20.37
CA ILE C 198 -26.41 -23.80 -20.82
C ILE C 198 -25.55 -23.74 -22.10
N PRO C 199 -25.71 -22.66 -22.90
CA PRO C 199 -24.91 -22.52 -24.13
C PRO C 199 -23.42 -22.33 -23.87
N ASP C 200 -22.59 -22.63 -24.87
CA ASP C 200 -21.15 -22.48 -24.77
C ASP C 200 -20.75 -21.07 -24.31
N GLN C 201 -21.41 -20.07 -24.88
CA GLN C 201 -21.10 -18.67 -24.58
C GLN C 201 -21.37 -18.35 -23.11
N GLN C 202 -22.45 -18.89 -22.57
CA GLN C 202 -22.76 -18.65 -21.16
C GLN C 202 -21.76 -19.37 -20.26
N GLN C 203 -21.26 -20.52 -20.72
CA GLN C 203 -20.27 -21.27 -19.94
C GLN C 203 -18.98 -20.48 -19.86
N VAL C 204 -18.64 -19.80 -20.95
CA VAL C 204 -17.45 -18.95 -20.98
C VAL C 204 -17.59 -17.87 -19.91
N ALA C 205 -18.77 -17.26 -19.86
CA ALA C 205 -19.03 -16.20 -18.89
C ALA C 205 -18.94 -16.74 -17.48
N CYS C 206 -19.50 -17.94 -17.28
CA CYS C 206 -19.45 -18.62 -16.00
C CYS C 206 -18.01 -18.84 -15.56
N ASN C 207 -17.17 -19.29 -16.49
CA ASN C 207 -15.76 -19.55 -16.18
C ASN C 207 -14.99 -18.29 -15.84
N LEU C 208 -15.25 -17.20 -16.56
CA LEU C 208 -14.61 -15.93 -16.27
C LEU C 208 -15.01 -15.43 -14.88
N SER C 209 -16.29 -15.57 -14.56
CA SER C 209 -16.82 -15.21 -13.25
C SER C 209 -16.18 -16.07 -12.15
N THR C 210 -15.96 -17.34 -12.44
CA THR C 210 -15.33 -18.25 -11.49
C THR C 210 -13.89 -17.86 -11.18
N VAL C 211 -13.12 -17.53 -12.22
CA VAL C 211 -11.73 -17.13 -12.02
C VAL C 211 -11.69 -15.86 -11.17
N TYR C 212 -12.60 -14.92 -11.42
CA TYR C 212 -12.68 -13.69 -10.65
C TYR C 212 -12.99 -14.01 -9.17
N ARG C 213 -13.91 -14.96 -8.96
CA ARG C 213 -14.26 -15.36 -7.60
C ARG C 213 -13.07 -15.97 -6.88
N ASP C 214 -12.33 -16.84 -7.55
CA ASP C 214 -11.21 -17.53 -6.91
C ASP C 214 -10.00 -16.61 -6.69
N LEU C 215 -9.76 -15.67 -7.60
CA LEU C 215 -8.59 -14.78 -7.50
C LEU C 215 -8.81 -13.48 -6.76
N VAL C 216 -10.05 -13.02 -6.71
CA VAL C 216 -10.32 -11.69 -6.17
C VAL C 216 -11.38 -11.71 -5.08
N ARG C 217 -12.59 -12.13 -5.42
CA ARG C 217 -13.70 -11.98 -4.47
C ARG C 217 -13.50 -12.83 -3.23
N ASN C 218 -13.03 -14.06 -3.41
CA ASN C 218 -12.83 -14.96 -2.28
C ASN C 218 -11.37 -15.14 -1.88
N GLY C 219 -10.43 -14.79 -2.76
CA GLY C 219 -9.02 -14.89 -2.42
C GLY C 219 -8.48 -13.55 -1.98
N VAL C 220 -8.96 -13.06 -0.83
CA VAL C 220 -8.69 -11.68 -0.43
C VAL C 220 -7.45 -11.57 0.46
N ASP C 221 -6.97 -12.70 0.94
CA ASP C 221 -5.80 -12.70 1.81
C ASP C 221 -5.17 -14.08 1.78
N PRO C 222 -3.97 -14.23 2.37
CA PRO C 222 -3.26 -15.51 2.22
C PRO C 222 -4.03 -16.71 2.80
N THR C 223 -4.75 -16.54 3.89
CA THR C 223 -5.51 -17.65 4.44
C THR C 223 -6.63 -18.10 3.48
N SER C 224 -7.33 -17.15 2.88
N SER C 224 -7.32 -17.13 2.90
CA SER C 224 -8.45 -17.50 2.02
CA SER C 224 -8.44 -17.40 2.00
C SER C 224 -8.01 -17.99 0.63
C SER C 224 -7.98 -18.00 0.68
N PHE C 225 -6.84 -17.53 0.18
CA PHE C 225 -6.32 -17.98 -1.11
C PHE C 225 -5.54 -19.30 -1.01
N PHE C 226 -4.55 -19.35 -0.11
CA PHE C 226 -3.70 -20.54 -0.01
C PHE C 226 -4.37 -21.68 0.74
N GLY C 227 -5.27 -21.35 1.67
CA GLY C 227 -5.93 -22.36 2.47
C GLY C 227 -5.49 -22.29 3.93
N GLY C 228 -6.13 -23.08 4.78
CA GLY C 228 -5.96 -22.92 6.20
C GLY C 228 -4.63 -23.43 6.72
N LYS C 229 -4.25 -22.91 7.88
CA LYS C 229 -3.00 -23.30 8.53
C LYS C 229 -3.04 -24.76 8.93
N TYR C 230 -1.97 -25.47 8.64
CA TYR C 230 -1.89 -26.91 8.85
C TYR C 230 -0.47 -27.25 9.28
N VAL C 231 -0.34 -27.78 10.49
CA VAL C 231 0.97 -27.99 11.12
C VAL C 231 1.07 -29.38 11.73
N ALA C 232 2.28 -29.76 12.13
CA ALA C 232 2.49 -31.07 12.77
C ALA C 232 1.56 -31.23 13.95
N GLY C 233 0.88 -32.37 14.02
CA GLY C 233 -0.10 -32.63 15.06
C GLY C 233 -1.53 -32.50 14.56
N ASP C 234 -1.72 -31.80 13.44
CA ASP C 234 -3.04 -31.63 12.86
C ASP C 234 -3.46 -32.88 12.08
N SER C 235 -4.73 -33.25 12.20
CA SER C 235 -5.32 -34.31 11.40
C SER C 235 -5.64 -33.80 10.00
N PRO C 236 -5.82 -34.71 9.03
CA PRO C 236 -6.09 -34.27 7.66
C PRO C 236 -7.39 -33.47 7.54
N VAL C 237 -7.37 -32.40 6.75
CA VAL C 237 -8.57 -31.62 6.51
C VAL C 237 -9.41 -32.29 5.43
N ALA C 238 -10.72 -32.40 5.68
CA ALA C 238 -11.60 -33.10 4.76
C ALA C 238 -11.85 -32.30 3.49
N ASN C 239 -12.04 -33.02 2.38
CA ASN C 239 -12.42 -32.39 1.12
C ASN C 239 -13.70 -31.62 1.31
N GLY C 240 -13.72 -30.38 0.81
CA GLY C 240 -14.87 -29.52 0.97
C GLY C 240 -14.93 -28.73 2.26
N ASP C 241 -13.91 -28.84 3.11
CA ASP C 241 -13.91 -28.09 4.37
C ASP C 241 -13.91 -26.58 4.05
N PRO C 242 -14.62 -25.78 4.88
CA PRO C 242 -14.65 -24.33 4.67
C PRO C 242 -13.26 -23.67 4.63
N SER C 243 -12.28 -24.29 5.27
CA SER C 243 -10.95 -23.70 5.36
C SER C 243 -10.12 -23.89 4.08
N VAL C 244 -10.58 -24.75 3.17
CA VAL C 244 -9.83 -24.96 1.93
C VAL C 244 -9.78 -23.62 1.16
N GLY C 245 -8.65 -23.40 0.48
CA GLY C 245 -8.43 -22.15 -0.23
C GLY C 245 -9.31 -21.99 -1.45
N SER C 246 -9.40 -20.77 -1.96
CA SER C 246 -10.38 -20.44 -2.98
C SER C 246 -10.16 -21.19 -4.30
N VAL C 247 -8.93 -21.20 -4.81
CA VAL C 247 -8.64 -21.93 -6.05
C VAL C 247 -8.80 -23.44 -5.85
N GLU C 248 -8.18 -23.98 -4.79
CA GLU C 248 -8.26 -25.44 -4.56
C GLU C 248 -9.72 -25.91 -4.48
N ALA C 249 -10.55 -25.22 -3.71
CA ALA C 249 -11.94 -25.64 -3.53
C ALA C 249 -12.81 -25.31 -4.75
N GLY C 250 -12.33 -24.40 -5.58
CA GLY C 250 -13.13 -23.86 -6.67
C GLY C 250 -12.80 -24.46 -8.01
N SER C 251 -12.22 -23.63 -8.88
CA SER C 251 -11.85 -24.04 -10.23
C SER C 251 -11.04 -25.33 -10.26
N HS8 C 252 -10.08 -25.47 -9.35
CA HS8 C 252 -9.27 -26.68 -9.27
CB HS8 C 252 -8.27 -26.63 -8.09
CG HS8 C 252 -7.52 -27.89 -8.02
ND1 HS8 C 252 -6.61 -28.27 -9.02
CE1 HS8 C 252 -6.08 -29.46 -8.70
NE2 HS8 C 252 -6.61 -29.90 -7.52
CD2 HS8 C 252 -7.53 -28.92 -7.06
C HS8 C 252 -10.07 -27.98 -9.16
O HS8 C 252 -9.94 -28.93 -9.94
O3 HS8 C 252 -7.30 -32.19 -6.82
S HS8 C 252 -6.17 -31.42 -6.79
O1 HS8 C 252 -5.98 -30.97 -5.25
O2 HS8 C 252 -4.95 -31.70 -7.34
N THR C 253 -10.93 -28.01 -8.14
CA THR C 253 -11.79 -29.16 -7.87
C THR C 253 -12.77 -29.41 -9.04
N ALA C 254 -13.26 -28.33 -9.62
CA ALA C 254 -14.22 -28.43 -10.71
C ALA C 254 -13.62 -29.14 -11.92
N VAL C 255 -12.39 -28.78 -12.30
CA VAL C 255 -11.75 -29.39 -13.46
C VAL C 255 -11.55 -30.89 -13.20
N HIS C 256 -11.09 -31.23 -12.00
CA HIS C 256 -10.89 -32.64 -11.68
C HIS C 256 -12.17 -33.46 -11.74
N ARG C 257 -13.26 -32.91 -11.22
CA ARG C 257 -14.54 -33.62 -11.22
C ARG C 257 -15.07 -33.73 -12.63
N TRP C 258 -14.85 -32.69 -13.42
CA TRP C 258 -15.36 -32.63 -14.79
C TRP C 258 -14.65 -33.63 -15.73
N VAL C 259 -13.33 -33.74 -15.63
CA VAL C 259 -12.58 -34.64 -16.52
C VAL C 259 -12.74 -36.11 -16.11
N GLY C 260 -12.85 -36.35 -14.81
CA GLY C 260 -12.93 -37.71 -14.29
C GLY C 260 -14.09 -38.50 -14.90
N ASP C 261 -13.87 -39.79 -15.11
CA ASP C 261 -14.84 -40.65 -15.77
C ASP C 261 -15.89 -41.19 -14.79
N PRO C 262 -17.13 -40.67 -14.83
CA PRO C 262 -18.10 -41.08 -13.82
C PRO C 262 -18.48 -42.57 -13.89
N THR C 263 -18.19 -43.23 -15.01
CA THR C 263 -18.48 -44.66 -15.13
C THR C 263 -17.48 -45.52 -14.35
N GLN C 264 -16.44 -44.89 -13.80
CA GLN C 264 -15.44 -45.61 -13.01
C GLN C 264 -15.73 -45.53 -11.51
N PRO C 265 -15.26 -46.51 -10.73
CA PRO C 265 -15.60 -46.64 -9.29
C PRO C 265 -15.31 -45.38 -8.47
N ASN C 266 -14.16 -44.77 -8.71
CA ASN C 266 -13.78 -43.55 -8.01
C ASN C 266 -13.65 -42.37 -8.96
N ASN C 267 -14.31 -42.49 -10.11
CA ASN C 267 -14.24 -41.46 -11.15
C ASN C 267 -12.81 -41.29 -11.66
N GLU C 268 -12.07 -42.38 -11.71
CA GLU C 268 -10.72 -42.35 -12.25
C GLU C 268 -10.74 -41.85 -13.70
N ASP C 269 -9.69 -41.16 -14.16
CA ASP C 269 -8.48 -40.92 -13.38
C ASP C 269 -8.54 -39.62 -12.59
N MET C 270 -8.93 -38.52 -13.25
CA MET C 270 -8.89 -37.21 -12.61
C MET C 270 -9.85 -37.02 -11.44
N GLY C 271 -10.84 -37.90 -11.31
CA GLY C 271 -11.86 -37.73 -10.30
C GLY C 271 -11.43 -38.03 -8.87
N ASN C 272 -10.21 -38.55 -8.70
CA ASN C 272 -9.67 -38.83 -7.38
C ASN C 272 -8.18 -38.53 -7.35
N PHE C 273 -7.69 -37.97 -6.25
CA PHE C 273 -6.26 -37.72 -6.09
C PHE C 273 -5.41 -38.92 -6.47
N TYR C 274 -5.84 -40.11 -6.03
CA TYR C 274 -4.97 -41.28 -6.07
C TYR C 274 -4.66 -41.67 -7.50
N SER C 275 -5.59 -41.39 -8.40
CA SER C 275 -5.47 -41.82 -9.79
C SER C 275 -5.21 -40.68 -10.76
N ALA C 276 -5.25 -39.45 -10.27
CA ALA C 276 -5.30 -38.29 -11.16
C ALA C 276 -4.04 -38.18 -12.03
N GLY C 277 -2.90 -38.56 -11.47
CA GLY C 277 -1.62 -38.45 -12.15
C GLY C 277 -1.44 -39.40 -13.33
N TYR C 278 -2.35 -40.36 -13.51
CA TYR C 278 -2.26 -41.27 -14.65
C TYR C 278 -2.83 -40.60 -15.92
N ASP C 279 -3.48 -39.46 -15.76
CA ASP C 279 -3.94 -38.66 -16.89
C ASP C 279 -2.92 -37.55 -17.15
N PRO C 280 -2.28 -37.54 -18.33
CA PRO C 280 -1.34 -36.46 -18.66
C PRO C 280 -1.90 -35.05 -18.47
N VAL C 281 -3.19 -34.86 -18.69
CA VAL C 281 -3.75 -33.52 -18.59
C VAL C 281 -3.75 -33.02 -17.14
N PHE C 282 -3.66 -33.95 -16.18
CA PHE C 282 -3.54 -33.59 -14.77
C PHE C 282 -2.44 -32.56 -14.54
N TYR C 283 -1.28 -32.80 -15.12
CA TYR C 283 -0.12 -31.94 -14.90
C TYR C 283 -0.30 -30.60 -15.59
N ILE C 284 -1.03 -30.61 -16.69
CA ILE C 284 -1.18 -29.44 -17.55
C ILE C 284 -2.25 -28.53 -16.98
N HIS C 285 -3.30 -29.14 -16.44
CA HIS C 285 -4.24 -28.43 -15.58
C HIS C 285 -3.49 -27.79 -14.41
N HIS C 286 -2.69 -28.58 -13.71
CA HIS C 286 -2.04 -28.06 -12.52
C HIS C 286 -1.01 -26.98 -12.84
N ALA C 287 -0.46 -27.01 -14.04
CA ALA C 287 0.45 -25.95 -14.47
C ALA C 287 -0.29 -24.61 -14.53
N ASN C 288 -1.57 -24.63 -14.89
CA ASN C 288 -2.32 -23.37 -14.85
C ASN C 288 -2.72 -22.98 -13.43
N VAL C 289 -3.01 -23.98 -12.61
CA VAL C 289 -3.26 -23.71 -11.19
C VAL C 289 -2.00 -23.03 -10.60
N ASP C 290 -0.84 -23.54 -10.96
CA ASP C 290 0.44 -22.95 -10.56
C ASP C 290 0.52 -21.49 -11.04
N ARG C 291 0.11 -21.27 -12.27
CA ARG C 291 0.02 -19.92 -12.83
C ARG C 291 -0.96 -19.00 -12.06
N MET C 292 -2.04 -19.55 -11.51
CA MET C 292 -2.98 -18.75 -10.71
C MET C 292 -2.30 -18.08 -9.51
N TRP C 293 -1.37 -18.80 -8.89
CA TRP C 293 -0.58 -18.25 -7.80
C TRP C 293 0.21 -17.04 -8.30
N LYS C 294 0.84 -17.18 -9.46
CA LYS C 294 1.56 -16.04 -10.05
C LYS C 294 0.62 -14.87 -10.28
N LEU C 295 -0.51 -15.13 -10.93
CA LEU C 295 -1.46 -14.06 -11.25
C LEU C 295 -1.96 -13.37 -9.99
N TRP C 296 -2.26 -14.18 -8.98
CA TRP C 296 -2.77 -13.67 -7.71
C TRP C 296 -1.78 -12.70 -7.08
N LYS C 297 -0.51 -13.08 -7.06
CA LYS C 297 0.55 -12.21 -6.53
C LYS C 297 0.74 -10.96 -7.38
N GLU C 298 0.60 -11.09 -8.69
CA GLU C 298 0.81 -9.95 -9.58
C GLU C 298 -0.30 -8.92 -9.48
N LEU C 299 -1.48 -9.34 -9.03
CA LEU C 299 -2.53 -8.39 -8.70
C LEU C 299 -2.11 -7.59 -7.48
N ARG C 300 -1.80 -6.32 -7.66
CA ARG C 300 -1.25 -5.54 -6.56
C ARG C 300 -2.39 -5.05 -5.68
N LEU C 301 -2.95 -6.00 -4.93
CA LEU C 301 -4.04 -5.70 -4.02
C LEU C 301 -3.61 -5.97 -2.60
N PRO C 302 -4.27 -5.31 -1.65
CA PRO C 302 -4.09 -5.65 -0.25
C PRO C 302 -4.41 -7.12 -0.01
N GLY C 303 -3.50 -7.77 0.69
CA GLY C 303 -3.68 -9.15 1.07
C GLY C 303 -3.09 -10.11 0.07
N HIS C 304 -2.76 -9.64 -1.13
CA HIS C 304 -2.17 -10.53 -2.12
C HIS C 304 -0.67 -10.62 -1.91
N VAL C 305 -0.30 -11.35 -0.86
CA VAL C 305 1.08 -11.40 -0.39
C VAL C 305 1.40 -12.85 -0.04
N ASP C 306 2.69 -13.18 0.04
CA ASP C 306 3.05 -14.57 0.34
C ASP C 306 3.05 -14.81 1.85
N ILE C 307 3.01 -16.08 2.23
CA ILE C 307 2.95 -16.48 3.63
C ILE C 307 4.31 -16.27 4.30
N THR C 308 4.30 -15.76 5.54
CA THR C 308 5.53 -15.51 6.30
C THR C 308 5.65 -16.37 7.57
N ASP C 309 4.63 -17.17 7.86
CA ASP C 309 4.66 -18.09 9.00
C ASP C 309 5.77 -19.15 8.82
N PRO C 310 6.73 -19.23 9.76
CA PRO C 310 7.80 -20.24 9.67
C PRO C 310 7.28 -21.67 9.54
N ASP C 311 6.11 -21.96 10.09
CA ASP C 311 5.56 -23.31 10.00
C ASP C 311 5.04 -23.62 8.59
N TRP C 312 4.92 -22.59 7.74
CA TRP C 312 4.65 -22.81 6.32
C TRP C 312 5.98 -22.80 5.57
N LEU C 313 6.80 -21.80 5.84
CA LEU C 313 8.07 -21.62 5.15
C LEU C 313 8.94 -22.86 5.23
N ASN C 314 8.92 -23.51 6.39
CA ASN C 314 9.81 -24.64 6.64
C ASN C 314 9.18 -26.00 6.44
N ALA C 315 7.93 -26.04 5.98
CA ALA C 315 7.33 -27.32 5.63
C ALA C 315 8.11 -27.88 4.44
N SER C 316 8.33 -29.19 4.39
CA SER C 316 9.13 -29.76 3.30
C SER C 316 8.64 -31.11 2.79
N TYR C 317 9.06 -31.40 1.55
CA TYR C 317 8.69 -32.62 0.85
C TYR C 317 9.95 -33.22 0.24
N VAL C 318 9.84 -34.46 -0.23
CA VAL C 318 10.96 -35.13 -0.86
C VAL C 318 10.55 -35.64 -2.23
N PHE C 319 11.41 -35.42 -3.21
CA PHE C 319 11.19 -35.87 -4.58
C PHE C 319 12.44 -36.47 -5.17
N TYR C 320 12.26 -37.44 -6.06
CA TYR C 320 13.32 -37.85 -6.97
C TYR C 320 13.47 -36.82 -8.08
N ASP C 321 14.71 -36.55 -8.50
CA ASP C 321 14.97 -35.64 -9.61
C ASP C 321 15.45 -36.40 -10.85
N GLU C 322 15.91 -35.67 -11.87
CA GLU C 322 16.24 -36.31 -13.14
C GLU C 322 17.47 -37.24 -13.09
N ASN C 323 18.25 -37.11 -12.03
CA ASN C 323 19.44 -37.95 -11.83
C ASN C 323 19.16 -39.12 -10.89
N LYS C 324 17.90 -39.25 -10.47
CA LYS C 324 17.49 -40.24 -9.49
C LYS C 324 18.11 -39.96 -8.12
N ASP C 325 18.50 -38.71 -7.88
CA ASP C 325 18.82 -38.26 -6.52
C ASP C 325 17.54 -37.94 -5.75
N LEU C 326 17.59 -38.12 -4.42
CA LEU C 326 16.50 -37.70 -3.54
C LEU C 326 16.77 -36.29 -3.04
N VAL C 327 15.80 -35.41 -3.23
CA VAL C 327 15.95 -33.99 -2.87
C VAL C 327 14.86 -33.54 -1.90
N ARG C 328 15.26 -32.88 -0.82
CA ARG C 328 14.31 -32.26 0.08
C ARG C 328 14.12 -30.80 -0.33
N VAL C 329 12.85 -30.41 -0.50
CA VAL C 329 12.52 -29.03 -0.88
C VAL C 329 11.59 -28.37 0.15
N TYR C 330 11.77 -27.08 0.36
CA TYR C 330 11.01 -26.31 1.35
C TYR C 330 10.05 -25.33 0.67
N ASN C 331 8.88 -25.10 1.27
CA ASN C 331 7.91 -24.14 0.74
C ASN C 331 8.54 -22.78 0.45
N LYS C 332 9.43 -22.34 1.35
CA LYS C 332 9.99 -21.00 1.24
C LYS C 332 10.75 -20.79 -0.05
N ASP C 333 11.26 -21.88 -0.64
CA ASP C 333 12.14 -21.75 -1.79
C ASP C 333 11.44 -21.81 -3.15
N CYS C 334 10.12 -21.94 -3.19
CA CYS C 334 9.43 -21.95 -4.49
C CYS C 334 8.62 -20.70 -4.78
N VAL C 335 8.74 -19.69 -3.93
CA VAL C 335 7.88 -18.51 -4.07
C VAL C 335 8.31 -17.60 -5.23
N ASN C 336 9.58 -17.66 -5.60
CA ASN C 336 10.14 -16.82 -6.67
C ASN C 336 10.43 -17.64 -7.94
N LEU C 337 9.66 -17.38 -9.00
CA LEU C 337 9.75 -18.21 -10.21
C LEU C 337 11.05 -17.97 -10.97
N ASP C 338 11.59 -16.74 -10.89
CA ASP C 338 12.88 -16.47 -11.51
C ASP C 338 13.95 -17.40 -10.95
N LYS C 339 13.89 -17.67 -9.65
CA LYS C 339 14.88 -18.52 -9.03
C LYS C 339 14.70 -19.99 -9.43
N LEU C 340 13.49 -20.37 -9.83
CA LEU C 340 13.25 -21.74 -10.29
C LEU C 340 13.44 -21.88 -11.80
N LYS C 341 13.68 -20.76 -12.49
CA LYS C 341 14.05 -20.73 -13.90
C LYS C 341 12.93 -21.23 -14.82
N TYR C 342 11.69 -20.94 -14.45
CA TYR C 342 10.59 -21.08 -15.39
C TYR C 342 9.59 -19.94 -15.23
N ASN C 343 8.77 -19.74 -16.25
CA ASN C 343 7.64 -18.84 -16.16
C ASN C 343 6.60 -19.29 -17.17
N PHE C 344 5.63 -18.41 -17.44
CA PHE C 344 4.54 -18.73 -18.36
C PHE C 344 4.51 -17.72 -19.50
N ILE C 345 4.31 -18.21 -20.71
CA ILE C 345 4.05 -17.32 -21.85
C ILE C 345 2.66 -16.73 -21.69
N GLU C 346 2.60 -15.44 -21.43
CA GLU C 346 1.33 -14.74 -21.27
C GLU C 346 0.95 -14.15 -22.61
N ASN C 347 0.38 -14.99 -23.46
CA ASN C 347 -0.13 -14.55 -24.75
C ASN C 347 -1.31 -13.59 -24.58
N ASP D 1 -20.87 -13.32 -11.13
CA ASP D 1 -19.97 -12.51 -10.32
C ASP D 1 -19.01 -11.70 -11.19
N GLY D 2 -18.29 -10.77 -10.57
CA GLY D 2 -17.48 -9.84 -11.33
C GLY D 2 -18.44 -8.88 -12.01
N VAL D 3 -18.35 -8.77 -13.34
CA VAL D 3 -19.26 -7.90 -14.09
C VAL D 3 -20.50 -8.67 -14.57
N PHE D 4 -20.50 -9.99 -14.36
CA PHE D 4 -21.58 -10.85 -14.83
C PHE D 4 -22.60 -11.19 -13.74
N THR D 5 -23.86 -11.18 -14.11
CA THR D 5 -24.96 -11.49 -13.19
C THR D 5 -25.32 -12.97 -13.26
N THR D 6 -25.03 -13.69 -12.17
CA THR D 6 -25.32 -15.12 -12.02
C THR D 6 -25.14 -15.93 -13.31
N PRO D 7 -23.96 -15.83 -13.94
CA PRO D 7 -23.73 -16.46 -15.24
C PRO D 7 -23.68 -17.99 -15.18
N CYS D 8 -23.47 -18.55 -13.99
CA CYS D 8 -23.42 -20.00 -13.82
C CYS D 8 -24.80 -20.57 -13.49
N ASP D 9 -25.80 -19.70 -13.43
CA ASP D 9 -27.17 -20.11 -13.10
C ASP D 9 -27.90 -20.64 -14.33
N PRO D 10 -28.28 -21.94 -14.32
CA PRO D 10 -28.94 -22.54 -15.48
C PRO D 10 -30.32 -21.96 -15.77
N ALA E 1 3.58 6.57 26.69
CA ALA E 1 2.48 7.40 27.17
C ALA E 1 2.61 8.82 26.62
N PRO E 2 1.47 9.45 26.30
CA PRO E 2 1.52 10.75 25.63
C PRO E 2 1.80 11.92 26.57
N ILE E 3 2.46 12.94 26.04
CA ILE E 3 2.60 14.21 26.74
C ILE E 3 1.23 14.86 26.95
N THR E 4 0.96 15.28 28.17
CA THR E 4 -0.36 15.74 28.59
C THR E 4 -0.20 16.99 29.45
N ALA E 5 -0.66 18.14 28.95
CA ALA E 5 -0.60 19.36 29.73
C ALA E 5 -1.42 19.17 31.01
N PRO E 6 -0.91 19.66 32.15
CA PRO E 6 -1.68 19.56 33.38
C PRO E 6 -2.81 20.60 33.40
N ASP E 7 -3.49 20.73 34.53
CA ASP E 7 -4.33 21.90 34.76
C ASP E 7 -3.41 23.10 34.87
N ILE E 8 -3.29 23.82 33.75
CA ILE E 8 -2.29 24.88 33.62
C ILE E 8 -2.56 26.07 34.56
N THR E 9 -3.78 26.13 35.10
CA THR E 9 -4.13 27.21 36.04
C THR E 9 -3.83 26.81 37.48
N SER E 10 -3.48 25.54 37.67
CA SER E 10 -3.23 25.02 39.01
C SER E 10 -1.75 24.69 39.21
N ILE E 11 -1.11 24.20 38.16
CA ILE E 11 0.29 23.79 38.24
C ILE E 11 1.09 24.49 37.15
N CYS E 12 1.85 25.50 37.55
CA CYS E 12 2.60 26.32 36.61
C CYS E 12 3.67 27.06 37.39
N LYS E 13 4.85 27.22 36.80
CA LYS E 13 5.96 27.93 37.45
C LYS E 13 6.54 28.92 36.47
N ASP E 14 7.25 29.92 36.96
CA ASP E 14 7.89 30.91 36.09
C ASP E 14 8.83 30.22 35.11
N ALA E 15 8.85 30.72 33.87
CA ALA E 15 9.76 30.19 32.85
C ALA E 15 11.21 30.39 33.28
N SER E 16 12.01 29.34 33.14
CA SER E 16 13.41 29.40 33.56
C SER E 16 14.32 28.51 32.71
N SER E 17 13.84 28.09 31.55
N SER E 17 13.83 28.11 31.55
CA SER E 17 14.65 27.30 30.64
CA SER E 17 14.59 27.30 30.62
C SER E 17 14.69 27.96 29.27
C SER E 17 14.69 28.00 29.27
N GLY E 18 15.84 27.86 28.61
CA GLY E 18 16.00 28.37 27.26
C GLY E 18 16.14 29.89 27.15
N ILE E 19 16.36 30.56 28.28
CA ILE E 19 16.57 32.01 28.29
C ILE E 19 17.98 32.29 28.83
N GLY E 20 18.89 32.66 27.94
CA GLY E 20 20.30 32.77 28.28
C GLY E 20 20.62 33.89 29.26
N ASN E 21 19.93 35.01 29.12
CA ASN E 21 20.14 36.17 30.00
C ASN E 21 18.86 36.57 30.72
N GLN E 22 18.60 35.94 31.85
CA GLN E 22 17.40 36.23 32.61
C GLN E 22 17.47 37.57 33.32
N GLU E 23 18.69 37.99 33.65
CA GLU E 23 18.88 39.23 34.39
C GLU E 23 18.42 40.43 33.55
N GLY E 24 18.83 40.45 32.28
CA GLY E 24 18.52 41.57 31.41
C GLY E 24 17.26 41.39 30.58
N ALA E 25 16.62 40.22 30.69
CA ALA E 25 15.41 39.92 29.94
C ALA E 25 14.42 41.09 29.94
N ILE E 26 13.98 41.50 28.76
CA ILE E 26 13.11 42.68 28.67
C ILE E 26 11.62 42.33 28.78
N ARG E 27 11.28 41.03 28.65
CA ARG E 27 9.93 40.58 28.88
C ARG E 27 9.86 39.76 30.17
N THR E 28 8.66 39.60 30.72
CA THR E 28 8.48 38.86 31.95
C THR E 28 8.72 37.36 31.75
N ARG E 29 9.13 36.68 32.82
CA ARG E 29 9.19 35.21 32.82
C ARG E 29 8.00 34.64 33.62
N LYS E 30 7.15 35.53 34.11
CA LYS E 30 5.92 35.11 34.79
C LYS E 30 4.85 34.85 33.75
N CYS E 31 4.90 33.67 33.14
CA CYS E 31 4.12 33.39 31.95
C CYS E 31 2.89 32.53 32.20
N CYS E 32 2.54 32.34 33.46
CA CYS E 32 1.42 31.46 33.77
C CYS E 32 0.09 32.12 33.36
N PRO E 33 -0.88 31.31 32.92
CA PRO E 33 -2.18 31.83 32.51
C PRO E 33 -3.04 32.25 33.71
N PRO E 34 -4.02 33.13 33.48
CA PRO E 34 -4.91 33.54 34.57
C PRO E 34 -5.80 32.40 35.05
N SER E 35 -6.23 32.49 36.29
CA SER E 35 -7.15 31.51 36.87
C SER E 35 -8.51 32.18 37.03
N LEU E 36 -9.51 31.68 36.31
CA LEU E 36 -10.82 32.31 36.25
C LEU E 36 -11.95 31.44 36.82
N GLY E 37 -11.56 30.42 37.58
CA GLY E 37 -12.53 29.49 38.16
C GLY E 37 -13.18 28.59 37.13
N LYS E 38 -12.64 28.59 35.91
CA LYS E 38 -13.17 27.72 34.86
C LYS E 38 -12.72 26.28 35.08
N LYS E 39 -13.52 25.35 34.59
CA LYS E 39 -13.12 23.94 34.56
C LYS E 39 -12.78 23.54 33.13
N ILE E 40 -11.88 22.58 33.00
CA ILE E 40 -11.35 22.20 31.70
C ILE E 40 -12.35 21.29 31.00
N LYS E 41 -12.80 21.69 29.81
CA LYS E 41 -13.74 20.90 29.05
C LYS E 41 -13.08 20.35 27.79
N ASP E 42 -13.59 19.22 27.31
CA ASP E 42 -13.04 18.63 26.11
C ASP E 42 -13.48 19.43 24.89
N PHE E 43 -12.61 19.47 23.89
CA PHE E 43 -12.86 20.14 22.63
C PHE E 43 -14.08 19.59 21.91
N GLN E 44 -14.77 20.46 21.20
CA GLN E 44 -15.85 20.09 20.30
C GLN E 44 -15.57 20.74 18.95
N PHE E 45 -15.78 20.01 17.87
CA PHE E 45 -15.51 20.53 16.55
C PHE E 45 -16.45 21.71 16.23
N PRO E 46 -15.90 22.78 15.63
CA PRO E 46 -16.72 23.97 15.39
C PRO E 46 -17.83 23.73 14.38
N ASN E 47 -18.90 24.52 14.47
CA ASN E 47 -20.03 24.40 13.57
C ASN E 47 -20.15 25.63 12.66
N ASP E 48 -19.03 26.31 12.43
CA ASP E 48 -18.97 27.45 11.53
C ASP E 48 -19.68 27.14 10.23
N LYS E 49 -20.43 28.11 9.72
CA LYS E 49 -21.15 27.95 8.47
C LYS E 49 -20.17 27.98 7.30
N LYS E 50 -19.20 28.89 7.39
CA LYS E 50 -18.21 29.06 6.33
C LYS E 50 -16.80 28.76 6.82
N VAL E 51 -15.95 28.35 5.89
CA VAL E 51 -14.55 28.13 6.18
C VAL E 51 -13.82 29.48 6.18
N ARG E 52 -13.10 29.77 7.25
CA ARG E 52 -12.29 30.97 7.32
C ARG E 52 -11.10 30.82 6.36
N MET E 53 -10.86 31.83 5.53
CA MET E 53 -9.80 31.74 4.52
C MET E 53 -8.64 32.67 4.87
N ARG E 54 -7.54 32.08 5.34
CA ARG E 54 -6.35 32.86 5.63
C ARG E 54 -5.74 33.44 4.36
N TRP E 55 -5.25 34.68 4.45
CA TRP E 55 -4.83 35.45 3.28
C TRP E 55 -3.36 35.80 3.30
N PRO E 56 -2.70 35.78 2.13
CA PRO E 56 -1.28 36.16 2.09
C PRO E 56 -1.09 37.60 2.54
N ALA E 57 -0.16 37.82 3.47
CA ALA E 57 0.01 39.14 4.08
C ALA E 57 0.33 40.24 3.06
N HIS E 58 0.87 39.88 1.91
CA HIS E 58 1.27 40.87 0.92
C HIS E 58 0.16 41.20 -0.08
N LYS E 59 -0.99 40.54 0.07
CA LYS E 59 -2.09 40.69 -0.88
C LYS E 59 -3.44 40.70 -0.19
N GLY E 60 -3.54 41.41 0.92
CA GLY E 60 -4.80 41.51 1.65
C GLY E 60 -5.71 42.54 1.05
N THR E 61 -7.01 42.27 1.07
CA THR E 61 -8.01 43.27 0.70
C THR E 61 -8.07 44.31 1.83
N LYS E 62 -8.67 45.46 1.56
CA LYS E 62 -8.76 46.52 2.57
C LYS E 62 -9.50 46.02 3.81
N LYS E 63 -10.55 45.24 3.60
CA LYS E 63 -11.33 44.71 4.70
C LYS E 63 -10.53 43.72 5.54
N GLN E 64 -9.80 42.83 4.86
CA GLN E 64 -8.98 41.82 5.54
C GLN E 64 -7.93 42.49 6.43
N VAL E 65 -7.22 43.47 5.88
CA VAL E 65 -6.21 44.23 6.61
C VAL E 65 -6.82 45.05 7.75
N ASP E 66 -7.90 45.80 7.47
CA ASP E 66 -8.54 46.60 8.48
C ASP E 66 -9.10 45.75 9.61
N ASP E 67 -9.68 44.60 9.27
CA ASP E 67 -10.21 43.69 10.29
C ASP E 67 -9.12 43.16 11.20
N TYR E 68 -8.02 42.74 10.58
CA TYR E 68 -6.88 42.19 11.31
C TYR E 68 -6.32 43.26 12.24
N ARG E 69 -6.12 44.46 11.70
CA ARG E 69 -5.60 45.59 12.48
C ARG E 69 -6.52 45.94 13.65
N ARG E 70 -7.83 46.01 13.40
CA ARG E 70 -8.81 46.26 14.45
C ARG E 70 -8.77 45.17 15.53
N ALA E 71 -8.68 43.92 15.11
CA ALA E 71 -8.68 42.81 16.04
C ALA E 71 -7.45 42.83 16.97
N ILE E 72 -6.28 43.10 16.41
CA ILE E 72 -5.07 43.15 17.22
C ILE E 72 -5.15 44.34 18.19
N ALA E 73 -5.64 45.47 17.69
CA ALA E 73 -5.83 46.65 18.54
C ALA E 73 -6.75 46.30 19.72
N ALA E 74 -7.86 45.62 19.42
CA ALA E 74 -8.78 45.22 20.47
C ALA E 74 -8.08 44.29 21.46
N MET E 75 -7.23 43.42 20.96
CA MET E 75 -6.51 42.50 21.84
C MET E 75 -5.53 43.28 22.71
N ARG E 76 -4.88 44.29 22.13
CA ARG E 76 -3.97 45.15 22.90
C ARG E 76 -4.72 46.03 23.91
N ALA E 77 -5.99 46.30 23.65
CA ALA E 77 -6.77 47.17 24.53
C ALA E 77 -7.23 46.40 25.77
N LEU E 78 -7.23 45.08 25.71
CA LEU E 78 -7.61 44.28 26.86
C LEU E 78 -6.55 44.33 27.96
N PRO E 79 -6.97 44.40 29.24
CA PRO E 79 -5.99 44.25 30.32
C PRO E 79 -5.28 42.90 30.23
N ASP E 80 -4.02 42.87 30.62
CA ASP E 80 -3.19 41.69 30.41
C ASP E 80 -3.78 40.44 31.06
N ASP E 81 -4.47 40.60 32.18
CA ASP E 81 -4.94 39.45 32.93
C ASP E 81 -6.16 38.77 32.29
N ASP E 82 -6.74 39.41 31.27
CA ASP E 82 -7.74 38.75 30.44
C ASP E 82 -7.00 37.69 29.60
N PRO E 83 -7.49 36.43 29.63
CA PRO E 83 -6.77 35.37 28.90
C PRO E 83 -6.73 35.56 27.39
N ARG E 84 -7.53 36.48 26.87
CA ARG E 84 -7.60 36.80 25.46
C ARG E 84 -6.68 37.94 25.07
N SER E 85 -6.05 38.56 26.07
CA SER E 85 -5.27 39.78 25.87
C SER E 85 -4.02 39.53 25.06
N PHE E 86 -3.45 40.61 24.55
CA PHE E 86 -2.23 40.54 23.73
C PHE E 86 -1.12 39.83 24.50
N VAL E 87 -0.96 40.21 25.76
CA VAL E 87 0.11 39.70 26.58
C VAL E 87 -0.18 38.28 27.04
N SER E 88 -1.44 37.98 27.33
CA SER E 88 -1.80 36.61 27.71
C SER E 88 -1.51 35.63 26.58
N GLN E 89 -1.83 36.03 25.36
CA GLN E 89 -1.60 35.17 24.22
C GLN E 89 -0.11 34.94 23.98
N ALA E 90 0.68 36.00 24.13
CA ALA E 90 2.14 35.91 24.05
C ALA E 90 2.69 34.96 25.12
N LYS E 91 2.14 35.03 26.33
CA LYS E 91 2.66 34.22 27.43
C LYS E 91 2.43 32.73 27.21
N ILE E 92 1.42 32.36 26.42
CA ILE E 92 1.18 30.94 26.12
C ILE E 92 2.44 30.31 25.56
N HIS E 93 3.07 31.01 24.63
CA HIS E 93 4.27 30.51 23.99
C HIS E 93 5.39 30.32 25.02
N CYS E 94 5.53 31.31 25.89
CA CYS E 94 6.56 31.27 26.93
C CYS E 94 6.35 30.06 27.87
N ALA E 95 5.11 29.85 28.30
CA ALA E 95 4.81 28.78 29.26
C ALA E 95 5.07 27.38 28.67
N TYR E 96 4.66 27.17 27.43
CA TYR E 96 4.84 25.86 26.79
C TYR E 96 6.26 25.66 26.26
N CYS E 97 6.99 26.76 26.04
CA CYS E 97 8.30 26.66 25.39
C CYS E 97 9.47 26.87 26.32
N ASN E 98 9.23 27.44 27.49
CA ASN E 98 10.33 27.78 28.40
C ASN E 98 10.13 27.25 29.83
N GLY E 99 9.42 26.13 29.94
CA GLY E 99 9.38 25.36 31.17
C GLY E 99 8.33 25.77 32.20
N GLY E 100 7.19 26.28 31.75
CA GLY E 100 6.11 26.64 32.66
C GLY E 100 5.44 25.44 33.32
N TYR E 101 5.37 24.33 32.58
CA TYR E 101 4.60 23.16 32.99
C TYR E 101 5.45 21.89 33.13
N THR E 102 4.97 20.94 33.92
CA THR E 102 5.64 19.65 34.10
C THR E 102 4.78 18.52 33.61
N GLN E 103 5.39 17.34 33.52
CA GLN E 103 4.70 16.14 33.11
C GLN E 103 4.02 15.43 34.30
N VAL E 104 3.60 16.20 35.28
CA VAL E 104 2.98 15.63 36.49
C VAL E 104 1.78 14.73 36.15
N ASP E 105 0.91 15.16 35.23
CA ASP E 105 -0.27 14.36 34.90
C ASP E 105 0.08 13.06 34.18
N SER E 106 1.35 12.89 33.81
CA SER E 106 1.83 11.65 33.22
C SER E 106 2.64 10.84 34.21
N GLY E 107 2.79 11.37 35.42
CA GLY E 107 3.52 10.68 36.46
C GLY E 107 4.98 11.05 36.51
N PHE E 108 5.35 12.12 35.81
CA PHE E 108 6.72 12.62 35.81
C PHE E 108 6.76 14.07 36.26
N PRO E 109 6.56 14.30 37.57
CA PRO E 109 6.42 15.67 38.07
C PRO E 109 7.71 16.48 38.07
N ASP E 110 8.85 15.83 37.87
CA ASP E 110 10.13 16.54 37.87
C ASP E 110 10.72 16.70 36.46
N ILE E 111 9.90 16.48 35.44
CA ILE E 111 10.32 16.75 34.08
C ILE E 111 9.40 17.81 33.48
N ASP E 112 9.98 18.80 32.83
CA ASP E 112 9.21 19.84 32.14
C ASP E 112 8.53 19.34 30.87
N ILE E 113 7.46 20.01 30.48
CA ILE E 113 6.94 19.85 29.14
C ILE E 113 7.64 20.85 28.22
N GLN E 114 8.11 20.34 27.09
CA GLN E 114 8.62 21.17 25.99
C GLN E 114 7.86 20.75 24.72
N ILE E 115 7.23 21.69 24.04
CA ILE E 115 6.54 21.34 22.79
C ILE E 115 7.43 21.57 21.58
N HIS E 116 8.57 22.25 21.75
CA HIS E 116 9.50 22.42 20.61
C HIS E 116 10.48 21.26 20.43
N ASN E 117 11.06 21.20 19.24
CA ASN E 117 12.14 20.27 18.91
C ASN E 117 11.70 18.80 18.97
N SER E 118 10.43 18.58 18.62
CA SER E 118 9.90 17.23 18.50
C SER E 118 8.66 17.21 17.62
N TRP E 119 8.05 16.03 17.54
CA TRP E 119 6.84 15.87 16.76
C TRP E 119 5.63 16.65 17.30
N LEU E 120 5.75 17.28 18.47
CA LEU E 120 4.67 18.14 18.96
C LEU E 120 4.66 19.53 18.32
N PHE E 121 5.71 19.87 17.59
CA PHE E 121 5.87 21.23 17.07
C PHE E 121 4.66 21.70 16.23
N PHE E 122 4.34 20.92 15.19
CA PHE E 122 3.28 21.31 14.27
C PHE E 122 1.88 21.36 14.90
N PRO E 123 1.44 20.27 15.56
CA PRO E 123 0.10 20.33 16.14
C PRO E 123 -0.06 21.32 17.31
N PHE E 124 0.98 21.51 18.13
CA PHE E 124 0.84 22.50 19.20
C PHE E 124 0.56 23.88 18.59
N HIS E 125 1.32 24.25 17.57
CA HIS E 125 1.19 25.60 17.02
C HIS E 125 -0.10 25.74 16.22
N ARG E 126 -0.56 24.65 15.61
CA ARG E 126 -1.84 24.67 14.91
C ARG E 126 -2.97 25.02 15.89
N TRP E 127 -2.99 24.39 17.05
CA TRP E 127 -4.01 24.64 18.07
C TRP E 127 -3.89 26.05 18.66
N TYR E 128 -2.66 26.44 18.97
CA TYR E 128 -2.35 27.78 19.47
C TYR E 128 -2.97 28.84 18.56
N LEU E 129 -2.75 28.68 17.26
CA LEU E 129 -3.28 29.62 16.27
C LEU E 129 -4.79 29.52 16.08
N TYR E 130 -5.31 28.31 16.17
CA TYR E 130 -6.74 28.09 16.03
C TYR E 130 -7.53 28.93 17.03
N PHE E 131 -7.11 28.91 18.28
CA PHE E 131 -7.80 29.68 19.32
C PHE E 131 -7.50 31.16 19.19
N TYR E 132 -6.25 31.49 18.91
CA TYR E 132 -5.83 32.88 18.71
C TYR E 132 -6.69 33.57 17.64
N GLU E 133 -6.89 32.85 16.54
CA GLU E 133 -7.67 33.35 15.41
C GLU E 133 -9.13 33.53 15.79
N ARG E 134 -9.70 32.56 16.51
CA ARG E 134 -11.10 32.64 16.89
C ARG E 134 -11.34 33.70 17.97
N ILE E 135 -10.37 33.88 18.86
CA ILE E 135 -10.44 34.98 19.81
C ILE E 135 -10.45 36.33 19.09
N LEU E 136 -9.55 36.52 18.13
CA LEU E 136 -9.46 37.78 17.40
C LEU E 136 -10.77 38.13 16.70
N GLY E 137 -11.36 37.14 16.04
CA GLY E 137 -12.63 37.31 15.38
C GLY E 137 -13.73 37.72 16.34
N SER E 138 -13.74 37.12 17.53
CA SER E 138 -14.78 37.41 18.52
C SER E 138 -14.68 38.85 19.03
N LEU E 139 -13.47 39.38 19.12
CA LEU E 139 -13.26 40.69 19.70
C LEU E 139 -13.81 41.79 18.79
N ILE E 140 -13.91 41.49 17.50
CA ILE E 140 -14.44 42.46 16.53
C ILE E 140 -15.76 42.00 15.91
N ASP E 141 -16.33 40.92 16.43
CA ASP E 141 -17.64 40.45 15.99
C ASP E 141 -17.64 40.07 14.50
N GLU E 142 -16.57 39.42 14.06
CA GLU E 142 -16.46 38.91 12.69
C GLU E 142 -16.38 37.39 12.74
N PRO E 143 -17.53 36.71 12.57
CA PRO E 143 -17.56 35.25 12.73
C PRO E 143 -16.70 34.49 11.72
N ASN E 144 -16.37 35.14 10.60
CA ASN E 144 -15.61 34.49 9.53
C ASN E 144 -14.19 35.03 9.44
N PHE E 145 -13.73 35.65 10.52
CA PHE E 145 -12.39 36.23 10.55
C PHE E 145 -11.30 35.20 10.31
N ALA E 146 -10.30 35.59 9.54
CA ALA E 146 -9.15 34.74 9.26
C ALA E 146 -7.87 35.54 9.36
N LEU E 147 -6.82 34.89 9.86
CA LEU E 147 -5.48 35.49 9.93
C LEU E 147 -4.85 35.69 8.56
N PRO E 148 -3.95 36.66 8.44
CA PRO E 148 -3.03 36.59 7.30
C PRO E 148 -1.94 35.53 7.53
N TYR E 149 -1.22 35.16 6.47
CA TYR E 149 -0.02 34.33 6.64
C TYR E 149 1.10 34.93 5.81
N TRP E 150 2.32 34.83 6.33
CA TRP E 150 3.50 35.36 5.66
C TRP E 150 3.99 34.36 4.62
N LYS E 151 3.65 34.59 3.37
CA LYS E 151 3.91 33.62 2.31
C LYS E 151 5.32 33.76 1.76
N TRP E 152 6.32 33.46 2.60
CA TRP E 152 7.72 33.61 2.19
C TRP E 152 8.22 32.49 1.27
N ASP E 153 7.32 31.59 0.85
CA ASP E 153 7.66 30.57 -0.14
C ASP E 153 7.45 31.10 -1.56
N GLU E 154 6.85 32.29 -1.67
CA GLU E 154 6.62 32.94 -2.96
C GLU E 154 7.37 34.27 -2.99
N PRO E 155 8.10 34.56 -4.09
CA PRO E 155 8.92 35.78 -4.15
C PRO E 155 8.22 37.05 -3.68
N LYS E 156 7.01 37.29 -4.17
CA LYS E 156 6.25 38.48 -3.79
C LYS E 156 5.96 38.55 -2.29
N GLY E 157 5.96 37.39 -1.63
CA GLY E 157 5.63 37.32 -0.22
C GLY E 157 6.83 37.32 0.71
N MET E 158 8.03 37.31 0.14
CA MET E 158 9.26 37.20 0.94
C MET E 158 9.60 38.50 1.70
N PRO E 159 9.39 39.67 1.08
CA PRO E 159 9.56 40.88 1.89
C PRO E 159 8.56 40.92 3.05
N ILE E 160 9.00 41.25 4.26
CA ILE E 160 8.06 41.40 5.36
C ILE E 160 7.04 42.46 4.92
N SER E 161 5.76 42.16 5.14
CA SER E 161 4.68 43.00 4.63
C SER E 161 4.72 44.38 5.29
N ASN E 162 4.39 45.42 4.52
CA ASN E 162 4.42 46.77 5.06
C ASN E 162 3.37 46.97 6.16
N ILE E 163 2.40 46.06 6.24
CA ILE E 163 1.33 46.21 7.24
C ILE E 163 1.89 46.14 8.66
N PHE E 164 3.06 45.53 8.81
CA PHE E 164 3.68 45.37 10.12
C PHE E 164 4.58 46.53 10.51
N LEU E 165 4.79 47.46 9.57
CA LEU E 165 5.80 48.50 9.74
C LEU E 165 5.18 49.83 10.14
N GLY E 166 6.03 50.85 10.27
CA GLY E 166 5.58 52.17 10.70
C GLY E 166 6.04 52.49 12.11
N ASP E 167 5.11 52.92 12.96
CA ASP E 167 5.41 53.25 14.36
C ASP E 167 4.35 52.67 15.29
N ALA E 168 4.37 53.07 16.56
CA ALA E 168 3.47 52.48 17.55
C ALA E 168 1.99 52.73 17.24
N SER E 169 1.69 53.71 16.39
CA SER E 169 0.30 53.99 15.99
C SER E 169 -0.28 52.81 15.20
N ASN E 170 0.60 52.00 14.64
CA ASN E 170 0.22 50.76 13.99
C ASN E 170 0.22 49.62 15.03
N PRO E 171 -0.95 49.03 15.31
CA PRO E 171 -1.03 47.92 16.29
C PRO E 171 -0.17 46.70 15.92
N LEU E 172 0.20 46.60 14.65
CA LEU E 172 0.94 45.46 14.16
C LEU E 172 2.45 45.66 14.31
N TYR E 173 2.83 46.85 14.76
CA TYR E 173 4.23 47.22 14.92
C TYR E 173 4.84 46.65 16.20
N ASP E 174 6.14 46.39 16.16
CA ASP E 174 6.91 46.03 17.35
C ASP E 174 8.31 46.61 17.17
N GLN E 175 8.77 47.37 18.16
CA GLN E 175 10.06 48.04 18.06
C GLN E 175 11.22 47.04 18.18
N TYR E 176 10.97 45.91 18.82
CA TYR E 176 12.02 44.94 19.09
C TYR E 176 12.18 43.99 17.92
N ARG E 177 12.62 44.56 16.80
CA ARG E 177 12.98 43.81 15.61
C ARG E 177 14.35 44.29 15.12
N ASP E 178 15.04 43.44 14.39
CA ASP E 178 16.33 43.79 13.81
C ASP E 178 16.14 44.90 12.80
N ALA E 179 16.53 46.13 13.17
CA ALA E 179 16.28 47.30 12.35
C ALA E 179 16.95 47.22 10.98
N ASN E 180 18.15 46.65 10.93
CA ASN E 180 18.83 46.47 9.65
C ASN E 180 18.07 45.52 8.73
N HIS E 181 17.57 44.43 9.30
CA HIS E 181 16.81 43.45 8.53
C HIS E 181 15.46 44.02 8.06
N ILE E 182 14.77 44.78 8.92
CA ILE E 182 13.52 45.41 8.52
C ILE E 182 13.77 46.35 7.34
N GLU E 183 14.94 46.99 7.33
CA GLU E 183 15.29 47.86 6.22
C GLU E 183 15.54 47.03 4.95
N ASP E 184 16.17 45.87 5.10
CA ASP E 184 16.41 44.95 3.99
C ASP E 184 15.11 44.36 3.44
N ARG E 185 14.14 44.18 4.33
CA ARG E 185 12.79 43.69 4.01
C ARG E 185 12.73 42.20 3.64
N ILE E 186 13.59 41.74 2.74
CA ILE E 186 13.50 40.35 2.26
C ILE E 186 14.09 39.37 3.28
N VAL E 187 13.24 38.51 3.83
CA VAL E 187 13.68 37.54 4.81
C VAL E 187 14.67 36.56 4.20
N ASP E 188 15.61 36.11 5.02
CA ASP E 188 16.57 35.08 4.64
C ASP E 188 16.18 33.78 5.33
N LEU E 189 15.52 32.88 4.61
CA LEU E 189 15.08 31.60 5.19
C LEU E 189 16.25 30.69 5.53
N ASP E 190 17.45 31.08 5.10
CA ASP E 190 18.68 30.34 5.38
C ASP E 190 19.53 31.10 6.39
N TYR E 191 18.94 32.10 7.06
CA TYR E 191 19.70 32.94 7.97
C TYR E 191 20.27 32.13 9.13
N ASP E 192 21.58 32.28 9.37
CA ASP E 192 22.27 31.56 10.43
C ASP E 192 23.06 32.49 11.33
N GLY E 193 22.70 33.77 11.34
CA GLY E 193 23.29 34.73 12.25
C GLY E 193 24.34 35.60 11.60
N LYS E 194 24.65 35.35 10.34
CA LYS E 194 25.55 36.21 9.58
C LYS E 194 24.83 36.71 8.33
N ASP E 195 24.80 38.03 8.14
CA ASP E 195 24.18 38.60 6.96
C ASP E 195 24.87 38.10 5.70
N LYS E 196 24.08 37.66 4.74
CA LYS E 196 24.58 37.36 3.41
C LYS E 196 24.65 38.65 2.62
N ASP E 197 25.80 38.93 2.04
CA ASP E 197 25.97 40.13 1.23
C ASP E 197 25.64 39.81 -0.22
N ILE E 198 24.37 39.46 -0.48
CA ILE E 198 23.95 39.04 -1.82
C ILE E 198 22.78 39.84 -2.36
N PRO E 199 22.64 39.92 -3.69
CA PRO E 199 21.51 40.63 -4.30
C PRO E 199 20.14 40.06 -3.91
N ASP E 200 19.12 40.89 -3.94
CA ASP E 200 17.76 40.48 -3.61
C ASP E 200 17.32 39.25 -4.40
N GLN E 201 17.52 39.27 -5.71
CA GLN E 201 17.06 38.18 -6.55
C GLN E 201 17.77 36.87 -6.23
N GLN E 202 19.01 36.95 -5.74
CA GLN E 202 19.70 35.75 -5.29
C GLN E 202 19.12 35.27 -3.94
N GLN E 203 18.75 36.21 -3.08
CA GLN E 203 18.11 35.83 -1.81
C GLN E 203 16.78 35.14 -2.07
N VAL E 204 16.05 35.60 -3.08
CA VAL E 204 14.81 34.95 -3.49
C VAL E 204 15.09 33.49 -3.83
N ALA E 205 16.13 33.27 -4.62
CA ALA E 205 16.50 31.92 -5.04
C ALA E 205 16.93 31.07 -3.84
N CYS E 206 17.70 31.67 -2.93
CA CYS E 206 18.11 30.99 -1.72
C CYS E 206 16.87 30.53 -0.94
N ASN E 207 15.87 31.40 -0.86
CA ASN E 207 14.64 31.07 -0.14
C ASN E 207 13.84 29.95 -0.79
N LEU E 208 13.78 29.95 -2.13
CA LEU E 208 13.11 28.88 -2.85
C LEU E 208 13.79 27.55 -2.56
N SER E 209 15.12 27.57 -2.63
CA SER E 209 15.92 26.38 -2.39
C SER E 209 15.71 25.84 -0.98
N THR E 210 15.51 26.76 -0.04
CA THR E 210 15.27 26.40 1.36
C THR E 210 13.92 25.74 1.58
N VAL E 211 12.88 26.28 0.96
CA VAL E 211 11.55 25.69 1.10
C VAL E 211 11.55 24.30 0.46
N TYR E 212 12.21 24.17 -0.67
CA TYR E 212 12.36 22.87 -1.34
C TYR E 212 13.16 21.89 -0.47
N ARG E 213 14.20 22.39 0.18
CA ARG E 213 14.99 21.57 1.09
C ARG E 213 14.13 21.02 2.23
N ASP E 214 13.37 21.92 2.86
CA ASP E 214 12.61 21.56 4.04
C ASP E 214 11.42 20.64 3.74
N LEU E 215 10.76 20.84 2.59
CA LEU E 215 9.54 20.09 2.28
C LEU E 215 9.74 18.86 1.39
N VAL E 216 10.83 18.81 0.65
CA VAL E 216 11.05 17.72 -0.29
C VAL E 216 12.34 16.98 0.04
N ARG E 217 13.46 17.68 0.02
CA ARG E 217 14.77 17.04 0.17
C ARG E 217 14.96 16.42 1.56
N ASN E 218 14.55 17.13 2.60
CA ASN E 218 14.77 16.67 3.97
C ASN E 218 13.50 16.17 4.68
N GLY E 219 12.34 16.68 4.31
CA GLY E 219 11.08 16.21 4.87
C GLY E 219 10.60 14.93 4.17
N VAL E 220 11.35 13.85 4.31
CA VAL E 220 11.11 12.66 3.49
C VAL E 220 10.14 11.67 4.12
N ASP E 221 9.81 11.86 5.38
CA ASP E 221 8.91 10.94 6.08
C ASP E 221 8.43 11.64 7.34
N PRO E 222 7.47 11.04 8.06
CA PRO E 222 6.92 11.80 9.19
C PRO E 222 7.97 12.17 10.25
N THR E 223 8.89 11.26 10.52
CA THR E 223 9.91 11.54 11.53
C THR E 223 10.81 12.71 11.13
N SER E 224 11.16 12.80 9.85
N SER E 224 11.16 12.78 9.85
CA SER E 224 12.08 13.83 9.39
CA SER E 224 12.06 13.83 9.36
C SER E 224 11.37 15.18 9.19
C SER E 224 11.36 15.18 9.27
N PHE E 225 10.07 15.15 8.92
CA PHE E 225 9.29 16.38 8.76
C PHE E 225 8.75 16.93 10.09
N PHE E 226 8.05 16.10 10.85
CA PHE E 226 7.44 16.55 12.10
C PHE E 226 8.45 16.66 13.25
N GLY E 227 9.48 15.82 13.24
CA GLY E 227 10.47 15.81 14.30
C GLY E 227 10.41 14.51 15.09
N GLY E 228 11.37 14.32 15.99
CA GLY E 228 11.50 13.07 16.70
C GLY E 228 10.36 12.78 17.66
N LYS E 229 10.17 11.49 17.94
CA LYS E 229 9.20 11.01 18.90
C LYS E 229 9.57 11.52 20.30
N TYR E 230 8.59 12.04 21.00
CA TYR E 230 8.78 12.64 22.31
C TYR E 230 7.58 12.28 23.18
N VAL E 231 7.83 11.57 24.27
CA VAL E 231 6.76 11.02 25.08
C VAL E 231 7.00 11.27 26.57
N ALA E 232 6.02 10.94 27.39
CA ALA E 232 6.14 11.12 28.85
C ALA E 232 7.38 10.38 29.32
N GLY E 233 8.17 11.05 30.16
CA GLY E 233 9.43 10.50 30.63
C GLY E 233 10.64 11.07 29.90
N ASP E 234 10.41 11.64 28.72
CA ASP E 234 11.49 12.24 27.94
C ASP E 234 11.85 13.63 28.44
N SER E 235 13.15 13.89 28.50
CA SER E 235 13.69 15.21 28.78
C SER E 235 13.60 16.11 27.56
N PRO E 236 13.61 17.44 27.76
CA PRO E 236 13.48 18.37 26.64
C PRO E 236 14.60 18.24 25.61
N VAL E 237 14.23 18.17 24.34
CA VAL E 237 15.20 18.12 23.26
C VAL E 237 15.78 19.52 23.04
N ALA E 238 17.09 19.58 22.87
CA ALA E 238 17.79 20.85 22.73
C ALA E 238 17.59 21.48 21.35
N ASN E 239 17.61 22.80 21.31
CA ASN E 239 17.62 23.53 20.05
C ASN E 239 18.79 23.06 19.23
N GLY E 240 18.56 22.78 17.95
CA GLY E 240 19.61 22.33 17.07
C GLY E 240 19.90 20.84 17.11
N ASP E 241 19.16 20.07 17.92
CA ASP E 241 19.34 18.62 17.99
C ASP E 241 19.10 18.02 16.60
N PRO E 242 19.83 16.95 16.26
CA PRO E 242 19.63 16.32 14.95
C PRO E 242 18.21 15.83 14.68
N SER E 243 17.45 15.49 15.73
CA SER E 243 16.11 14.91 15.57
C SER E 243 15.00 15.93 15.28
N VAL E 244 15.33 17.21 15.37
CA VAL E 244 14.34 18.26 15.13
C VAL E 244 13.91 18.17 13.67
N GLY E 245 12.62 18.39 13.41
CA GLY E 245 12.09 18.25 12.07
C GLY E 245 12.61 19.32 11.12
N SER E 246 12.39 19.09 9.82
CA SER E 246 13.04 19.89 8.78
C SER E 246 12.59 21.34 8.79
N VAL E 247 11.28 21.58 8.88
CA VAL E 247 10.78 22.95 8.85
C VAL E 247 11.17 23.67 10.13
N GLU E 248 10.99 23.00 11.27
CA GLU E 248 11.27 23.65 12.56
C GLU E 248 12.73 24.09 12.64
N ALA E 249 13.63 23.19 12.26
CA ALA E 249 15.08 23.47 12.33
C ALA E 249 15.56 24.40 11.23
N GLY E 250 14.79 24.48 10.15
CA GLY E 250 15.20 25.22 8.96
C GLY E 250 14.56 26.59 8.84
N SER E 251 13.69 26.74 7.84
CA SER E 251 13.07 28.03 7.56
C SER E 251 12.43 28.65 8.80
N HS8 E 252 11.80 27.82 9.63
CA HS8 E 252 11.17 28.31 10.85
CB HS8 E 252 10.54 27.20 11.71
CG HS8 E 252 9.99 27.77 12.95
ND1 HS8 E 252 8.92 28.68 12.97
CE1 HS8 E 252 8.63 29.03 14.24
NE2 HS8 E 252 9.49 28.37 15.09
CD2 HS8 E 252 10.35 27.56 14.29
C HS8 E 252 12.11 29.07 11.77
O HS8 E 252 11.90 30.22 12.20
O3 HS8 E 252 10.54 29.27 17.18
S HS8 E 252 9.46 28.52 16.82
O1 HS8 E 252 8.15 28.69 17.15
O2 HS8 E 252 9.84 26.99 17.23
N THR E 253 13.21 28.39 12.09
CA THR E 253 14.24 28.96 12.95
C THR E 253 14.89 30.20 12.31
N ALA E 254 15.14 30.14 11.00
CA ALA E 254 15.77 31.26 10.32
C ALA E 254 14.94 32.55 10.47
N VAL E 255 13.62 32.45 10.32
CA VAL E 255 12.79 33.65 10.36
C VAL E 255 12.84 34.29 11.74
N HIS E 256 12.76 33.47 12.78
CA HIS E 256 12.85 33.97 14.14
C HIS E 256 14.19 34.66 14.43
N ARG E 257 15.28 34.05 14.01
CA ARG E 257 16.60 34.64 14.22
C ARG E 257 16.73 35.95 13.45
N TRP E 258 16.21 35.96 12.23
CA TRP E 258 16.30 37.12 11.36
C TRP E 258 15.49 38.33 11.86
N VAL E 259 14.27 38.10 12.35
CA VAL E 259 13.41 39.21 12.79
C VAL E 259 13.82 39.70 14.18
N GLY E 260 14.32 38.81 15.02
CA GLY E 260 14.72 39.17 16.38
C GLY E 260 15.80 40.23 16.42
N ASP E 261 15.71 41.15 17.38
CA ASP E 261 16.62 42.28 17.48
C ASP E 261 17.94 41.91 18.20
N PRO E 262 19.07 41.87 17.46
CA PRO E 262 20.32 41.42 18.07
C PRO E 262 20.87 42.37 19.16
N THR E 263 20.34 43.57 19.27
CA THR E 263 20.78 44.49 20.31
C THR E 263 20.08 44.20 21.65
N GLN E 264 19.14 43.27 21.65
CA GLN E 264 18.45 42.93 22.89
C GLN E 264 19.12 41.73 23.58
N PRO E 265 18.99 41.61 24.91
CA PRO E 265 19.63 40.60 25.76
C PRO E 265 19.42 39.14 25.32
N ASN E 266 18.23 38.83 24.83
CA ASN E 266 17.94 37.48 24.31
C ASN E 266 17.40 37.55 22.90
N ASN E 267 17.80 38.60 22.19
CA ASN E 267 17.32 38.87 20.84
C ASN E 267 15.79 38.98 20.78
N GLU E 268 15.22 39.53 21.85
CA GLU E 268 13.78 39.79 21.87
C GLU E 268 13.40 40.68 20.69
N ASP E 269 12.18 40.56 20.16
CA ASP E 269 11.15 39.63 20.65
C ASP E 269 11.21 38.27 19.96
N MET E 270 11.26 38.26 18.63
CA MET E 270 11.19 37.00 17.87
C MET E 270 12.38 36.06 18.08
N GLY E 271 13.50 36.58 18.57
CA GLY E 271 14.72 35.80 18.68
C GLY E 271 14.77 34.80 19.83
N ASN E 272 13.71 34.75 20.64
CA ASN E 272 13.60 33.74 21.68
C ASN E 272 12.14 33.34 21.88
N PHE E 273 11.91 32.05 22.15
CA PHE E 273 10.57 31.53 22.38
C PHE E 273 9.78 32.39 23.36
N TYR E 274 10.42 32.80 24.45
CA TYR E 274 9.69 33.34 25.59
C TYR E 274 9.09 34.72 25.27
N SER E 275 9.69 35.41 24.29
CA SER E 275 9.29 36.77 23.94
C SER E 275 8.66 36.90 22.55
N ALA E 276 8.70 35.83 21.77
CA ALA E 276 8.36 35.89 20.35
C ALA E 276 6.91 36.35 20.13
N GLY E 277 6.02 35.90 21.00
CA GLY E 277 4.61 36.22 20.85
C GLY E 277 4.28 37.69 21.09
N TYR E 278 5.24 38.47 21.58
CA TYR E 278 4.99 39.90 21.74
C TYR E 278 5.08 40.64 20.41
N ASP E 279 5.58 39.96 19.38
CA ASP E 279 5.60 40.52 18.04
C ASP E 279 4.40 39.98 17.25
N PRO E 280 3.49 40.88 16.81
CA PRO E 280 2.34 40.39 16.03
C PRO E 280 2.75 39.51 14.82
N VAL E 281 3.91 39.75 14.22
CA VAL E 281 4.29 38.97 13.03
C VAL E 281 4.60 37.50 13.38
N PHE E 282 4.88 37.24 14.65
CA PHE E 282 5.12 35.87 15.13
C PHE E 282 4.04 34.91 14.67
N TYR E 283 2.79 35.32 14.85
CA TYR E 283 1.63 34.47 14.53
C TYR E 283 1.43 34.32 13.03
N ILE E 284 1.84 35.34 12.28
CA ILE E 284 1.58 35.39 10.84
C ILE E 284 2.65 34.58 10.12
N HIS E 285 3.88 34.66 10.64
CA HIS E 285 4.90 33.71 10.23
C HIS E 285 4.45 32.29 10.54
N HIS E 286 3.90 32.07 11.74
CA HIS E 286 3.54 30.72 12.12
C HIS E 286 2.33 30.22 11.33
N ALA E 287 1.47 31.13 10.89
CA ALA E 287 0.36 30.71 10.03
C ALA E 287 0.89 30.11 8.71
N ASN E 288 1.99 30.63 8.17
CA ASN E 288 2.57 29.98 7.00
C ASN E 288 3.31 28.69 7.36
N VAL E 289 3.88 28.60 8.56
CA VAL E 289 4.44 27.32 9.00
C VAL E 289 3.31 26.29 9.08
N ASP E 290 2.15 26.71 9.59
CA ASP E 290 0.97 25.84 9.62
C ASP E 290 0.59 25.38 8.19
N ARG E 291 0.65 26.32 7.26
CA ARG E 291 0.39 26.02 5.85
C ARG E 291 1.41 25.04 5.25
N MET E 292 2.65 25.06 5.74
CA MET E 292 3.66 24.13 5.24
C MET E 292 3.24 22.70 5.48
N TRP E 293 2.57 22.45 6.61
CA TRP E 293 2.07 21.11 6.93
C TRP E 293 1.04 20.68 5.87
N LYS E 294 0.08 21.54 5.61
CA LYS E 294 -0.87 21.30 4.53
C LYS E 294 -0.18 21.02 3.19
N LEU E 295 0.70 21.93 2.79
CA LEU E 295 1.45 21.79 1.53
C LEU E 295 2.21 20.46 1.45
N TRP E 296 2.85 20.10 2.55
CA TRP E 296 3.64 18.87 2.61
C TRP E 296 2.81 17.63 2.31
N LYS E 297 1.62 17.58 2.86
CA LYS E 297 0.71 16.47 2.56
C LYS E 297 0.17 16.55 1.13
N GLU E 298 -0.13 17.76 0.67
CA GLU E 298 -0.67 17.94 -0.66
C GLU E 298 0.33 17.60 -1.75
N LEU E 299 1.61 17.53 -1.39
CA LEU E 299 2.63 17.13 -2.36
C LEU E 299 2.40 15.69 -2.81
N ARG E 300 1.81 14.89 -1.94
N ARG E 300 1.83 14.89 -1.92
CA ARG E 300 1.49 13.50 -2.25
CA ARG E 300 1.50 13.49 -2.25
C ARG E 300 2.75 12.73 -2.66
C ARG E 300 2.74 12.72 -2.65
N LEU E 301 3.85 13.03 -1.97
CA LEU E 301 5.09 12.31 -2.16
C LEU E 301 5.15 11.16 -1.17
N PRO E 302 5.98 10.15 -1.44
CA PRO E 302 6.10 9.01 -0.52
C PRO E 302 6.56 9.46 0.87
N GLY E 303 5.90 8.97 1.91
CA GLY E 303 6.22 9.34 3.26
C GLY E 303 5.56 10.62 3.75
N HIS E 304 4.83 11.33 2.88
CA HIS E 304 4.17 12.56 3.30
C HIS E 304 2.78 12.26 3.84
N VAL E 305 2.78 11.64 5.01
CA VAL E 305 1.56 11.19 5.65
C VAL E 305 1.58 11.64 7.11
N ASP E 306 0.41 11.66 7.72
CA ASP E 306 0.31 12.10 9.10
C ASP E 306 0.71 10.97 10.05
N ILE E 307 1.08 11.35 11.26
CA ILE E 307 1.51 10.40 12.29
C ILE E 307 0.33 9.59 12.82
N THR E 308 0.56 8.30 13.08
CA THR E 308 -0.48 7.40 13.57
C THR E 308 -0.12 6.73 14.91
N ASP E 309 1.00 7.13 15.50
CA ASP E 309 1.42 6.63 16.81
C ASP E 309 0.47 7.17 17.88
N PRO E 310 -0.13 6.27 18.71
CA PRO E 310 -1.04 6.76 19.75
C PRO E 310 -0.42 7.75 20.75
N ASP E 311 0.89 7.68 20.97
CA ASP E 311 1.51 8.59 21.92
C ASP E 311 1.67 9.99 21.32
N TRP E 312 1.43 10.13 20.02
CA TRP E 312 1.29 11.45 19.40
C TRP E 312 -0.18 11.83 19.33
N LEU E 313 -1.01 10.93 18.81
CA LEU E 313 -2.43 11.19 18.63
C LEU E 313 -3.09 11.69 19.90
N ASN E 314 -2.70 11.10 21.02
CA ASN E 314 -3.36 11.33 22.29
C ASN E 314 -2.64 12.35 23.18
N ALA E 315 -1.60 12.98 22.66
CA ALA E 315 -0.96 14.07 23.39
C ALA E 315 -1.90 15.27 23.38
N SER E 316 -1.91 16.05 24.46
CA SER E 316 -2.87 17.15 24.58
C SER E 316 -2.34 18.38 25.28
N TYR E 317 -2.96 19.51 24.96
CA TYR E 317 -2.66 20.82 25.54
C TYR E 317 -3.95 21.47 26.04
N VAL E 318 -3.79 22.56 26.79
CA VAL E 318 -4.92 23.32 27.31
C VAL E 318 -4.79 24.79 26.92
N PHE E 319 -5.86 25.32 26.34
CA PHE E 319 -5.95 26.72 25.94
C PHE E 319 -7.27 27.36 26.40
N TYR E 320 -7.21 28.64 26.72
CA TYR E 320 -8.42 29.47 26.78
C TYR E 320 -8.97 29.76 25.39
N ASP E 321 -10.29 29.70 25.25
CA ASP E 321 -10.96 30.10 24.01
C ASP E 321 -11.63 31.47 24.13
N GLU E 322 -12.46 31.81 23.14
CA GLU E 322 -12.99 33.17 23.04
C GLU E 322 -14.10 33.45 24.07
N ASN E 323 -14.62 32.39 24.69
CA ASN E 323 -15.57 32.54 25.80
C ASN E 323 -14.87 32.50 27.16
N LYS E 324 -13.54 32.55 27.14
CA LYS E 324 -12.73 32.41 28.33
C LYS E 324 -12.94 31.06 29.01
N ASP E 325 -13.35 30.06 28.24
CA ASP E 325 -13.40 28.68 28.74
C ASP E 325 -12.07 27.98 28.53
N LEU E 326 -11.71 27.08 29.46
CA LEU E 326 -10.54 26.24 29.31
C LEU E 326 -10.89 25.01 28.49
N VAL E 327 -10.10 24.74 27.46
CA VAL E 327 -10.35 23.63 26.55
C VAL E 327 -9.12 22.74 26.44
N ARG E 328 -9.32 21.43 26.58
CA ARG E 328 -8.26 20.47 26.31
C ARG E 328 -8.38 19.99 24.86
N VAL E 329 -7.27 20.05 24.14
CA VAL E 329 -7.25 19.63 22.73
C VAL E 329 -6.18 18.57 22.49
N TYR E 330 -6.45 17.67 21.53
CA TYR E 330 -5.58 16.54 21.22
C TYR E 330 -4.97 16.65 19.83
N ASN E 331 -3.75 16.17 19.66
CA ASN E 331 -3.10 16.21 18.33
C ASN E 331 -3.97 15.59 17.26
N LYS E 332 -4.65 14.51 17.60
CA LYS E 332 -5.38 13.73 16.61
C LYS E 332 -6.48 14.56 15.96
N ASP E 333 -6.95 15.58 16.68
CA ASP E 333 -8.11 16.32 16.23
C ASP E 333 -7.78 17.54 15.37
N CYS E 334 -6.49 17.82 15.13
CA CYS E 334 -6.15 18.98 14.30
C CYS E 334 -5.63 18.62 12.93
N VAL E 335 -5.63 17.34 12.57
CA VAL E 335 -5.04 16.92 11.29
C VAL E 335 -5.88 17.29 10.07
N ASN E 336 -7.18 17.48 10.25
CA ASN E 336 -8.11 17.79 9.15
C ASN E 336 -8.58 19.24 9.20
N LEU E 337 -8.11 20.06 8.27
CA LEU E 337 -8.43 21.48 8.24
C LEU E 337 -9.91 21.77 7.96
N ASP E 338 -10.57 20.89 7.23
CA ASP E 338 -11.99 21.09 6.96
C ASP E 338 -12.78 21.06 8.28
N LYS E 339 -12.40 20.16 9.18
CA LYS E 339 -13.12 20.03 10.45
C LYS E 339 -12.78 21.16 11.42
N LEU E 340 -11.65 21.83 11.22
CA LEU E 340 -11.33 23.01 12.02
C LEU E 340 -11.86 24.28 11.36
N LYS E 341 -12.42 24.14 10.17
CA LYS E 341 -13.13 25.22 9.50
C LYS E 341 -12.23 26.39 9.13
N TYR E 342 -10.99 26.12 8.74
CA TYR E 342 -10.20 27.15 8.09
C TYR E 342 -9.35 26.54 7.01
N ASN E 343 -8.89 27.38 6.11
CA ASN E 343 -7.90 26.98 5.13
C ASN E 343 -7.12 28.20 4.69
N PHE E 344 -6.45 28.09 3.55
CA PHE E 344 -5.57 29.16 3.07
C PHE E 344 -5.93 29.52 1.64
N ILE E 345 -5.93 30.81 1.33
CA ILE E 345 -6.12 31.26 -0.05
C ILE E 345 -4.86 30.96 -0.87
N GLU E 346 -4.97 30.03 -1.81
CA GLU E 346 -3.84 29.64 -2.67
C GLU E 346 -3.94 30.27 -4.05
N ASN E 347 -2.82 30.31 -4.77
CA ASN E 347 -2.83 30.82 -6.14
C ASN E 347 -3.65 29.91 -7.05
N THR F 6 23.68 26.94 -6.29
CA THR F 6 24.06 27.12 -4.89
C THR F 6 23.79 28.56 -4.41
N PRO F 7 22.55 29.02 -4.57
CA PRO F 7 22.18 30.44 -4.42
C PRO F 7 22.34 30.97 -3.00
N CYS F 8 22.48 30.08 -2.02
CA CYS F 8 22.68 30.51 -0.64
C CYS F 8 24.18 30.69 -0.36
N ASP F 9 24.98 30.72 -1.42
CA ASP F 9 26.44 30.81 -1.32
C ASP F 9 27.03 29.64 -0.56
N ALA G 1 -5.50 24.15 -13.16
CA ALA G 1 -6.73 24.71 -12.61
C ALA G 1 -7.93 23.95 -13.14
N PRO G 2 -8.95 23.80 -12.29
CA PRO G 2 -10.14 22.99 -12.60
C PRO G 2 -11.11 23.69 -13.55
N ILE G 3 -11.73 22.90 -14.42
CA ILE G 3 -12.83 23.38 -15.23
C ILE G 3 -13.97 23.83 -14.32
N THR G 4 -14.49 25.03 -14.58
CA THR G 4 -15.45 25.66 -13.71
C THR G 4 -16.56 26.29 -14.53
N ALA G 5 -17.78 25.75 -14.43
CA ALA G 5 -18.89 26.32 -15.15
C ALA G 5 -19.08 27.77 -14.70
N PRO G 6 -19.40 28.67 -15.64
CA PRO G 6 -19.67 30.06 -15.26
C PRO G 6 -21.08 30.18 -14.72
N ASP G 7 -21.50 31.40 -14.45
CA ASP G 7 -22.91 31.67 -14.21
C ASP G 7 -23.62 31.41 -15.52
N ILE G 8 -24.20 30.21 -15.63
CA ILE G 8 -24.80 29.72 -16.87
C ILE G 8 -26.02 30.52 -17.31
N THR G 9 -26.59 31.30 -16.40
CA THR G 9 -27.75 32.13 -16.73
C THR G 9 -27.34 33.49 -17.25
N SER G 10 -26.04 33.78 -17.23
CA SER G 10 -25.52 35.08 -17.59
C SER G 10 -24.56 35.00 -18.79
N ILE G 11 -23.76 33.94 -18.84
CA ILE G 11 -22.84 33.73 -19.95
C ILE G 11 -23.15 32.40 -20.62
N CYS G 12 -23.82 32.49 -21.77
CA CYS G 12 -24.22 31.30 -22.50
C CYS G 12 -24.46 31.69 -23.95
N LYS G 13 -24.21 30.76 -24.87
CA LYS G 13 -24.44 31.01 -26.29
C LYS G 13 -25.04 29.77 -26.92
N ASP G 14 -25.63 29.94 -28.10
CA ASP G 14 -26.26 28.84 -28.82
C ASP G 14 -25.24 27.74 -29.10
N ALA G 15 -25.68 26.50 -28.97
CA ALA G 15 -24.83 25.36 -29.28
C ALA G 15 -24.46 25.38 -30.75
N SER G 16 -23.17 25.17 -31.04
CA SER G 16 -22.70 25.21 -32.42
C SER G 16 -21.49 24.33 -32.67
N SER G 17 -21.23 23.37 -31.79
CA SER G 17 -20.16 22.41 -32.01
C SER G 17 -20.70 20.99 -31.87
N GLY G 18 -20.17 20.08 -32.68
CA GLY G 18 -20.55 18.68 -32.62
C GLY G 18 -21.85 18.35 -33.36
N ILE G 19 -22.38 19.31 -34.10
CA ILE G 19 -23.60 19.12 -34.87
C ILE G 19 -23.29 19.24 -36.36
N GLY G 20 -23.21 18.10 -37.03
CA GLY G 20 -22.79 18.06 -38.42
C GLY G 20 -23.74 18.77 -39.38
N ASN G 21 -25.03 18.73 -39.09
CA ASN G 21 -26.05 19.33 -39.96
C ASN G 21 -26.94 20.28 -39.17
N GLN G 22 -26.53 21.55 -39.08
CA GLN G 22 -27.29 22.53 -38.31
C GLN G 22 -28.50 23.04 -39.07
N GLU G 23 -28.41 23.03 -40.39
CA GLU G 23 -29.50 23.52 -41.23
C GLU G 23 -30.75 22.64 -41.06
N GLY G 24 -30.54 21.32 -40.99
CA GLY G 24 -31.64 20.38 -40.92
C GLY G 24 -32.00 19.93 -39.51
N ALA G 25 -31.21 20.36 -38.53
CA ALA G 25 -31.40 19.95 -37.13
C ALA G 25 -32.86 20.02 -36.69
N ILE G 26 -33.38 18.92 -36.16
CA ILE G 26 -34.80 18.86 -35.83
C ILE G 26 -35.10 19.36 -34.42
N ARG G 27 -34.07 19.49 -33.60
CA ARG G 27 -34.20 20.12 -32.28
C ARG G 27 -33.48 21.46 -32.29
N THR G 28 -33.77 22.29 -31.29
CA THR G 28 -33.21 23.63 -31.25
C THR G 28 -31.75 23.61 -30.80
N ARG G 29 -31.00 24.63 -31.19
CA ARG G 29 -29.64 24.81 -30.68
C ARG G 29 -29.61 25.94 -29.64
N LYS G 30 -30.78 26.50 -29.34
CA LYS G 30 -30.90 27.50 -28.28
C LYS G 30 -31.11 26.80 -26.94
N CYS G 31 -30.00 26.29 -26.39
CA CYS G 31 -30.05 25.41 -25.23
C CYS G 31 -29.69 26.10 -23.92
N CYS G 32 -29.70 27.43 -23.90
CA CYS G 32 -29.29 28.13 -22.69
C CYS G 32 -30.38 28.02 -21.63
N PRO G 33 -29.99 27.97 -20.35
CA PRO G 33 -30.98 27.86 -19.28
C PRO G 33 -31.68 29.20 -19.01
N PRO G 34 -32.85 29.17 -18.35
CA PRO G 34 -33.58 30.40 -18.03
C PRO G 34 -32.95 31.18 -16.86
N SER G 35 -33.20 32.49 -16.80
CA SER G 35 -32.70 33.32 -15.70
C SER G 35 -33.81 33.58 -14.69
N LEU G 36 -33.61 33.16 -13.45
CA LEU G 36 -34.63 33.32 -12.41
C LEU G 36 -34.10 34.07 -11.19
N GLY G 37 -33.16 34.98 -11.43
CA GLY G 37 -32.65 35.86 -10.39
C GLY G 37 -32.08 35.15 -9.18
N LYS G 38 -31.89 33.84 -9.28
CA LYS G 38 -31.35 33.08 -8.17
C LYS G 38 -29.85 33.33 -8.04
N LYS G 39 -29.37 33.48 -6.82
CA LYS G 39 -27.94 33.44 -6.56
C LYS G 39 -27.49 32.00 -6.72
N ILE G 40 -26.24 31.79 -7.08
CA ILE G 40 -25.70 30.44 -7.16
C ILE G 40 -25.26 30.02 -5.77
N LYS G 41 -25.89 28.97 -5.24
CA LYS G 41 -25.60 28.51 -3.89
C LYS G 41 -24.75 27.24 -3.93
N ASP G 42 -23.95 27.04 -2.88
CA ASP G 42 -23.13 25.86 -2.76
C ASP G 42 -23.99 24.66 -2.38
N PHE G 43 -23.65 23.51 -2.96
CA PHE G 43 -24.34 22.26 -2.68
C PHE G 43 -24.33 21.91 -1.19
N GLN G 44 -25.47 21.45 -0.70
CA GLN G 44 -25.57 20.86 0.63
C GLN G 44 -26.01 19.41 0.50
N PHE G 45 -25.40 18.52 1.28
CA PHE G 45 -25.72 17.11 1.17
C PHE G 45 -27.15 16.85 1.65
N PRO G 46 -27.86 15.94 0.97
CA PRO G 46 -29.28 15.73 1.29
C PRO G 46 -29.51 15.08 2.65
N ASN G 47 -30.67 15.36 3.23
CA ASN G 47 -31.05 14.82 4.52
C ASN G 47 -32.14 13.76 4.39
N ASP G 48 -32.24 13.16 3.21
CA ASP G 48 -33.23 12.11 2.97
C ASP G 48 -33.15 11.05 4.06
N LYS G 49 -34.30 10.56 4.49
CA LYS G 49 -34.38 9.56 5.55
C LYS G 49 -34.10 8.17 4.99
N LYS G 50 -34.54 7.94 3.76
CA LYS G 50 -34.33 6.66 3.08
C LYS G 50 -33.46 6.85 1.85
N VAL G 51 -32.78 5.78 1.45
CA VAL G 51 -32.02 5.77 0.20
C VAL G 51 -32.94 5.42 -0.97
N ARG G 52 -32.97 6.30 -1.97
CA ARG G 52 -33.72 6.03 -3.19
C ARG G 52 -33.08 4.85 -3.89
N MET G 53 -33.88 3.86 -4.27
CA MET G 53 -33.32 2.64 -4.89
C MET G 53 -33.70 2.54 -6.38
N ARG G 54 -32.74 2.83 -7.24
CA ARG G 54 -32.98 2.76 -8.67
C ARG G 54 -33.21 1.31 -9.09
N TRP G 55 -34.16 1.10 -9.99
CA TRP G 55 -34.65 -0.24 -10.28
C TRP G 55 -34.38 -0.65 -11.74
N PRO G 56 -34.07 -1.95 -11.96
CA PRO G 56 -33.85 -2.40 -13.34
C PRO G 56 -35.09 -2.15 -14.18
N ALA G 57 -34.91 -1.53 -15.34
CA ALA G 57 -36.02 -1.09 -16.17
C ALA G 57 -36.90 -2.25 -16.64
N HIS G 58 -36.42 -3.47 -16.54
CA HIS G 58 -37.17 -4.64 -17.01
C HIS G 58 -37.82 -5.42 -15.87
N LYS G 59 -37.67 -4.94 -14.63
CA LYS G 59 -38.21 -5.62 -13.45
C LYS G 59 -38.84 -4.65 -12.47
N GLY G 60 -39.49 -3.61 -13.00
CA GLY G 60 -40.12 -2.63 -12.14
C GLY G 60 -41.44 -3.13 -11.57
N THR G 61 -41.71 -2.74 -10.32
CA THR G 61 -43.04 -2.96 -9.74
C THR G 61 -44.02 -2.00 -10.41
N LYS G 62 -45.32 -2.28 -10.25
CA LYS G 62 -46.36 -1.44 -10.83
C LYS G 62 -46.22 0.01 -10.37
N LYS G 63 -46.01 0.19 -9.07
CA LYS G 63 -45.84 1.53 -8.52
C LYS G 63 -44.60 2.22 -9.11
N GLN G 64 -43.50 1.49 -9.25
CA GLN G 64 -42.27 2.06 -9.80
C GLN G 64 -42.46 2.55 -11.23
N VAL G 65 -43.07 1.72 -12.07
CA VAL G 65 -43.32 2.10 -13.46
C VAL G 65 -44.33 3.25 -13.53
N ASP G 66 -45.43 3.12 -12.79
CA ASP G 66 -46.48 4.12 -12.78
C ASP G 66 -45.98 5.47 -12.28
N ASP G 67 -45.17 5.45 -11.22
CA ASP G 67 -44.62 6.69 -10.69
C ASP G 67 -43.74 7.37 -11.73
N TYR G 68 -42.89 6.57 -12.37
CA TYR G 68 -41.95 7.08 -13.37
C TYR G 68 -42.70 7.66 -14.57
N ARG G 69 -43.75 6.96 -15.03
CA ARG G 69 -44.56 7.46 -16.15
C ARG G 69 -45.23 8.77 -15.78
N ARG G 70 -45.81 8.81 -14.58
CA ARG G 70 -46.53 9.96 -14.12
C ARG G 70 -45.57 11.15 -13.99
N ALA G 71 -44.38 10.91 -13.47
CA ALA G 71 -43.42 11.99 -13.24
C ALA G 71 -42.94 12.58 -14.55
N ILE G 72 -42.72 11.72 -15.54
CA ILE G 72 -42.29 12.18 -16.85
C ILE G 72 -43.43 12.96 -17.50
N ALA G 73 -44.67 12.50 -17.34
CA ALA G 73 -45.82 13.24 -17.84
C ALA G 73 -45.89 14.62 -17.18
N ALA G 74 -45.66 14.64 -15.87
CA ALA G 74 -45.67 15.88 -15.10
C ALA G 74 -44.57 16.84 -15.58
N MET G 75 -43.43 16.28 -15.94
CA MET G 75 -42.31 17.08 -16.43
C MET G 75 -42.59 17.62 -17.83
N ARG G 76 -43.23 16.80 -18.66
CA ARG G 76 -43.67 17.23 -19.99
C ARG G 76 -44.72 18.34 -19.93
N ALA G 77 -45.47 18.40 -18.83
CA ALA G 77 -46.58 19.35 -18.71
C ALA G 77 -46.09 20.73 -18.28
N LEU G 78 -44.86 20.81 -17.78
CA LEU G 78 -44.31 22.09 -17.38
C LEU G 78 -44.03 22.96 -18.61
N PRO G 79 -44.16 24.29 -18.47
CA PRO G 79 -43.78 25.17 -19.59
C PRO G 79 -42.31 24.98 -19.87
N ASP G 80 -41.92 25.00 -21.14
CA ASP G 80 -40.53 24.73 -21.50
C ASP G 80 -39.55 25.64 -20.78
N ASP G 81 -39.97 26.87 -20.47
CA ASP G 81 -39.08 27.83 -19.82
C ASP G 81 -38.91 27.58 -18.32
N ASP G 82 -39.72 26.70 -17.74
CA ASP G 82 -39.45 26.19 -16.40
C ASP G 82 -38.18 25.32 -16.42
N PRO G 83 -37.19 25.62 -15.55
CA PRO G 83 -35.92 24.87 -15.62
C PRO G 83 -36.08 23.38 -15.33
N ARG G 84 -37.23 22.99 -14.77
CA ARG G 84 -37.50 21.59 -14.45
C ARG G 84 -38.20 20.87 -15.59
N SER G 85 -38.56 21.59 -16.65
CA SER G 85 -39.36 21.03 -17.73
C SER G 85 -38.61 19.98 -18.52
N PHE G 86 -39.36 19.17 -19.27
CA PHE G 86 -38.80 18.13 -20.12
C PHE G 86 -37.74 18.70 -21.07
N VAL G 87 -38.07 19.82 -21.70
CA VAL G 87 -37.20 20.44 -22.68
C VAL G 87 -36.00 21.13 -22.02
N SER G 88 -36.22 21.76 -20.87
CA SER G 88 -35.11 22.38 -20.15
C SER G 88 -34.10 21.32 -19.71
N GLN G 89 -34.59 20.19 -19.22
CA GLN G 89 -33.71 19.12 -18.80
C GLN G 89 -32.90 18.56 -19.98
N ALA G 90 -33.53 18.43 -21.14
CA ALA G 90 -32.83 18.02 -22.35
C ALA G 90 -31.78 19.04 -22.78
N LYS G 91 -32.10 20.32 -22.60
CA LYS G 91 -31.20 21.37 -23.06
C LYS G 91 -29.90 21.41 -22.26
N ILE G 92 -29.94 20.97 -21.00
CA ILE G 92 -28.74 20.90 -20.18
C ILE G 92 -27.66 20.14 -20.94
N HIS G 93 -28.04 19.01 -21.51
CA HIS G 93 -27.08 18.14 -22.16
C HIS G 93 -26.47 18.86 -23.36
N CYS G 94 -27.33 19.55 -24.11
CA CYS G 94 -26.90 20.31 -25.27
C CYS G 94 -25.92 21.42 -24.89
N ALA G 95 -26.24 22.16 -23.85
CA ALA G 95 -25.41 23.29 -23.44
C ALA G 95 -24.02 22.84 -23.00
N TYR G 96 -23.95 21.78 -22.20
CA TYR G 96 -22.66 21.31 -21.69
C TYR G 96 -21.89 20.44 -22.69
N CYS G 97 -22.56 19.89 -23.70
CA CYS G 97 -21.91 18.97 -24.65
C CYS G 97 -21.70 19.55 -26.04
N ASN G 98 -22.36 20.66 -26.36
CA ASN G 98 -22.28 21.23 -27.71
C ASN G 98 -21.91 22.71 -27.76
N GLY G 99 -21.24 23.17 -26.70
CA GLY G 99 -20.58 24.47 -26.73
C GLY G 99 -21.38 25.65 -26.22
N GLY G 100 -22.27 25.42 -25.27
CA GLY G 100 -23.01 26.50 -24.65
C GLY G 100 -22.19 27.44 -23.80
N TYR G 101 -21.15 26.90 -23.15
CA TYR G 101 -20.39 27.65 -22.15
C TYR G 101 -18.90 27.72 -22.46
N THR G 102 -18.24 28.74 -21.91
CA THR G 102 -16.80 28.93 -22.06
C THR G 102 -16.09 28.81 -20.72
N GLN G 103 -14.76 28.73 -20.78
CA GLN G 103 -13.93 28.70 -19.57
C GLN G 103 -13.59 30.13 -19.07
N VAL G 104 -14.50 31.06 -19.31
CA VAL G 104 -14.27 32.46 -18.92
C VAL G 104 -13.92 32.59 -17.43
N ASP G 105 -14.59 31.83 -16.56
CA ASP G 105 -14.33 31.93 -15.12
C ASP G 105 -12.94 31.40 -14.75
N SER G 106 -12.30 30.67 -15.66
CA SER G 106 -10.93 30.21 -15.44
C SER G 106 -9.90 31.09 -16.14
N GLY G 107 -10.36 32.17 -16.76
CA GLY G 107 -9.48 33.08 -17.46
C GLY G 107 -9.26 32.68 -18.91
N PHE G 108 -10.15 31.84 -19.44
CA PHE G 108 -10.05 31.38 -20.83
C PHE G 108 -11.37 31.57 -21.56
N PRO G 109 -11.79 32.83 -21.79
CA PRO G 109 -13.09 33.12 -22.38
C PRO G 109 -13.27 32.64 -23.84
N ASP G 110 -12.17 32.29 -24.50
CA ASP G 110 -12.21 31.88 -25.91
C ASP G 110 -12.27 30.36 -26.11
N ILE G 111 -12.31 29.62 -25.01
CA ILE G 111 -12.34 28.17 -25.08
C ILE G 111 -13.67 27.65 -24.54
N ASP G 112 -14.31 26.76 -25.26
CA ASP G 112 -15.55 26.15 -24.80
C ASP G 112 -15.30 25.18 -23.63
N ILE G 113 -16.32 25.00 -22.80
CA ILE G 113 -16.36 23.89 -21.88
C ILE G 113 -16.94 22.68 -22.59
N GLN G 114 -16.28 21.54 -22.44
CA GLN G 114 -16.83 20.27 -22.92
C GLN G 114 -16.69 19.27 -21.79
N ILE G 115 -17.79 18.62 -21.39
CA ILE G 115 -17.72 17.64 -20.30
C ILE G 115 -17.53 16.22 -20.84
N HIS G 116 -17.68 16.02 -22.15
CA HIS G 116 -17.44 14.70 -22.74
C HIS G 116 -15.98 14.48 -23.11
N ASN G 117 -15.63 13.20 -23.25
CA ASN G 117 -14.35 12.77 -23.81
C ASN G 117 -13.20 13.09 -22.88
N SER G 118 -13.47 13.03 -21.58
CA SER G 118 -12.46 13.30 -20.57
C SER G 118 -12.92 12.78 -19.23
N TRP G 119 -12.09 12.99 -18.22
CA TRP G 119 -12.40 12.54 -16.88
C TRP G 119 -13.64 13.23 -16.27
N LEU G 120 -14.19 14.25 -16.91
CA LEU G 120 -15.41 14.89 -16.39
C LEU G 120 -16.67 14.08 -16.69
N PHE G 121 -16.55 13.12 -17.61
CA PHE G 121 -17.71 12.38 -18.13
C PHE G 121 -18.58 11.76 -17.01
N PHE G 122 -18.00 10.94 -16.15
CA PHE G 122 -18.78 10.28 -15.11
C PHE G 122 -19.36 11.24 -14.07
N PRO G 123 -18.54 12.12 -13.48
CA PRO G 123 -19.14 12.96 -12.43
C PRO G 123 -20.18 13.95 -12.95
N PHE G 124 -20.00 14.48 -14.16
CA PHE G 124 -21.00 15.40 -14.70
C PHE G 124 -22.35 14.72 -14.81
N HIS G 125 -22.37 13.54 -15.42
CA HIS G 125 -23.63 12.85 -15.66
C HIS G 125 -24.24 12.33 -14.36
N ARG G 126 -23.41 12.05 -13.36
CA ARG G 126 -23.93 11.66 -12.06
C ARG G 126 -24.72 12.82 -11.43
N TRP G 127 -24.18 14.04 -11.52
CA TRP G 127 -24.83 15.21 -10.95
C TRP G 127 -26.10 15.55 -11.74
N TYR G 128 -25.98 15.52 -13.07
CA TYR G 128 -27.10 15.74 -13.99
C TYR G 128 -28.28 14.85 -13.62
N LEU G 129 -28.01 13.57 -13.42
CA LEU G 129 -29.05 12.61 -13.05
C LEU G 129 -29.53 12.81 -11.61
N TYR G 130 -28.63 13.25 -10.73
CA TYR G 130 -29.00 13.48 -9.33
C TYR G 130 -30.14 14.50 -9.25
N PHE G 131 -29.97 15.65 -9.91
CA PHE G 131 -31.00 16.69 -9.86
C PHE G 131 -32.23 16.30 -10.68
N TYR G 132 -32.02 15.64 -11.80
CA TYR G 132 -33.13 15.17 -12.65
C TYR G 132 -34.07 14.25 -11.87
N GLU G 133 -33.48 13.34 -11.11
CA GLU G 133 -34.24 12.36 -10.34
C GLU G 133 -35.01 13.05 -9.22
N ARG G 134 -34.36 14.00 -8.55
CA ARG G 134 -34.99 14.70 -7.43
C ARG G 134 -36.09 15.64 -7.93
N ILE G 135 -35.90 16.20 -9.12
CA ILE G 135 -36.93 16.99 -9.78
C ILE G 135 -38.17 16.15 -10.06
N LEU G 136 -38.00 15.02 -10.74
CA LEU G 136 -39.11 14.13 -11.05
C LEU G 136 -39.88 13.73 -9.81
N GLY G 137 -39.15 13.42 -8.75
CA GLY G 137 -39.76 13.03 -7.50
C GLY G 137 -40.63 14.14 -6.95
N SER G 138 -40.14 15.37 -7.00
CA SER G 138 -40.85 16.50 -6.45
C SER G 138 -42.15 16.76 -7.22
N LEU G 139 -42.12 16.51 -8.52
CA LEU G 139 -43.28 16.80 -9.38
C LEU G 139 -44.49 15.91 -9.08
N ILE G 140 -44.27 14.78 -8.42
CA ILE G 140 -45.37 13.87 -8.09
C ILE G 140 -45.46 13.65 -6.58
N ASP G 141 -44.74 14.47 -5.81
CA ASP G 141 -44.77 14.40 -4.36
C ASP G 141 -44.41 13.00 -3.85
N GLU G 142 -43.40 12.39 -4.48
CA GLU G 142 -42.86 11.11 -4.01
C GLU G 142 -41.44 11.32 -3.49
N PRO G 143 -41.29 11.48 -2.17
CA PRO G 143 -39.97 11.83 -1.62
C PRO G 143 -38.91 10.74 -1.80
N ASN G 144 -39.34 9.51 -2.07
CA ASN G 144 -38.41 8.39 -2.21
C ASN G 144 -38.34 7.88 -3.66
N PHE G 145 -38.73 8.72 -4.61
CA PHE G 145 -38.71 8.38 -6.02
C PHE G 145 -37.30 8.05 -6.53
N ALA G 146 -37.20 6.99 -7.33
CA ALA G 146 -35.94 6.63 -7.97
C ALA G 146 -36.15 6.29 -9.43
N LEU G 147 -35.15 6.65 -10.25
CA LEU G 147 -35.15 6.29 -11.66
C LEU G 147 -34.99 4.80 -11.88
N PRO G 148 -35.49 4.31 -13.03
CA PRO G 148 -35.02 3.00 -13.51
C PRO G 148 -33.63 3.11 -14.16
N TYR G 149 -32.95 1.99 -14.32
CA TYR G 149 -31.72 1.94 -15.09
C TYR G 149 -31.78 0.80 -16.09
N TRP G 150 -31.22 1.03 -17.27
CA TRP G 150 -31.23 0.03 -18.34
C TRP G 150 -30.08 -0.95 -18.12
N LYS G 151 -30.40 -2.11 -17.59
CA LYS G 151 -29.38 -3.08 -17.16
C LYS G 151 -28.89 -3.94 -18.32
N TRP G 152 -28.27 -3.31 -19.32
CA TRP G 152 -27.83 -4.05 -20.51
C TRP G 152 -26.58 -4.90 -20.26
N ASP G 153 -26.11 -4.92 -19.03
CA ASP G 153 -25.01 -5.82 -18.65
C ASP G 153 -25.52 -7.20 -18.29
N GLU G 154 -26.83 -7.33 -18.14
CA GLU G 154 -27.47 -8.60 -17.83
C GLU G 154 -28.37 -9.00 -19.00
N PRO G 155 -28.34 -10.29 -19.41
CA PRO G 155 -29.12 -10.75 -20.57
C PRO G 155 -30.58 -10.30 -20.64
N LYS G 156 -31.37 -10.55 -19.60
CA LYS G 156 -32.77 -10.11 -19.58
C LYS G 156 -32.91 -8.59 -19.69
N GLY G 157 -31.86 -7.86 -19.31
CA GLY G 157 -31.91 -6.42 -19.34
C GLY G 157 -31.50 -5.83 -20.67
N MET G 158 -30.99 -6.67 -21.56
CA MET G 158 -30.41 -6.18 -22.80
C MET G 158 -31.46 -5.67 -23.80
N PRO G 159 -32.61 -6.38 -23.92
CA PRO G 159 -33.64 -5.76 -24.76
C PRO G 159 -34.09 -4.42 -24.19
N ILE G 160 -34.29 -3.42 -25.04
CA ILE G 160 -34.86 -2.17 -24.56
C ILE G 160 -36.22 -2.49 -23.94
N SER G 161 -36.47 -1.95 -22.74
CA SER G 161 -37.65 -2.31 -21.98
C SER G 161 -38.92 -1.82 -22.67
N ASN G 162 -39.98 -2.62 -22.57
CA ASN G 162 -41.22 -2.28 -23.24
C ASN G 162 -41.91 -1.05 -22.64
N ILE G 163 -41.44 -0.61 -21.46
CA ILE G 163 -42.05 0.58 -20.86
C ILE G 163 -41.75 1.85 -21.66
N PHE G 164 -40.79 1.77 -22.57
CA PHE G 164 -40.44 2.92 -23.41
C PHE G 164 -41.12 2.86 -24.79
N LEU G 165 -41.80 1.76 -25.06
CA LEU G 165 -42.32 1.51 -26.41
C LEU G 165 -43.80 1.88 -26.50
N GLY G 166 -44.48 1.39 -27.54
CA GLY G 166 -45.86 1.75 -27.80
C GLY G 166 -45.96 2.91 -28.77
N ASP G 167 -46.75 3.92 -28.41
CA ASP G 167 -46.90 5.13 -29.22
C ASP G 167 -46.90 6.36 -28.34
N ALA G 168 -47.19 7.52 -28.92
CA ALA G 168 -47.12 8.79 -28.21
C ALA G 168 -47.98 8.86 -26.93
N SER G 169 -49.01 8.02 -26.81
CA SER G 169 -49.82 8.02 -25.59
C SER G 169 -49.00 7.60 -24.37
N ASN G 170 -47.82 7.04 -24.64
CA ASN G 170 -46.87 6.69 -23.59
C ASN G 170 -45.88 7.85 -23.39
N PRO G 171 -45.85 8.44 -22.18
CA PRO G 171 -44.95 9.59 -21.97
C PRO G 171 -43.47 9.23 -22.13
N LEU G 172 -43.16 7.94 -22.08
CA LEU G 172 -41.79 7.45 -22.17
C LEU G 172 -41.35 7.18 -23.61
N TYR G 173 -42.28 7.38 -24.55
CA TYR G 173 -42.01 7.08 -25.95
C TYR G 173 -41.30 8.24 -26.68
N ASP G 174 -40.58 7.90 -27.73
CA ASP G 174 -39.96 8.89 -28.62
C ASP G 174 -39.94 8.32 -30.02
N GLN G 175 -40.50 9.04 -30.98
CA GLN G 175 -40.56 8.56 -32.36
C GLN G 175 -39.19 8.56 -33.02
N TYR G 176 -38.29 9.43 -32.55
CA TYR G 176 -36.96 9.54 -33.15
C TYR G 176 -36.00 8.51 -32.58
N ARG G 177 -36.26 7.25 -32.93
CA ARG G 177 -35.41 6.13 -32.62
C ARG G 177 -35.29 5.26 -33.86
N ASP G 178 -34.19 4.54 -33.98
CA ASP G 178 -33.99 3.62 -35.10
C ASP G 178 -35.06 2.54 -35.08
N ALA G 179 -36.01 2.65 -36.01
CA ALA G 179 -37.15 1.75 -36.08
C ALA G 179 -36.74 0.28 -36.19
N ASN G 180 -35.74 0.01 -37.04
CA ASN G 180 -35.26 -1.36 -37.21
C ASN G 180 -34.64 -1.91 -35.92
N HIS G 181 -33.94 -1.07 -35.18
CA HIS G 181 -33.31 -1.51 -33.94
C HIS G 181 -34.34 -1.73 -32.83
N ILE G 182 -35.34 -0.85 -32.75
CA ILE G 182 -36.43 -1.05 -31.80
C ILE G 182 -37.12 -2.39 -32.07
N GLU G 183 -37.22 -2.75 -33.35
CA GLU G 183 -37.77 -4.05 -33.72
C GLU G 183 -36.89 -5.18 -33.19
N ASP G 184 -35.58 -5.08 -33.41
CA ASP G 184 -34.63 -6.08 -32.92
C ASP G 184 -34.65 -6.19 -31.39
N ARG G 185 -34.94 -5.07 -30.73
CA ARG G 185 -35.04 -4.98 -29.26
C ARG G 185 -33.70 -5.09 -28.53
N ILE G 186 -32.90 -6.11 -28.84
CA ILE G 186 -31.64 -6.34 -28.12
C ILE G 186 -30.56 -5.37 -28.55
N VAL G 187 -30.11 -4.54 -27.62
CA VAL G 187 -29.11 -3.53 -27.92
C VAL G 187 -27.77 -4.19 -28.27
N ASP G 188 -27.02 -3.57 -29.17
CA ASP G 188 -25.68 -4.02 -29.53
C ASP G 188 -24.65 -3.10 -28.86
N LEU G 189 -24.02 -3.57 -27.79
CA LEU G 189 -23.08 -2.75 -27.03
C LEU G 189 -21.76 -2.57 -27.78
N ASP G 190 -21.61 -3.32 -28.87
CA ASP G 190 -20.44 -3.25 -29.74
C ASP G 190 -20.78 -2.55 -31.06
N TYR G 191 -21.91 -1.86 -31.10
CA TYR G 191 -22.39 -1.26 -32.34
C TYR G 191 -21.47 -0.17 -32.89
N ASP G 192 -21.08 -0.30 -34.16
CA ASP G 192 -20.19 0.66 -34.81
C ASP G 192 -20.78 1.20 -36.12
N GLY G 193 -22.10 1.15 -36.24
CA GLY G 193 -22.78 1.73 -37.39
C GLY G 193 -23.19 0.71 -38.44
N LYS G 194 -22.73 -0.52 -38.30
CA LYS G 194 -23.09 -1.60 -39.22
C LYS G 194 -23.77 -2.72 -38.46
N ASP G 195 -24.99 -3.07 -38.86
CA ASP G 195 -25.74 -4.12 -38.18
C ASP G 195 -25.01 -5.46 -38.26
N LYS G 196 -24.87 -6.11 -37.12
CA LYS G 196 -24.39 -7.49 -37.07
C LYS G 196 -25.55 -8.43 -37.37
N ASP G 197 -25.37 -9.30 -38.36
CA ASP G 197 -26.39 -10.28 -38.68
C ASP G 197 -26.13 -11.56 -37.90
N ILE G 198 -26.29 -11.50 -36.57
CA ILE G 198 -25.99 -12.63 -35.69
C ILE G 198 -27.19 -13.02 -34.84
N PRO G 199 -27.24 -14.28 -34.38
CA PRO G 199 -28.33 -14.75 -33.53
C PRO G 199 -28.42 -13.96 -32.22
N ASP G 200 -29.61 -13.93 -31.62
CA ASP G 200 -29.80 -13.20 -30.36
C ASP G 200 -28.82 -13.64 -29.28
N GLN G 201 -28.61 -14.95 -29.16
CA GLN G 201 -27.75 -15.48 -28.11
C GLN G 201 -26.30 -15.05 -28.33
N GLN G 202 -25.89 -14.91 -29.59
CA GLN G 202 -24.54 -14.47 -29.87
C GLN G 202 -24.38 -12.97 -29.54
N GLN G 203 -25.45 -12.19 -29.72
CA GLN G 203 -25.40 -10.77 -29.39
C GLN G 203 -25.33 -10.56 -27.88
N VAL G 204 -25.97 -11.46 -27.13
CA VAL G 204 -25.83 -11.45 -25.68
C VAL G 204 -24.37 -11.65 -25.30
N ALA G 205 -23.73 -12.64 -25.91
CA ALA G 205 -22.33 -12.94 -25.63
C ALA G 205 -21.43 -11.77 -26.03
N CYS G 206 -21.75 -11.14 -27.16
CA CYS G 206 -21.02 -9.95 -27.58
C CYS G 206 -21.13 -8.85 -26.53
N ASN G 207 -22.34 -8.64 -26.02
CA ASN G 207 -22.58 -7.59 -25.02
C ASN G 207 -21.83 -7.89 -23.72
N LEU G 208 -21.87 -9.14 -23.26
CA LEU G 208 -21.14 -9.51 -22.05
C LEU G 208 -19.65 -9.25 -22.22
N SER G 209 -19.14 -9.64 -23.38
CA SER G 209 -17.73 -9.46 -23.69
C SER G 209 -17.35 -7.99 -23.73
N THR G 210 -18.28 -7.16 -24.17
CA THR G 210 -18.07 -5.72 -24.22
C THR G 210 -18.02 -5.11 -22.83
N VAL G 211 -18.92 -5.53 -21.94
CA VAL G 211 -18.90 -5.00 -20.58
C VAL G 211 -17.60 -5.41 -19.90
N TYR G 212 -17.18 -6.66 -20.11
CA TYR G 212 -15.93 -7.15 -19.54
C TYR G 212 -14.75 -6.33 -20.07
N ARG G 213 -14.79 -6.02 -21.36
CA ARG G 213 -13.76 -5.21 -22.00
C ARG G 213 -13.62 -3.81 -21.35
N ASP G 214 -14.76 -3.14 -21.19
CA ASP G 214 -14.77 -1.77 -20.68
C ASP G 214 -14.45 -1.67 -19.20
N LEU G 215 -14.83 -2.68 -18.42
CA LEU G 215 -14.70 -2.60 -16.96
C LEU G 215 -13.49 -3.34 -16.43
N VAL G 216 -12.97 -4.31 -17.17
CA VAL G 216 -11.85 -5.12 -16.69
C VAL G 216 -10.61 -5.00 -17.58
N ARG G 217 -10.75 -5.35 -18.86
CA ARG G 217 -9.59 -5.41 -19.74
C ARG G 217 -9.02 -4.02 -20.05
N ASN G 218 -9.90 -3.06 -20.34
CA ASN G 218 -9.45 -1.72 -20.73
C ASN G 218 -9.53 -0.67 -19.60
N GLY G 219 -10.44 -0.86 -18.66
CA GLY G 219 -10.57 0.06 -17.54
C GLY G 219 -9.67 -0.34 -16.39
N VAL G 220 -8.37 -0.17 -16.58
CA VAL G 220 -7.39 -0.78 -15.70
C VAL G 220 -6.86 0.19 -14.66
N ASP G 221 -7.21 1.47 -14.79
CA ASP G 221 -6.78 2.47 -13.82
C ASP G 221 -7.64 3.71 -14.04
N PRO G 222 -7.52 4.73 -13.16
CA PRO G 222 -8.46 5.86 -13.29
C PRO G 222 -8.39 6.57 -14.64
N THR G 223 -7.20 6.70 -15.19
CA THR G 223 -7.06 7.42 -16.45
C THR G 223 -7.75 6.66 -17.60
N SER G 224 -7.62 5.34 -17.60
N SER G 224 -7.58 5.35 -17.58
CA SER G 224 -8.17 4.56 -18.70
CA SER G 224 -8.14 4.48 -18.61
C SER G 224 -9.67 4.33 -18.52
C SER G 224 -9.66 4.39 -18.51
N PHE G 225 -10.16 4.33 -17.28
CA PHE G 225 -11.59 4.18 -17.04
C PHE G 225 -12.36 5.51 -17.14
N PHE G 226 -11.91 6.52 -16.40
CA PHE G 226 -12.63 7.81 -16.37
C PHE G 226 -12.36 8.67 -17.59
N GLY G 227 -11.21 8.49 -18.22
CA GLY G 227 -10.80 9.28 -19.37
C GLY G 227 -9.68 10.24 -19.00
N GLY G 228 -9.16 10.92 -20.01
CA GLY G 228 -7.98 11.75 -19.84
C GLY G 228 -8.16 13.02 -19.00
N LYS G 229 -7.06 13.48 -18.44
CA LYS G 229 -7.05 14.69 -17.65
C LYS G 229 -7.40 15.88 -18.56
N TYR G 230 -8.33 16.70 -18.08
CA TYR G 230 -8.85 17.82 -18.85
C TYR G 230 -9.02 18.98 -17.90
N VAL G 231 -8.29 20.06 -18.14
CA VAL G 231 -8.23 21.18 -17.22
C VAL G 231 -8.42 22.51 -17.95
N ALA G 232 -8.52 23.59 -17.18
CA ALA G 232 -8.62 24.94 -17.73
C ALA G 232 -7.50 25.19 -18.73
N GLY G 233 -7.85 25.71 -19.89
CA GLY G 233 -6.90 25.98 -20.96
C GLY G 233 -6.88 24.89 -22.03
N ASP G 234 -7.51 23.74 -21.75
CA ASP G 234 -7.56 22.66 -22.71
C ASP G 234 -8.71 22.84 -23.70
N SER G 235 -8.44 22.56 -24.95
CA SER G 235 -9.43 22.55 -26.02
C SER G 235 -10.30 21.30 -25.91
N PRO G 236 -11.49 21.32 -26.53
CA PRO G 236 -12.35 20.13 -26.46
C PRO G 236 -11.72 18.89 -27.07
N VAL G 237 -11.80 17.77 -26.37
CA VAL G 237 -11.32 16.51 -26.91
C VAL G 237 -12.37 15.94 -27.87
N ALA G 238 -11.90 15.46 -29.01
CA ALA G 238 -12.79 15.00 -30.09
C ALA G 238 -13.37 13.62 -29.78
N ASN G 239 -14.55 13.34 -30.32
CA ASN G 239 -15.15 12.03 -30.15
C ASN G 239 -14.24 10.96 -30.74
N GLY G 240 -14.06 9.86 -30.00
CA GLY G 240 -13.20 8.78 -30.46
C GLY G 240 -11.71 8.99 -30.24
N ASP G 241 -11.32 10.10 -29.60
CA ASP G 241 -9.92 10.35 -29.29
C ASP G 241 -9.39 9.19 -28.45
N PRO G 242 -8.10 8.86 -28.59
CA PRO G 242 -7.56 7.76 -27.79
C PRO G 242 -7.72 7.95 -26.27
N SER G 243 -7.77 9.19 -25.81
CA SER G 243 -7.76 9.44 -24.35
C SER G 243 -9.13 9.25 -23.69
N VAL G 244 -10.16 9.07 -24.50
CA VAL G 244 -11.51 8.88 -23.96
C VAL G 244 -11.52 7.58 -23.14
N GLY G 245 -12.23 7.61 -22.01
CA GLY G 245 -12.30 6.47 -21.12
C GLY G 245 -13.02 5.27 -21.73
N SER G 246 -12.86 4.11 -21.10
CA SER G 246 -13.25 2.85 -21.70
C SER G 246 -14.77 2.76 -21.88
N VAL G 247 -15.52 3.10 -20.85
CA VAL G 247 -16.97 3.03 -20.93
C VAL G 247 -17.51 4.09 -21.88
N GLU G 248 -17.05 5.33 -21.75
CA GLU G 248 -17.58 6.41 -22.59
C GLU G 248 -17.40 6.07 -24.07
N ALA G 249 -16.20 5.57 -24.42
CA ALA G 249 -15.88 5.33 -25.82
C ALA G 249 -16.46 3.99 -26.30
N GLY G 250 -16.79 3.12 -25.36
CA GLY G 250 -17.23 1.78 -25.68
C GLY G 250 -18.74 1.64 -25.66
N SER G 251 -19.23 0.91 -24.66
CA SER G 251 -20.65 0.58 -24.56
C SER G 251 -21.53 1.83 -24.55
N HS8 G 252 -21.10 2.87 -23.84
CA HS8 G 252 -21.85 4.11 -23.81
CB HS8 G 252 -21.13 5.22 -23.02
CG HS8 G 252 -21.88 6.49 -23.11
ND1 HS8 G 252 -23.14 6.65 -22.50
CE1 HS8 G 252 -23.59 7.90 -22.75
NE2 HS8 G 252 -22.66 8.58 -23.52
CD2 HS8 G 252 -21.59 7.70 -23.75
C HS8 G 252 -22.18 4.68 -25.19
O HS8 G 252 -23.32 5.04 -25.54
O3 HS8 G 252 -23.12 10.18 -25.40
S HS8 G 252 -22.86 10.23 -24.06
O1 HS8 G 252 -23.60 10.84 -23.09
O2 HS8 G 252 -21.35 10.77 -23.92
N THR G 253 -21.13 4.79 -26.00
CA THR G 253 -21.25 5.31 -27.37
C THR G 253 -22.09 4.38 -28.24
N ALA G 254 -21.89 3.08 -28.08
CA ALA G 254 -22.61 2.10 -28.86
C ALA G 254 -24.13 2.25 -28.68
N VAL G 255 -24.57 2.44 -27.44
CA VAL G 255 -26.01 2.52 -27.16
C VAL G 255 -26.61 3.76 -27.83
N HIS G 256 -25.93 4.89 -27.71
CA HIS G 256 -26.40 6.11 -28.35
C HIS G 256 -26.50 5.97 -29.86
N ARG G 257 -25.49 5.36 -30.49
CA ARG G 257 -25.53 5.19 -31.94
C ARG G 257 -26.65 4.23 -32.36
N TRP G 258 -26.84 3.19 -31.56
CA TRP G 258 -27.81 2.15 -31.85
C TRP G 258 -29.27 2.64 -31.75
N VAL G 259 -29.56 3.44 -30.73
CA VAL G 259 -30.94 3.94 -30.52
C VAL G 259 -31.25 5.10 -31.46
N GLY G 260 -30.27 5.95 -31.73
CA GLY G 260 -30.48 7.11 -32.58
C GLY G 260 -31.03 6.74 -33.95
N ASP G 261 -31.90 7.60 -34.48
CA ASP G 261 -32.61 7.32 -35.73
C ASP G 261 -31.79 7.75 -36.95
N PRO G 262 -31.25 6.79 -37.72
CA PRO G 262 -30.33 7.18 -38.81
C PRO G 262 -31.01 7.90 -39.97
N THR G 263 -32.33 7.98 -39.98
CA THR G 263 -33.01 8.73 -41.03
C THR G 263 -33.06 10.22 -40.72
N GLN G 264 -32.66 10.59 -39.51
CA GLN G 264 -32.67 12.01 -39.11
C GLN G 264 -31.32 12.67 -39.43
N PRO G 265 -31.33 14.00 -39.65
CA PRO G 265 -30.14 14.72 -40.12
C PRO G 265 -28.90 14.61 -39.22
N ASN G 266 -29.08 14.47 -37.91
CA ASN G 266 -27.96 14.24 -36.99
C ASN G 266 -28.19 12.99 -36.15
N ASN G 267 -28.98 12.08 -36.69
CA ASN G 267 -29.37 10.85 -36.01
C ASN G 267 -30.07 11.14 -34.67
N GLU G 268 -30.81 12.24 -34.62
CA GLU G 268 -31.64 12.56 -33.47
C GLU G 268 -32.57 11.39 -33.13
N ASP G 269 -32.92 11.20 -31.86
CA ASP G 269 -32.50 12.04 -30.74
C ASP G 269 -31.21 11.54 -30.09
N MET G 270 -31.17 10.25 -29.77
CA MET G 270 -30.04 9.68 -29.04
C MET G 270 -28.71 9.73 -29.81
N GLY G 271 -28.73 9.92 -31.13
CA GLY G 271 -27.52 9.84 -31.93
C GLY G 271 -26.62 11.06 -31.95
N ASN G 272 -27.02 12.11 -31.22
CA ASN G 272 -26.18 13.29 -31.04
C ASN G 272 -26.40 13.82 -29.64
N PHE G 273 -25.33 14.31 -29.01
CA PHE G 273 -25.44 14.94 -27.69
C PHE G 273 -26.59 15.95 -27.61
N TYR G 274 -26.70 16.79 -28.63
CA TYR G 274 -27.50 18.00 -28.50
C TYR G 274 -28.98 17.66 -28.43
N SER G 275 -29.35 16.47 -28.94
CA SER G 275 -30.75 16.06 -29.00
C SER G 275 -31.08 14.86 -28.11
N ALA G 276 -30.05 14.23 -27.53
CA ALA G 276 -30.23 12.96 -26.83
C ALA G 276 -31.24 13.05 -25.69
N GLY G 277 -31.23 14.19 -24.99
CA GLY G 277 -32.05 14.37 -23.81
C GLY G 277 -33.56 14.43 -24.08
N TYR G 278 -33.94 14.51 -25.36
CA TYR G 278 -35.35 14.51 -25.71
C TYR G 278 -35.95 13.10 -25.72
N ASP G 279 -35.08 12.09 -25.64
CA ASP G 279 -35.54 10.71 -25.50
C ASP G 279 -35.49 10.32 -24.02
N PRO G 280 -36.65 10.01 -23.41
CA PRO G 280 -36.63 9.59 -22.00
C PRO G 280 -35.60 8.50 -21.67
N VAL G 281 -35.36 7.57 -22.60
CA VAL G 281 -34.47 6.46 -22.32
C VAL G 281 -33.02 6.95 -22.17
N PHE G 282 -32.70 8.12 -22.71
CA PHE G 282 -31.39 8.72 -22.50
C PHE G 282 -30.94 8.68 -21.05
N TYR G 283 -31.83 9.10 -20.15
CA TYR G 283 -31.50 9.19 -18.74
C TYR G 283 -31.39 7.81 -18.11
N ILE G 284 -32.11 6.84 -18.66
CA ILE G 284 -32.18 5.51 -18.05
C ILE G 284 -31.01 4.65 -18.48
N HIS G 285 -30.57 4.86 -19.72
CA HIS G 285 -29.28 4.35 -20.16
C HIS G 285 -28.18 4.91 -19.26
N HIS G 286 -28.20 6.22 -19.05
CA HIS G 286 -27.13 6.85 -18.28
C HIS G 286 -27.14 6.48 -16.82
N ALA G 287 -28.30 6.10 -16.30
CA ALA G 287 -28.38 5.58 -14.94
C ALA G 287 -27.60 4.27 -14.82
N ASN G 288 -27.58 3.46 -15.87
CA ASN G 288 -26.72 2.27 -15.82
C ASN G 288 -25.26 2.62 -16.03
N VAL G 289 -24.98 3.63 -16.86
CA VAL G 289 -23.61 4.12 -16.99
C VAL G 289 -23.11 4.60 -15.62
N ASP G 290 -23.98 5.30 -14.90
CA ASP G 290 -23.70 5.73 -13.54
C ASP G 290 -23.40 4.51 -12.66
N ARG G 291 -24.17 3.44 -12.88
CA ARG G 291 -23.98 2.21 -12.13
C ARG G 291 -22.65 1.51 -12.46
N MET G 292 -22.16 1.68 -13.69
CA MET G 292 -20.88 1.09 -14.10
C MET G 292 -19.73 1.65 -13.27
N TRP G 293 -19.80 2.92 -12.92
CA TRP G 293 -18.81 3.53 -12.03
C TRP G 293 -18.82 2.79 -10.68
N LYS G 294 -20.01 2.59 -10.12
CA LYS G 294 -20.14 1.86 -8.85
C LYS G 294 -19.61 0.43 -8.98
N LEU G 295 -19.99 -0.25 -10.06
CA LEU G 295 -19.57 -1.62 -10.29
C LEU G 295 -18.05 -1.71 -10.46
N TRP G 296 -17.47 -0.77 -11.19
CA TRP G 296 -16.03 -0.75 -11.43
C TRP G 296 -15.24 -0.68 -10.12
N LYS G 297 -15.71 0.11 -9.17
CA LYS G 297 -15.10 0.19 -7.85
C LYS G 297 -15.35 -1.07 -7.02
N GLU G 298 -16.57 -1.60 -7.09
CA GLU G 298 -16.92 -2.79 -6.32
C GLU G 298 -16.18 -4.04 -6.81
N LEU G 299 -15.66 -4.03 -8.03
CA LEU G 299 -14.80 -5.13 -8.50
C LEU G 299 -13.55 -5.31 -7.63
N ARG G 300 -13.06 -4.21 -7.06
CA ARG G 300 -11.91 -4.28 -6.16
C ARG G 300 -10.69 -4.92 -6.84
N LEU G 301 -10.47 -4.53 -8.09
CA LEU G 301 -9.28 -4.88 -8.84
C LEU G 301 -8.23 -3.77 -8.71
N PRO G 302 -6.97 -4.07 -9.01
CA PRO G 302 -5.90 -3.05 -8.92
C PRO G 302 -6.18 -1.86 -9.81
N GLY G 303 -6.05 -0.66 -9.28
CA GLY G 303 -6.26 0.56 -10.04
C GLY G 303 -7.71 1.00 -10.11
N HIS G 304 -8.63 0.24 -9.53
CA HIS G 304 -10.03 0.62 -9.56
C HIS G 304 -10.35 1.51 -8.38
N VAL G 305 -9.83 2.73 -8.46
CA VAL G 305 -9.93 3.70 -7.39
C VAL G 305 -10.39 5.02 -7.98
N ASP G 306 -10.90 5.90 -7.13
CA ASP G 306 -11.33 7.21 -7.55
C ASP G 306 -10.17 8.19 -7.73
N ILE G 307 -10.41 9.22 -8.52
CA ILE G 307 -9.43 10.24 -8.82
C ILE G 307 -9.19 11.13 -7.61
N THR G 308 -7.93 11.52 -7.39
CA THR G 308 -7.54 12.36 -6.26
C THR G 308 -6.78 13.62 -6.69
N ASP G 309 -6.69 13.86 -8.00
CA ASP G 309 -6.10 15.10 -8.53
C ASP G 309 -7.02 16.29 -8.19
N PRO G 310 -6.50 17.33 -7.51
CA PRO G 310 -7.34 18.49 -7.18
C PRO G 310 -8.00 19.17 -8.39
N ASP G 311 -7.41 19.06 -9.57
CA ASP G 311 -8.00 19.68 -10.75
C ASP G 311 -9.24 18.93 -11.24
N TRP G 312 -9.41 17.69 -10.79
CA TRP G 312 -10.67 16.95 -11.00
C TRP G 312 -11.64 17.20 -9.85
N LEU G 313 -11.14 17.01 -8.64
CA LEU G 313 -11.95 17.15 -7.42
C LEU G 313 -12.69 18.47 -7.36
N ASN G 314 -12.00 19.55 -7.75
CA ASN G 314 -12.56 20.91 -7.64
C ASN G 314 -13.18 21.43 -8.92
N ALA G 315 -13.31 20.58 -9.94
CA ALA G 315 -14.08 20.94 -11.12
C ALA G 315 -15.57 21.05 -10.73
N SER G 316 -16.30 21.97 -11.35
CA SER G 316 -17.68 22.19 -10.92
C SER G 316 -18.63 22.60 -12.05
N TYR G 317 -19.88 22.26 -11.83
CA TYR G 317 -20.97 22.56 -12.77
C TYR G 317 -22.09 23.28 -12.04
N VAL G 318 -23.01 23.87 -12.80
CA VAL G 318 -24.18 24.52 -12.23
C VAL G 318 -25.46 23.90 -12.80
N PHE G 319 -26.40 23.61 -11.89
CA PHE G 319 -27.71 23.04 -12.24
C PHE G 319 -28.82 23.72 -11.45
N TYR G 320 -30.02 23.75 -12.04
CA TYR G 320 -31.22 24.05 -11.27
C TYR G 320 -31.66 22.81 -10.50
N ASP G 321 -32.09 22.98 -9.25
CA ASP G 321 -32.66 21.85 -8.50
C ASP G 321 -34.19 21.91 -8.46
N GLU G 322 -34.80 21.05 -7.64
CA GLU G 322 -36.26 20.92 -7.66
C GLU G 322 -36.98 22.15 -7.12
N ASN G 323 -36.25 23.03 -6.45
CA ASN G 323 -36.82 24.29 -5.93
C ASN G 323 -36.50 25.47 -6.83
N LYS G 324 -36.00 25.16 -8.03
CA LYS G 324 -35.60 26.18 -9.01
C LYS G 324 -34.49 27.08 -8.49
N ASP G 325 -33.69 26.56 -7.55
CA ASP G 325 -32.47 27.26 -7.12
C ASP G 325 -31.28 26.82 -7.96
N LEU G 326 -30.37 27.76 -8.21
CA LEU G 326 -29.11 27.45 -8.90
C LEU G 326 -28.09 26.90 -7.90
N VAL G 327 -27.56 25.72 -8.21
CA VAL G 327 -26.63 25.01 -7.34
C VAL G 327 -25.32 24.69 -8.06
N ARG G 328 -24.21 25.09 -7.47
CA ARG G 328 -22.89 24.70 -7.97
C ARG G 328 -22.47 23.41 -7.29
N VAL G 329 -22.07 22.42 -8.07
CA VAL G 329 -21.64 21.12 -7.53
C VAL G 329 -20.23 20.75 -7.98
N TYR G 330 -19.49 20.10 -7.09
CA TYR G 330 -18.09 19.71 -7.36
C TYR G 330 -17.95 18.20 -7.54
N ASN G 331 -17.03 17.79 -8.41
CA ASN G 331 -16.77 16.37 -8.63
C ASN G 331 -16.51 15.61 -7.34
N LYS G 332 -15.80 16.25 -6.42
CA LYS G 332 -15.38 15.58 -5.19
C LYS G 332 -16.57 15.11 -4.35
N ASP G 333 -17.70 15.79 -4.51
CA ASP G 333 -18.85 15.52 -3.67
C ASP G 333 -19.81 14.43 -4.19
N CYS G 334 -19.51 13.82 -5.34
CA CYS G 334 -20.43 12.80 -5.86
C CYS G 334 -19.85 11.39 -5.85
N VAL G 335 -18.68 11.20 -5.25
CA VAL G 335 -18.02 9.89 -5.32
C VAL G 335 -18.65 8.87 -4.36
N ASN G 336 -19.38 9.36 -3.36
CA ASN G 336 -19.98 8.48 -2.35
C ASN G 336 -21.50 8.46 -2.50
N LEU G 337 -22.04 7.33 -2.94
CA LEU G 337 -23.48 7.25 -3.21
C LEU G 337 -24.33 7.33 -1.95
N ASP G 338 -23.80 6.86 -0.83
CA ASP G 338 -24.54 6.90 0.42
C ASP G 338 -24.85 8.35 0.78
N LYS G 339 -23.91 9.25 0.53
CA LYS G 339 -24.10 10.65 0.89
C LYS G 339 -25.06 11.35 -0.08
N LEU G 340 -25.19 10.84 -1.31
CA LEU G 340 -26.18 11.37 -2.26
C LEU G 340 -27.54 10.70 -2.11
N LYS G 341 -27.61 9.73 -1.19
CA LYS G 341 -28.86 9.08 -0.79
C LYS G 341 -29.59 8.36 -1.93
N TYR G 342 -28.82 7.74 -2.83
CA TYR G 342 -29.41 6.78 -3.75
C TYR G 342 -28.47 5.62 -4.01
N ASN G 343 -29.04 4.52 -4.49
CA ASN G 343 -28.25 3.39 -4.96
C ASN G 343 -29.05 2.60 -5.99
N PHE G 344 -28.61 1.38 -6.26
CA PHE G 344 -29.21 0.52 -7.26
C PHE G 344 -29.64 -0.82 -6.64
N ILE G 345 -30.82 -1.29 -7.04
CA ILE G 345 -31.26 -2.64 -6.70
C ILE G 345 -30.45 -3.64 -7.52
N GLU G 346 -29.63 -4.42 -6.83
CA GLU G 346 -28.75 -5.38 -7.49
C GLU G 346 -29.33 -6.79 -7.35
N ASN G 347 -28.76 -7.73 -8.10
CA ASN G 347 -29.16 -9.12 -7.99
C ASN G 347 -28.69 -9.71 -6.65
N THR H 6 -14.89 -15.11 -29.87
CA THR H 6 -14.98 -13.74 -30.39
C THR H 6 -16.39 -13.44 -30.88
N PRO H 7 -17.35 -13.42 -29.96
CA PRO H 7 -18.77 -13.41 -30.30
C PRO H 7 -19.24 -12.12 -30.97
N CYS H 8 -18.39 -11.09 -30.99
CA CYS H 8 -18.71 -9.85 -31.71
C CYS H 8 -18.27 -9.92 -33.18
N ASP H 9 -17.74 -11.08 -33.59
CA ASP H 9 -17.16 -11.26 -34.92
C ASP H 9 -16.04 -10.27 -35.17
N ALA I 1 26.97 15.41 0.50
CA ALA I 1 27.91 14.42 0.01
C ALA I 1 27.95 13.23 0.96
N PRO I 2 28.25 12.03 0.43
CA PRO I 2 28.27 10.83 1.25
C PRO I 2 29.54 10.69 2.09
N ILE I 3 29.37 10.13 3.28
CA ILE I 3 30.48 9.69 4.10
C ILE I 3 31.29 8.64 3.35
N THR I 4 32.59 8.86 3.27
CA THR I 4 33.47 8.02 2.46
C THR I 4 34.73 7.69 3.24
N ALA I 5 34.94 6.41 3.57
CA ALA I 5 36.16 6.02 4.23
C ALA I 5 37.36 6.37 3.34
N PRO I 6 38.45 6.86 3.95
CA PRO I 6 39.67 7.11 3.17
C PRO I 6 40.41 5.81 2.91
N ASP I 7 41.63 5.90 2.38
CA ASP I 7 42.52 4.75 2.37
C ASP I 7 42.90 4.46 3.82
N ILE I 8 42.19 3.51 4.41
CA ILE I 8 42.34 3.17 5.82
C ILE I 8 43.72 2.62 6.16
N THR I 9 44.51 2.28 5.15
CA THR I 9 45.85 1.78 5.38
C THR I 9 46.88 2.90 5.40
N SER I 10 46.49 4.10 4.95
CA SER I 10 47.42 5.24 4.87
C SER I 10 47.03 6.40 5.76
N ILE I 11 45.74 6.53 6.05
CA ILE I 11 45.25 7.64 6.87
C ILE I 11 44.39 7.09 8.01
N CYS I 12 45.03 6.90 9.15
CA CYS I 12 44.38 6.30 10.32
C CYS I 12 45.12 6.77 11.56
N LYS I 13 44.40 6.86 12.68
CA LYS I 13 44.98 7.30 13.94
C LYS I 13 44.41 6.45 15.05
N ASP I 14 45.16 6.33 16.14
CA ASP I 14 44.68 5.61 17.33
C ASP I 14 43.29 6.06 17.76
N ALA I 15 42.48 5.10 18.18
CA ALA I 15 41.13 5.38 18.65
C ALA I 15 41.17 6.14 19.96
N SER I 16 40.45 7.26 20.04
CA SER I 16 40.45 8.09 21.23
C SER I 16 39.12 8.80 21.49
N SER I 17 38.04 8.30 20.88
N SER I 17 38.06 8.32 20.85
CA SER I 17 36.72 8.85 21.11
CA SER I 17 36.70 8.83 21.08
C SER I 17 35.79 7.78 21.66
C SER I 17 35.83 7.75 21.70
N GLY I 18 34.99 8.15 22.65
CA GLY I 18 34.01 7.26 23.22
C GLY I 18 34.57 6.22 24.16
N ILE I 19 35.79 6.44 24.65
CA ILE I 19 36.41 5.57 25.65
C ILE I 19 36.69 6.39 26.91
N GLY I 20 35.86 6.22 27.92
CA GLY I 20 35.92 7.04 29.13
C GLY I 20 37.19 6.88 29.93
N ASN I 21 37.69 5.65 30.04
CA ASN I 21 38.93 5.39 30.75
C ASN I 21 39.98 4.80 29.82
N GLN I 22 40.75 5.66 29.19
CA GLN I 22 41.79 5.21 28.27
C GLN I 22 43.03 4.71 29.01
N GLU I 23 43.23 5.20 30.23
CA GLU I 23 44.38 4.80 31.03
C GLU I 23 44.36 3.30 31.34
N GLY I 24 43.23 2.82 31.85
CA GLY I 24 43.12 1.43 32.26
C GLY I 24 42.47 0.51 31.23
N ALA I 25 42.20 1.01 30.03
CA ALA I 25 41.60 0.21 28.96
C ALA I 25 42.36 -1.11 28.77
N ILE I 26 41.64 -2.23 28.72
CA ILE I 26 42.33 -3.53 28.71
C ILE I 26 42.62 -4.01 27.29
N ARG I 27 41.92 -3.45 26.31
CA ARG I 27 42.21 -3.72 24.90
C ARG I 27 42.98 -2.55 24.28
N THR I 28 43.62 -2.79 23.14
CA THR I 28 44.43 -1.75 22.51
C THR I 28 43.55 -0.67 21.89
N ARG I 29 44.13 0.53 21.76
CA ARG I 29 43.48 1.62 21.05
C ARG I 29 44.19 1.86 19.72
N LYS I 30 45.21 1.06 19.46
CA LYS I 30 45.91 1.08 18.18
C LYS I 30 45.19 0.16 17.21
N CYS I 31 44.11 0.65 16.63
CA CYS I 31 43.16 -0.20 15.92
C CYS I 31 43.28 -0.08 14.42
N CYS I 32 44.34 0.55 13.94
CA CYS I 32 44.50 0.75 12.51
C CYS I 32 44.81 -0.57 11.80
N PRO I 33 44.32 -0.71 10.57
CA PRO I 33 44.53 -1.96 9.84
C PRO I 33 45.93 -2.06 9.25
N PRO I 34 46.37 -3.28 8.88
CA PRO I 34 47.72 -3.47 8.37
C PRO I 34 47.89 -2.97 6.95
N SER I 35 49.12 -2.63 6.58
CA SER I 35 49.45 -2.28 5.21
C SER I 35 50.16 -3.45 4.54
N LEU I 36 49.69 -3.83 3.37
CA LEU I 36 50.24 -4.96 2.64
C LEU I 36 50.57 -4.59 1.20
N GLY I 37 50.59 -3.28 0.92
CA GLY I 37 50.84 -2.80 -0.43
C GLY I 37 49.73 -3.12 -1.42
N LYS I 38 48.52 -3.36 -0.91
CA LYS I 38 47.37 -3.63 -1.76
C LYS I 38 46.75 -2.33 -2.25
N LYS I 39 46.12 -2.39 -3.43
CA LYS I 39 45.34 -1.28 -3.94
C LYS I 39 43.86 -1.54 -3.65
N ILE I 40 43.14 -0.49 -3.28
CA ILE I 40 41.71 -0.60 -3.05
C ILE I 40 40.98 -0.81 -4.37
N LYS I 41 40.17 -1.85 -4.42
CA LYS I 41 39.39 -2.15 -5.62
C LYS I 41 37.90 -2.16 -5.28
N ASP I 42 37.07 -1.87 -6.29
CA ASP I 42 35.63 -1.85 -6.08
C ASP I 42 35.09 -3.27 -5.90
N PHE I 43 34.14 -3.39 -4.99
CA PHE I 43 33.42 -4.62 -4.75
C PHE I 43 32.83 -5.19 -6.03
N GLN I 44 32.85 -6.52 -6.13
CA GLN I 44 32.08 -7.23 -7.15
C GLN I 44 31.19 -8.24 -6.44
N PHE I 45 29.97 -8.40 -6.93
CA PHE I 45 29.02 -9.32 -6.30
C PHE I 45 29.53 -10.75 -6.39
N PRO I 46 29.34 -11.54 -5.32
CA PRO I 46 29.89 -12.90 -5.29
C PRO I 46 29.18 -13.84 -6.24
N ASN I 47 29.85 -14.93 -6.61
CA ASN I 47 29.31 -15.89 -7.56
C ASN I 47 29.07 -17.27 -6.92
N ASP I 48 28.92 -17.28 -5.59
CA ASP I 48 28.64 -18.51 -4.85
C ASP I 48 27.48 -19.28 -5.47
N LYS I 49 27.63 -20.61 -5.53
CA LYS I 49 26.61 -21.47 -6.14
C LYS I 49 25.47 -21.76 -5.15
N LYS I 50 25.78 -21.70 -3.86
CA LYS I 50 24.78 -21.93 -2.81
C LYS I 50 24.67 -20.72 -1.90
N VAL I 51 23.54 -20.62 -1.20
CA VAL I 51 23.29 -19.53 -0.26
C VAL I 51 23.73 -19.95 1.14
N ARG I 52 24.56 -19.13 1.79
CA ARG I 52 24.91 -19.35 3.18
C ARG I 52 23.68 -19.15 4.05
N MET I 53 23.31 -20.16 4.82
CA MET I 53 22.13 -20.07 5.67
C MET I 53 22.52 -19.88 7.14
N ARG I 54 22.44 -18.64 7.61
CA ARG I 54 22.74 -18.38 9.02
C ARG I 54 21.72 -19.07 9.92
N TRP I 55 22.20 -19.67 11.01
CA TRP I 55 21.38 -20.57 11.83
C TRP I 55 21.19 -20.05 13.25
N PRO I 56 20.03 -20.32 13.87
CA PRO I 56 19.83 -19.82 15.24
C PRO I 56 20.80 -20.47 16.22
N ALA I 57 21.50 -19.66 17.02
CA ALA I 57 22.58 -20.14 17.87
C ALA I 57 22.14 -21.20 18.88
N HIS I 58 20.83 -21.26 19.16
CA HIS I 58 20.31 -22.24 20.11
C HIS I 58 19.78 -23.51 19.44
N LYS I 59 19.86 -23.58 18.10
CA LYS I 59 19.31 -24.72 17.35
C LYS I 59 20.28 -25.23 16.29
N GLY I 60 21.58 -25.12 16.53
CA GLY I 60 22.56 -25.53 15.54
C GLY I 60 22.71 -27.04 15.47
N THR I 61 22.85 -27.58 14.25
CA THR I 61 23.23 -28.98 14.07
C THR I 61 24.66 -29.16 14.57
N LYS I 62 25.10 -30.40 14.67
CA LYS I 62 26.44 -30.71 15.18
C LYS I 62 27.52 -30.12 14.26
N LYS I 63 27.31 -30.23 12.95
CA LYS I 63 28.24 -29.68 11.98
C LYS I 63 28.30 -28.15 12.06
N GLN I 64 27.14 -27.53 12.20
CA GLN I 64 27.05 -26.07 12.27
C GLN I 64 27.87 -25.52 13.44
N VAL I 65 27.67 -26.10 14.61
CA VAL I 65 28.38 -25.65 15.81
C VAL I 65 29.88 -25.93 15.72
N ASP I 66 30.25 -27.13 15.30
CA ASP I 66 31.65 -27.51 15.23
C ASP I 66 32.40 -26.72 14.15
N ASP I 67 31.74 -26.44 13.03
CA ASP I 67 32.34 -25.62 11.99
C ASP I 67 32.59 -24.21 12.50
N TYR I 68 31.58 -23.63 13.15
CA TYR I 68 31.71 -22.29 13.72
C TYR I 68 32.84 -22.25 14.74
N ARG I 69 32.84 -23.21 15.66
CA ARG I 69 33.84 -23.26 16.71
C ARG I 69 35.25 -23.42 16.14
N ARG I 70 35.40 -24.30 15.15
CA ARG I 70 36.70 -24.53 14.52
C ARG I 70 37.15 -23.31 13.73
N ALA I 71 36.20 -22.61 13.11
CA ALA I 71 36.53 -21.43 12.32
C ALA I 71 37.03 -20.29 13.23
N ILE I 72 36.39 -20.10 14.37
CA ILE I 72 36.84 -19.10 15.33
C ILE I 72 38.21 -19.49 15.87
N ALA I 73 38.41 -20.77 16.15
CA ALA I 73 39.72 -21.24 16.63
C ALA I 73 40.78 -20.91 15.59
N ALA I 74 40.46 -21.16 14.32
CA ALA I 74 41.39 -20.89 13.24
C ALA I 74 41.71 -19.40 13.16
N MET I 75 40.69 -18.57 13.31
CA MET I 75 40.88 -17.12 13.25
C MET I 75 41.75 -16.65 14.41
N ARG I 76 41.50 -17.19 15.60
CA ARG I 76 42.32 -16.87 16.76
C ARG I 76 43.77 -17.30 16.59
N ALA I 77 43.99 -18.30 15.75
CA ALA I 77 45.33 -18.86 15.57
C ALA I 77 46.17 -18.10 14.55
N LEU I 78 45.53 -17.30 13.70
CA LEU I 78 46.26 -16.51 12.71
C LEU I 78 47.19 -15.51 13.41
N PRO I 79 48.30 -15.14 12.76
CA PRO I 79 49.16 -14.10 13.34
C PRO I 79 48.39 -12.80 13.49
N ASP I 80 48.73 -12.00 14.49
CA ASP I 80 47.95 -10.81 14.80
C ASP I 80 47.87 -9.85 13.62
N ASP I 81 48.99 -9.68 12.92
CA ASP I 81 49.07 -8.68 11.85
C ASP I 81 48.33 -9.08 10.58
N ASP I 82 47.96 -10.35 10.46
CA ASP I 82 47.10 -10.80 9.38
C ASP I 82 45.75 -10.08 9.47
N PRO I 83 45.33 -9.38 8.40
CA PRO I 83 44.09 -8.59 8.50
C PRO I 83 42.84 -9.44 8.77
N ARG I 84 42.96 -10.75 8.60
CA ARG I 84 41.87 -11.68 8.83
C ARG I 84 41.85 -12.21 10.27
N SER I 85 42.87 -11.86 11.05
CA SER I 85 43.04 -12.42 12.40
C SER I 85 41.92 -11.99 13.34
N PHE I 86 41.75 -12.74 14.42
CA PHE I 86 40.75 -12.44 15.44
C PHE I 86 40.90 -11.01 15.96
N VAL I 87 42.15 -10.61 16.22
CA VAL I 87 42.42 -9.30 16.76
C VAL I 87 42.18 -8.22 15.71
N SER I 88 42.56 -8.50 14.46
CA SER I 88 42.40 -7.52 13.38
C SER I 88 40.93 -7.28 13.07
N GLN I 89 40.13 -8.33 13.13
CA GLN I 89 38.69 -8.22 12.91
C GLN I 89 38.04 -7.41 14.01
N ALA I 90 38.50 -7.58 15.25
CA ALA I 90 38.00 -6.80 16.38
C ALA I 90 38.36 -5.32 16.25
N LYS I 91 39.55 -5.05 15.72
CA LYS I 91 40.03 -3.68 15.59
C LYS I 91 39.24 -2.87 14.57
N ILE I 92 38.60 -3.55 13.63
CA ILE I 92 37.76 -2.89 12.63
C ILE I 92 36.68 -2.08 13.32
N HIS I 93 36.00 -2.72 14.28
CA HIS I 93 34.94 -2.07 15.03
C HIS I 93 35.47 -0.86 15.79
N CYS I 94 36.64 -1.02 16.40
CA CYS I 94 37.29 0.08 17.10
C CYS I 94 37.63 1.24 16.16
N ALA I 95 38.25 0.97 15.02
CA ALA I 95 38.64 2.04 14.09
C ALA I 95 37.43 2.85 13.59
N TYR I 96 36.35 2.17 13.22
CA TYR I 96 35.18 2.84 12.66
C TYR I 96 34.27 3.45 13.71
N CYS I 97 34.30 2.93 14.94
CA CYS I 97 33.40 3.40 16.00
C CYS I 97 34.03 4.34 17.01
N ASN I 98 35.36 4.38 17.07
CA ASN I 98 36.05 5.19 18.07
C ASN I 98 37.11 6.16 17.52
N GLY I 99 36.88 6.65 16.31
CA GLY I 99 37.62 7.78 15.77
C GLY I 99 38.93 7.45 15.07
N GLY I 100 38.99 6.31 14.39
CA GLY I 100 40.19 5.94 13.66
C GLY I 100 40.36 6.72 12.36
N TYR I 101 39.24 7.10 11.75
CA TYR I 101 39.24 7.73 10.43
C TYR I 101 38.56 9.10 10.45
N THR I 102 38.88 9.90 9.46
CA THR I 102 38.29 11.22 9.29
C THR I 102 37.59 11.32 7.94
N GLN I 103 36.87 12.41 7.75
CA GLN I 103 36.16 12.67 6.52
C GLN I 103 37.04 13.41 5.51
N VAL I 104 38.34 13.14 5.55
CA VAL I 104 39.30 13.84 4.70
C VAL I 104 38.99 13.66 3.20
N ASP I 105 38.57 12.47 2.79
CA ASP I 105 38.22 12.24 1.40
C ASP I 105 37.02 13.10 0.94
N SER I 106 36.25 13.62 1.89
CA SER I 106 35.08 14.44 1.57
C SER I 106 35.35 15.95 1.73
N GLY I 107 36.59 16.30 2.02
CA GLY I 107 36.96 17.69 2.24
C GLY I 107 36.81 18.13 3.69
N PHE I 108 36.61 17.17 4.59
CA PHE I 108 36.48 17.47 6.02
C PHE I 108 37.48 16.69 6.88
N PRO I 109 38.76 16.99 6.72
CA PRO I 109 39.81 16.36 7.54
C PRO I 109 39.66 16.67 9.03
N ASP I 110 38.87 17.69 9.35
CA ASP I 110 38.64 18.12 10.72
C ASP I 110 37.54 17.35 11.46
N ILE I 111 36.93 16.35 10.81
CA ILE I 111 35.80 15.64 11.41
C ILE I 111 35.99 14.13 11.31
N ASP I 112 35.83 13.44 12.44
CA ASP I 112 35.93 11.98 12.43
C ASP I 112 34.78 11.34 11.65
N ILE I 113 35.02 10.14 11.16
CA ILE I 113 33.95 9.26 10.71
C ILE I 113 33.45 8.47 11.91
N GLN I 114 32.13 8.43 12.06
CA GLN I 114 31.48 7.61 13.06
C GLN I 114 30.36 6.89 12.31
N ILE I 115 30.30 5.57 12.40
CA ILE I 115 29.28 4.82 11.66
C ILE I 115 28.09 4.52 12.57
N HIS I 116 28.24 4.78 13.87
CA HIS I 116 27.14 4.54 14.80
C HIS I 116 26.24 5.77 14.94
N ASN I 117 25.06 5.54 15.49
CA ASN I 117 24.12 6.60 15.86
C ASN I 117 23.61 7.38 14.65
N SER I 118 23.46 6.67 13.54
CA SER I 118 22.88 7.26 12.34
C SER I 118 22.46 6.17 11.37
N TRP I 119 21.99 6.61 10.22
CA TRP I 119 21.54 5.68 9.20
C TRP I 119 22.66 4.78 8.64
N LEU I 120 23.90 5.03 9.02
CA LEU I 120 24.99 4.16 8.56
C LEU I 120 25.08 2.84 9.32
N PHE I 121 24.40 2.77 10.45
CA PHE I 121 24.51 1.64 11.39
C PHE I 121 24.26 0.29 10.73
N PHE I 122 23.09 0.11 10.12
CA PHE I 122 22.75 -1.19 9.57
C PHE I 122 23.66 -1.63 8.42
N PRO I 123 23.85 -0.79 7.40
CA PRO I 123 24.68 -1.22 6.27
C PRO I 123 26.17 -1.42 6.64
N PHE I 124 26.70 -0.60 7.53
CA PHE I 124 28.08 -0.83 7.93
C PHE I 124 28.26 -2.21 8.53
N HIS I 125 27.39 -2.58 9.46
CA HIS I 125 27.56 -3.84 10.15
C HIS I 125 27.22 -5.00 9.22
N ARG I 126 26.33 -4.79 8.27
CA ARG I 126 26.04 -5.83 7.29
C ARG I 126 27.32 -6.18 6.52
N TRP I 127 28.04 -5.16 6.08
CA TRP I 127 29.27 -5.34 5.32
C TRP I 127 30.36 -5.97 6.18
N TYR I 128 30.50 -5.48 7.40
CA TYR I 128 31.48 -5.98 8.36
C TYR I 128 31.32 -7.49 8.55
N LEU I 129 30.07 -7.91 8.76
CA LEU I 129 29.76 -9.33 8.96
C LEU I 129 29.93 -10.15 7.69
N TYR I 130 29.58 -9.55 6.56
CA TYR I 130 29.72 -10.20 5.26
C TYR I 130 31.14 -10.71 5.03
N PHE I 131 32.12 -9.83 5.19
CA PHE I 131 33.50 -10.21 5.02
C PHE I 131 33.94 -11.14 6.15
N TYR I 132 33.49 -10.85 7.38
CA TYR I 132 33.85 -11.66 8.55
C TYR I 132 33.47 -13.13 8.33
N GLU I 133 32.24 -13.33 7.90
CA GLU I 133 31.71 -14.65 7.61
C GLU I 133 32.48 -15.36 6.49
N ARG I 134 32.76 -14.64 5.41
CA ARG I 134 33.51 -15.23 4.29
C ARG I 134 34.95 -15.53 4.68
N ILE I 135 35.52 -14.71 5.55
CA ILE I 135 36.84 -14.99 6.07
C ILE I 135 36.84 -16.30 6.85
N LEU I 136 35.88 -16.44 7.77
CA LEU I 136 35.81 -17.63 8.61
C LEU I 136 35.71 -18.91 7.78
N GLY I 137 34.84 -18.88 6.77
CA GLY I 137 34.60 -20.05 5.95
C GLY I 137 35.85 -20.48 5.20
N SER I 138 36.61 -19.50 4.72
CA SER I 138 37.80 -19.80 3.95
C SER I 138 38.87 -20.41 4.85
N LEU I 139 38.84 -20.07 6.13
CA LEU I 139 39.87 -20.57 7.05
C LEU I 139 39.71 -22.05 7.34
N ILE I 140 38.50 -22.58 7.20
CA ILE I 140 38.26 -24.02 7.40
C ILE I 140 37.88 -24.71 6.10
N ASP I 141 38.10 -24.04 4.97
CA ASP I 141 37.78 -24.61 3.66
C ASP I 141 36.31 -25.08 3.58
N GLU I 142 35.41 -24.25 4.10
CA GLU I 142 33.97 -24.49 3.98
C GLU I 142 33.36 -23.39 3.12
N PRO I 143 33.21 -23.63 1.81
CA PRO I 143 32.73 -22.56 0.91
C PRO I 143 31.29 -22.10 1.18
N ASN I 144 30.53 -22.88 1.94
CA ASN I 144 29.16 -22.51 2.26
C ASN I 144 28.95 -22.21 3.76
N PHE I 145 30.03 -21.83 4.42
CA PHE I 145 29.99 -21.50 5.85
C PHE I 145 29.03 -20.34 6.15
N ALA I 146 28.24 -20.51 7.20
CA ALA I 146 27.35 -19.43 7.65
C ALA I 146 27.50 -19.21 9.15
N LEU I 147 27.35 -17.96 9.57
CA LEU I 147 27.34 -17.61 10.99
C LEU I 147 26.09 -18.08 11.70
N PRO I 148 26.19 -18.38 13.00
CA PRO I 148 24.96 -18.43 13.78
C PRO I 148 24.40 -17.03 14.03
N TYR I 149 23.16 -16.93 14.49
CA TYR I 149 22.64 -15.64 14.95
C TYR I 149 21.94 -15.85 16.29
N TRP I 150 22.02 -14.84 17.14
CA TRP I 150 21.43 -14.91 18.48
C TRP I 150 19.96 -14.49 18.41
N LYS I 151 19.08 -15.49 18.42
CA LYS I 151 17.68 -15.24 18.12
C LYS I 151 16.93 -14.79 19.38
N TRP I 152 17.28 -13.63 19.92
CA TRP I 152 16.66 -13.16 21.16
C TRP I 152 15.25 -12.62 20.97
N ASP I 153 14.70 -12.74 19.76
CA ASP I 153 13.31 -12.35 19.52
C ASP I 153 12.37 -13.56 19.67
N GLU I 154 12.94 -14.70 20.03
CA GLU I 154 12.20 -15.95 20.22
C GLU I 154 12.56 -16.46 21.61
N PRO I 155 11.55 -16.88 22.41
CA PRO I 155 11.83 -17.23 23.81
C PRO I 155 12.98 -18.23 24.02
N LYS I 156 13.03 -19.30 23.25
CA LYS I 156 14.09 -20.30 23.39
C LYS I 156 15.48 -19.73 23.06
N GLY I 157 15.52 -18.68 22.25
CA GLY I 157 16.78 -18.07 21.85
C GLY I 157 17.26 -16.94 22.75
N MET I 158 16.46 -16.58 23.75
CA MET I 158 16.80 -15.45 24.62
C MET I 158 17.92 -15.74 25.61
N PRO I 159 17.94 -16.96 26.18
CA PRO I 159 19.15 -17.26 26.96
C PRO I 159 20.38 -17.25 26.06
N ILE I 160 21.49 -16.69 26.53
CA ILE I 160 22.72 -16.77 25.76
C ILE I 160 23.04 -18.25 25.57
N SER I 161 23.37 -18.63 24.34
CA SER I 161 23.55 -20.03 24.00
C SER I 161 24.73 -20.66 24.75
N ASN I 162 24.56 -21.91 25.16
CA ASN I 162 25.61 -22.61 25.89
C ASN I 162 26.88 -22.79 25.06
N ILE I 163 26.80 -22.62 23.74
CA ILE I 163 28.01 -22.78 22.92
C ILE I 163 29.06 -21.69 23.23
N PHE I 164 28.61 -20.57 23.80
CA PHE I 164 29.51 -19.47 24.14
C PHE I 164 30.08 -19.57 25.55
N LEU I 165 29.63 -20.55 26.32
CA LEU I 165 29.96 -20.60 27.74
C LEU I 165 31.10 -21.60 28.01
N GLY I 166 31.27 -21.97 29.27
CA GLY I 166 32.37 -22.83 29.68
C GLY I 166 33.53 -22.00 30.23
N ASP I 167 34.71 -22.20 29.65
CA ASP I 167 35.89 -21.44 30.06
C ASP I 167 36.74 -21.19 28.83
N ALA I 168 37.94 -20.66 29.07
CA ALA I 168 38.82 -20.20 27.99
C ALA I 168 39.24 -21.31 27.01
N SER I 169 39.05 -22.58 27.36
CA SER I 169 39.39 -23.65 26.43
C SER I 169 38.32 -23.73 25.33
N ASN I 170 37.18 -23.08 25.54
CA ASN I 170 36.18 -22.90 24.49
C ASN I 170 36.53 -21.66 23.67
N PRO I 171 36.78 -21.83 22.34
CA PRO I 171 37.14 -20.67 21.51
C PRO I 171 36.06 -19.59 21.47
N LEU I 172 34.83 -19.95 21.81
CA LEU I 172 33.70 -19.01 21.73
C LEU I 172 33.48 -18.26 23.04
N TYR I 173 34.28 -18.60 24.03
CA TYR I 173 34.18 -18.01 25.35
C TYR I 173 34.86 -16.64 25.41
N ASP I 174 34.39 -15.81 26.33
CA ASP I 174 35.05 -14.56 26.68
C ASP I 174 34.86 -14.34 28.17
N GLN I 175 35.96 -14.20 28.90
CA GLN I 175 35.88 -14.02 30.35
C GLN I 175 35.34 -12.62 30.69
N TYR I 176 35.46 -11.68 29.75
CA TYR I 176 35.06 -10.30 29.99
C TYR I 176 33.60 -10.09 29.62
N ARG I 177 32.75 -10.74 30.41
CA ARG I 177 31.31 -10.62 30.34
C ARG I 177 30.80 -10.44 31.76
N ASP I 178 29.60 -9.89 31.91
CA ASP I 178 28.98 -9.75 33.23
C ASP I 178 28.64 -11.12 33.81
N ALA I 179 29.36 -11.52 34.86
CA ALA I 179 29.22 -12.86 35.44
C ALA I 179 27.82 -13.12 35.99
N ASN I 180 27.22 -12.12 36.63
CA ASN I 180 25.87 -12.28 37.16
C ASN I 180 24.86 -12.49 36.03
N HIS I 181 25.01 -11.70 34.96
CA HIS I 181 24.09 -11.80 33.85
C HIS I 181 24.24 -13.14 33.13
N ILE I 182 25.47 -13.62 33.00
CA ILE I 182 25.70 -14.92 32.36
C ILE I 182 25.00 -16.00 33.16
N GLU I 183 24.99 -15.85 34.48
CA GLU I 183 24.28 -16.78 35.35
C GLU I 183 22.76 -16.66 35.18
N ASP I 184 22.27 -15.44 35.01
CA ASP I 184 20.85 -15.21 34.70
C ASP I 184 20.46 -15.81 33.35
N ARG I 185 21.44 -15.85 32.44
CA ARG I 185 21.30 -16.41 31.09
C ARG I 185 20.39 -15.60 30.17
N ILE I 186 19.18 -15.26 30.62
CA ILE I 186 18.20 -14.63 29.74
C ILE I 186 18.47 -13.14 29.55
N VAL I 187 18.79 -12.75 28.32
CA VAL I 187 19.14 -11.36 28.04
C VAL I 187 17.91 -10.47 28.28
N ASP I 188 18.18 -9.26 28.77
CA ASP I 188 17.16 -8.25 28.95
C ASP I 188 17.29 -7.23 27.82
N LEU I 189 16.37 -7.31 26.85
CA LEU I 189 16.45 -6.44 25.69
C LEU I 189 16.06 -5.01 26.03
N ASP I 190 15.61 -4.81 27.27
CA ASP I 190 15.20 -3.50 27.76
C ASP I 190 16.19 -2.99 28.81
N TYR I 191 17.36 -3.62 28.87
CA TYR I 191 18.33 -3.31 29.92
C TYR I 191 18.84 -1.87 29.82
N ASP I 192 18.82 -1.15 30.95
CA ASP I 192 19.27 0.24 31.00
C ASP I 192 20.28 0.48 32.12
N GLY I 193 20.99 -0.58 32.52
CA GLY I 193 22.06 -0.46 33.48
C GLY I 193 21.68 -0.88 34.89
N LYS I 194 20.40 -1.16 35.11
CA LYS I 194 19.93 -1.67 36.39
C LYS I 194 19.18 -2.99 36.20
N ASP I 195 19.54 -3.99 37.01
CA ASP I 195 18.85 -5.26 36.97
C ASP I 195 17.39 -5.10 37.35
N LYS I 196 16.52 -5.72 36.57
CA LYS I 196 15.08 -5.66 36.80
C LYS I 196 14.65 -6.55 37.97
N ASP I 197 15.35 -7.67 38.15
CA ASP I 197 14.97 -8.66 39.15
C ASP I 197 13.51 -9.08 38.99
N ILE I 198 13.16 -9.59 37.81
CA ILE I 198 11.82 -10.08 37.52
C ILE I 198 11.86 -11.57 37.17
N PRO I 199 10.70 -12.23 37.18
CA PRO I 199 10.67 -13.64 36.77
C PRO I 199 11.07 -13.84 35.32
N ASP I 200 11.62 -15.01 35.02
CA ASP I 200 12.04 -15.35 33.66
C ASP I 200 10.92 -15.16 32.64
N GLN I 201 9.69 -15.50 33.04
CA GLN I 201 8.55 -15.44 32.13
C GLN I 201 8.20 -13.99 31.78
N GLN I 202 8.34 -13.09 32.74
CA GLN I 202 8.09 -11.67 32.49
C GLN I 202 9.18 -11.08 31.60
N GLN I 203 10.41 -11.56 31.76
CA GLN I 203 11.52 -11.07 30.95
C GLN I 203 11.32 -11.46 29.49
N VAL I 204 10.83 -12.68 29.26
CA VAL I 204 10.47 -13.11 27.91
C VAL I 204 9.45 -12.15 27.31
N ALA I 205 8.40 -11.86 28.06
CA ALA I 205 7.36 -10.96 27.58
C ALA I 205 7.91 -9.55 27.34
N CYS I 206 8.81 -9.11 28.23
CA CYS I 206 9.47 -7.83 28.06
C CYS I 206 10.25 -7.82 26.76
N ASN I 207 10.97 -8.91 26.49
CA ASN I 207 11.76 -8.99 25.26
C ASN I 207 10.89 -9.00 24.00
N LEU I 208 9.79 -9.75 24.03
CA LEU I 208 8.90 -9.76 22.87
C LEU I 208 8.32 -8.37 22.65
N SER I 209 7.94 -7.71 23.73
CA SER I 209 7.44 -6.33 23.67
C SER I 209 8.49 -5.38 23.09
N THR I 210 9.73 -5.56 23.47
CA THR I 210 10.82 -4.71 22.99
C THR I 210 11.06 -4.86 21.49
N VAL I 211 11.00 -6.10 21.00
CA VAL I 211 11.19 -6.35 19.57
C VAL I 211 10.08 -5.68 18.78
N TYR I 212 8.86 -5.79 19.30
CA TYR I 212 7.72 -5.16 18.65
C TYR I 212 7.87 -3.64 18.64
N ARG I 213 8.38 -3.10 19.73
CA ARG I 213 8.61 -1.66 19.83
C ARG I 213 9.61 -1.19 18.76
N ASP I 214 10.74 -1.88 18.69
CA ASP I 214 11.80 -1.51 17.78
C ASP I 214 11.44 -1.70 16.29
N LEU I 215 10.67 -2.73 15.98
CA LEU I 215 10.36 -3.07 14.59
C LEU I 215 9.05 -2.46 14.06
N VAL I 216 8.13 -2.12 14.95
CA VAL I 216 6.80 -1.69 14.53
C VAL I 216 6.37 -0.37 15.15
N ARG I 217 6.36 -0.28 16.48
CA ARG I 217 5.86 0.92 17.16
C ARG I 217 6.69 2.16 16.86
N ASN I 218 8.02 2.01 16.97
CA ASN I 218 8.93 3.13 16.83
C ASN I 218 9.65 3.16 15.48
N GLY I 219 9.79 1.98 14.86
CA GLY I 219 10.38 1.87 13.55
C GLY I 219 9.34 2.02 12.46
N VAL I 220 8.81 3.23 12.32
CA VAL I 220 7.66 3.47 11.45
C VAL I 220 8.03 4.00 10.06
N ASP I 221 9.28 4.41 9.87
CA ASP I 221 9.72 4.94 8.60
C ASP I 221 11.24 4.82 8.57
N PRO I 222 11.87 5.11 7.42
CA PRO I 222 13.32 4.87 7.36
C PRO I 222 14.14 5.68 8.38
N THR I 223 13.72 6.90 8.66
CA THR I 223 14.45 7.74 9.58
C THR I 223 14.39 7.18 11.00
N SER I 224 13.21 6.75 11.44
CA SER I 224 13.09 6.23 12.80
C SER I 224 13.71 4.83 12.93
N PHE I 225 13.69 4.03 11.86
CA PHE I 225 14.24 2.67 11.92
C PHE I 225 15.77 2.67 11.73
N PHE I 226 16.25 3.24 10.62
CA PHE I 226 17.68 3.23 10.31
C PHE I 226 18.49 4.23 11.11
N GLY I 227 17.85 5.35 11.45
CA GLY I 227 18.50 6.42 12.20
C GLY I 227 18.66 7.65 11.35
N GLY I 228 19.07 8.74 11.98
CA GLY I 228 19.09 10.04 11.36
C GLY I 228 20.08 10.15 10.20
N LYS I 229 19.78 11.10 9.33
CA LYS I 229 20.64 11.43 8.21
C LYS I 229 22.00 11.93 8.71
N TYR I 230 23.05 11.39 8.11
CA TYR I 230 24.43 11.68 8.49
C TYR I 230 25.26 11.74 7.22
N VAL I 231 25.83 12.91 6.95
CA VAL I 231 26.52 13.18 5.69
C VAL I 231 27.85 13.89 5.95
N ALA I 232 28.67 13.99 4.90
CA ALA I 232 29.94 14.71 4.99
C ALA I 232 29.70 16.10 5.56
N GLY I 233 30.47 16.46 6.58
CA GLY I 233 30.32 17.73 7.26
C GLY I 233 29.64 17.62 8.62
N ASP I 234 28.95 16.50 8.86
CA ASP I 234 28.29 16.27 10.14
C ASP I 234 29.27 15.76 11.21
N SER I 235 29.16 16.30 12.41
CA SER I 235 29.89 15.78 13.56
C SER I 235 29.24 14.50 14.07
N PRO I 236 29.98 13.71 14.87
CA PRO I 236 29.41 12.45 15.40
C PRO I 236 28.19 12.66 16.28
N VAL I 237 27.16 11.87 16.02
CA VAL I 237 25.98 11.86 16.87
C VAL I 237 26.28 11.10 18.15
N ALA I 238 25.85 11.66 19.27
CA ALA I 238 26.17 11.10 20.59
C ALA I 238 25.30 9.88 20.91
N ASN I 239 25.87 8.94 21.65
CA ASN I 239 25.14 7.77 22.12
C ASN I 239 23.85 8.19 22.82
N GLY I 240 22.74 7.56 22.46
CA GLY I 240 21.46 7.86 23.08
C GLY I 240 20.79 9.12 22.57
N ASP I 241 21.33 9.73 21.53
CA ASP I 241 20.68 10.88 20.89
C ASP I 241 19.30 10.44 20.36
N PRO I 242 18.30 11.31 20.47
CA PRO I 242 16.97 10.96 19.98
C PRO I 242 16.93 10.55 18.51
N SER I 243 17.89 10.98 17.70
CA SER I 243 17.86 10.68 16.26
C SER I 243 18.37 9.28 15.93
N VAL I 244 18.91 8.58 16.92
CA VAL I 244 19.39 7.21 16.71
C VAL I 244 18.19 6.32 16.41
N GLY I 245 18.37 5.33 15.53
CA GLY I 245 17.28 4.46 15.12
C GLY I 245 16.77 3.53 16.21
N SER I 246 15.62 2.91 15.96
CA SER I 246 14.88 2.21 17.00
C SER I 246 15.66 0.99 17.48
N VAL I 247 16.16 0.17 16.56
CA VAL I 247 16.89 -1.03 16.95
C VAL I 247 18.23 -0.65 17.58
N GLU I 248 18.97 0.27 16.97
CA GLU I 248 20.30 0.61 17.45
C GLU I 248 20.22 1.11 18.90
N ALA I 249 19.28 2.03 19.16
CA ALA I 249 19.13 2.62 20.49
C ALA I 249 18.45 1.70 21.48
N GLY I 250 17.69 0.74 20.95
CA GLY I 250 16.87 -0.13 21.77
C GLY I 250 17.56 -1.44 22.07
N SER I 251 17.03 -2.52 21.51
CA SER I 251 17.52 -3.87 21.78
C SER I 251 19.02 -4.00 21.54
N HS8 I 252 19.54 -3.34 20.51
CA HS8 I 252 20.96 -3.45 20.22
CB HS8 I 252 21.36 -2.66 18.94
CG HS8 I 252 22.81 -2.67 18.78
ND1 HS8 I 252 23.53 -3.85 18.51
CE1 HS8 I 252 24.84 -3.55 18.43
NE2 HS8 I 252 25.01 -2.20 18.63
CD2 HS8 I 252 23.74 -1.62 18.85
C HS8 I 252 21.85 -2.99 21.38
O HS8 I 252 22.78 -3.65 21.87
O3 HS8 I 252 26.77 -0.99 19.88
S HS8 I 252 26.56 -1.41 18.60
O1 HS8 I 252 26.19 -0.09 17.76
O2 HS8 I 252 27.35 -2.21 17.83
N THR I 253 21.52 -1.81 21.86
CA THR I 253 22.26 -1.19 22.97
C THR I 253 22.11 -2.01 24.25
N ALA I 254 20.90 -2.50 24.48
CA ALA I 254 20.61 -3.26 25.68
C ALA I 254 21.51 -4.48 25.78
N VAL I 255 21.63 -5.21 24.67
CA VAL I 255 22.41 -6.44 24.68
C VAL I 255 23.88 -6.15 24.97
N HIS I 256 24.42 -5.13 24.33
CA HIS I 256 25.81 -4.74 24.59
C HIS I 256 26.04 -4.37 26.05
N ARG I 257 25.13 -3.58 26.62
CA ARG I 257 25.29 -3.16 28.01
C ARG I 257 25.13 -4.36 28.96
N TRP I 258 24.20 -5.25 28.64
CA TRP I 258 23.91 -6.41 29.48
C TRP I 258 25.05 -7.45 29.47
N VAL I 259 25.70 -7.63 28.33
CA VAL I 259 26.79 -8.61 28.25
C VAL I 259 28.10 -8.01 28.79
N GLY I 260 28.33 -6.72 28.56
CA GLY I 260 29.56 -6.07 29.03
C GLY I 260 29.84 -6.27 30.52
N ASP I 261 31.11 -6.47 30.86
CA ASP I 261 31.54 -6.78 32.24
C ASP I 261 31.73 -5.51 33.06
N PRO I 262 30.81 -5.22 34.00
CA PRO I 262 30.91 -3.93 34.69
C PRO I 262 32.10 -3.82 35.65
N THR I 263 32.82 -4.92 35.89
CA THR I 263 34.02 -4.85 36.71
C THR I 263 35.21 -4.35 35.89
N GLN I 264 35.04 -4.24 34.57
CA GLN I 264 36.11 -3.72 33.72
C GLN I 264 36.00 -2.19 33.53
N PRO I 265 37.14 -1.53 33.29
CA PRO I 265 37.19 -0.06 33.26
C PRO I 265 36.24 0.61 32.27
N ASN I 266 35.99 -0.02 31.12
CA ASN I 266 35.06 0.50 30.14
C ASN I 266 33.96 -0.51 29.82
N ASN I 267 33.65 -1.35 30.81
CA ASN I 267 32.68 -2.43 30.64
C ASN I 267 33.04 -3.37 29.48
N GLU I 268 34.34 -3.50 29.21
CA GLU I 268 34.83 -4.48 28.23
C GLU I 268 34.30 -5.88 28.53
N ASP I 269 34.07 -6.71 27.51
CA ASP I 269 34.34 -6.37 26.10
C ASP I 269 33.15 -5.69 25.43
N MET I 270 31.96 -6.27 25.60
CA MET I 270 30.80 -5.84 24.83
C MET I 270 30.26 -4.46 25.24
N GLY I 271 30.65 -3.99 26.41
CA GLY I 271 30.13 -2.73 26.94
C GLY I 271 30.70 -1.47 26.31
N ASN I 272 31.64 -1.62 25.39
CA ASN I 272 32.15 -0.47 24.63
C ASN I 272 32.45 -0.88 23.20
N PHE I 273 32.17 0.00 22.24
CA PHE I 273 32.48 -0.27 20.83
C PHE I 273 33.89 -0.77 20.62
N TYR I 274 34.83 -0.15 21.31
CA TYR I 274 36.25 -0.32 20.99
C TYR I 274 36.72 -1.74 21.32
N SER I 275 36.02 -2.39 22.25
CA SER I 275 36.38 -3.72 22.71
C SER I 275 35.38 -4.81 22.35
N ALA I 276 34.24 -4.44 21.78
CA ALA I 276 33.14 -5.39 21.62
C ALA I 276 33.54 -6.58 20.75
N GLY I 277 34.34 -6.31 19.73
CA GLY I 277 34.72 -7.34 18.77
C GLY I 277 35.64 -8.43 19.31
N TYR I 278 36.10 -8.32 20.54
CA TYR I 278 36.91 -9.38 21.14
C TYR I 278 36.06 -10.45 21.79
N ASP I 279 34.75 -10.20 21.87
CA ASP I 279 33.81 -11.23 22.29
C ASP I 279 33.21 -11.88 21.05
N PRO I 280 33.43 -13.18 20.86
CA PRO I 280 32.81 -13.83 19.70
C PRO I 280 31.31 -13.60 19.59
N VAL I 281 30.61 -13.49 20.72
CA VAL I 281 29.15 -13.34 20.67
C VAL I 281 28.76 -11.98 20.09
N PHE I 282 29.70 -11.04 20.04
CA PHE I 282 29.43 -9.74 19.40
C PHE I 282 28.87 -9.90 17.99
N TYR I 283 29.51 -10.75 17.20
CA TYR I 283 29.17 -10.92 15.79
C TYR I 283 27.87 -11.69 15.64
N ILE I 284 27.55 -12.51 16.64
CA ILE I 284 26.37 -13.39 16.57
C ILE I 284 25.15 -12.62 17.00
N HIS I 285 25.33 -11.73 17.97
CA HIS I 285 24.32 -10.74 18.27
C HIS I 285 24.05 -9.86 17.04
N HIS I 286 25.11 -9.38 16.41
CA HIS I 286 24.94 -8.47 15.28
C HIS I 286 24.35 -9.17 14.07
N ALA I 287 24.58 -10.48 13.95
CA ALA I 287 23.92 -11.25 12.91
C ALA I 287 22.40 -11.16 13.09
N ASN I 288 21.92 -11.17 14.32
CA ASN I 288 20.48 -11.02 14.51
C ASN I 288 20.01 -9.57 14.30
N VAL I 289 20.86 -8.61 14.62
CA VAL I 289 20.55 -7.22 14.31
C VAL I 289 20.41 -7.08 12.78
N ASP I 290 21.31 -7.73 12.07
CA ASP I 290 21.26 -7.77 10.61
C ASP I 290 19.94 -8.37 10.15
N ARG I 291 19.52 -9.43 10.82
CA ARG I 291 18.24 -10.06 10.52
C ARG I 291 17.05 -9.12 10.78
N MET I 292 17.15 -8.26 11.79
CA MET I 292 16.09 -7.31 12.10
C MET I 292 15.79 -6.41 10.90
N TRP I 293 16.82 -6.00 10.17
CA TRP I 293 16.63 -5.24 8.94
C TRP I 293 15.80 -6.07 7.93
N LYS I 294 16.15 -7.33 7.76
CA LYS I 294 15.38 -8.19 6.86
C LYS I 294 13.92 -8.28 7.32
N LEU I 295 13.69 -8.52 8.60
CA LEU I 295 12.33 -8.66 9.11
C LEU I 295 11.54 -7.37 8.95
N TRP I 296 12.21 -6.25 9.18
CA TRP I 296 11.55 -4.95 9.10
C TRP I 296 11.05 -4.69 7.68
N LYS I 297 11.88 -5.02 6.69
CA LYS I 297 11.52 -4.86 5.29
C LYS I 297 10.42 -5.82 4.88
N GLU I 298 10.45 -7.03 5.41
CA GLU I 298 9.47 -8.05 5.06
C GLU I 298 8.08 -7.75 5.62
N LEU I 299 8.02 -6.91 6.66
CA LEU I 299 6.73 -6.43 7.14
C LEU I 299 6.18 -5.48 6.09
N ARG I 300 5.07 -5.87 5.47
CA ARG I 300 4.51 -5.06 4.40
C ARG I 300 3.64 -3.96 5.00
N LEU I 301 4.34 -2.97 5.56
CA LEU I 301 3.71 -1.85 6.23
C LEU I 301 4.17 -0.56 5.58
N PRO I 302 3.31 0.48 5.64
CA PRO I 302 3.70 1.79 5.14
C PRO I 302 5.01 2.26 5.80
N GLY I 303 5.92 2.76 5.00
CA GLY I 303 7.16 3.30 5.53
C GLY I 303 8.24 2.26 5.74
N HIS I 304 7.92 0.98 5.59
CA HIS I 304 8.94 -0.06 5.72
C HIS I 304 9.64 -0.27 4.37
N VAL I 305 10.42 0.73 4.00
CA VAL I 305 11.06 0.81 2.68
C VAL I 305 12.53 1.14 2.86
N ASP I 306 13.34 0.79 1.87
CA ASP I 306 14.75 1.08 1.99
C ASP I 306 15.02 2.55 1.62
N ILE I 307 16.16 3.04 2.07
CA ILE I 307 16.58 4.41 1.81
C ILE I 307 16.98 4.61 0.34
N THR I 308 16.54 5.72 -0.26
CA THR I 308 16.89 6.06 -1.64
C THR I 308 17.72 7.34 -1.76
N ASP I 309 18.02 7.99 -0.64
CA ASP I 309 18.86 9.17 -0.61
C ASP I 309 20.26 8.83 -1.14
N PRO I 310 20.74 9.55 -2.18
CA PRO I 310 22.08 9.25 -2.71
C PRO I 310 23.21 9.35 -1.68
N ASP I 311 23.06 10.22 -0.69
CA ASP I 311 24.12 10.40 0.30
C ASP I 311 24.20 9.23 1.27
N TRP I 312 23.16 8.40 1.28
CA TRP I 312 23.21 7.11 1.96
C TRP I 312 23.67 6.01 0.99
N LEU I 313 23.06 5.97 -0.20
CA LEU I 313 23.40 4.96 -1.22
C LEU I 313 24.90 4.91 -1.52
N ASN I 314 25.51 6.09 -1.65
CA ASN I 314 26.91 6.18 -2.07
C ASN I 314 27.91 6.30 -0.94
N ALA I 315 27.46 6.16 0.32
CA ALA I 315 28.40 6.12 1.44
C ALA I 315 29.18 4.81 1.37
N SER I 316 30.46 4.83 1.76
CA SER I 316 31.28 3.65 1.56
C SER I 316 32.35 3.44 2.62
N TYR I 317 32.72 2.17 2.77
CA TYR I 317 33.72 1.73 3.72
C TYR I 317 34.74 0.87 2.99
N VAL I 318 35.84 0.58 3.66
CA VAL I 318 36.89 -0.26 3.14
C VAL I 318 37.16 -1.40 4.11
N PHE I 319 37.25 -2.61 3.56
CA PHE I 319 37.54 -3.82 4.32
C PHE I 319 38.54 -4.68 3.59
N TYR I 320 39.31 -5.47 4.35
CA TYR I 320 40.02 -6.61 3.80
C TYR I 320 39.08 -7.81 3.65
N ASP I 321 39.23 -8.57 2.56
CA ASP I 321 38.41 -9.76 2.36
C ASP I 321 39.24 -11.03 2.62
N GLU I 322 38.69 -12.18 2.26
CA GLU I 322 39.33 -13.46 2.59
C GLU I 322 40.63 -13.68 1.82
N ASN I 323 40.86 -12.90 0.77
CA ASN I 323 42.11 -13.00 -0.01
C ASN I 323 43.12 -11.93 0.38
N LYS I 324 42.85 -11.21 1.46
CA LYS I 324 43.68 -10.08 1.89
C LYS I 324 43.72 -8.98 0.82
N ASP I 325 42.69 -8.90 -0.02
CA ASP I 325 42.52 -7.75 -0.90
C ASP I 325 41.78 -6.64 -0.16
N LEU I 326 42.06 -5.39 -0.54
CA LEU I 326 41.33 -4.23 -0.01
C LEU I 326 40.12 -3.94 -0.88
N VAL I 327 38.94 -3.94 -0.27
CA VAL I 327 37.69 -3.77 -1.01
C VAL I 327 36.90 -2.56 -0.49
N ARG I 328 36.50 -1.68 -1.40
CA ARG I 328 35.56 -0.61 -1.07
C ARG I 328 34.13 -1.06 -1.36
N VAL I 329 33.26 -0.91 -0.37
CA VAL I 329 31.85 -1.28 -0.51
C VAL I 329 30.92 -0.10 -0.27
N TYR I 330 29.78 -0.11 -0.93
CA TYR I 330 28.78 0.96 -0.85
C TYR I 330 27.49 0.47 -0.19
N ASN I 331 26.81 1.37 0.52
CA ASN I 331 25.56 1.03 1.17
C ASN I 331 24.55 0.44 0.18
N LYS I 332 24.47 1.03 -1.02
CA LYS I 332 23.46 0.62 -1.99
C LYS I 332 23.57 -0.86 -2.34
N ASP I 333 24.77 -1.41 -2.24
CA ASP I 333 25.02 -2.77 -2.74
C ASP I 333 24.77 -3.87 -1.71
N CYS I 334 24.38 -3.53 -0.49
CA CYS I 334 24.10 -4.55 0.51
C CYS I 334 22.61 -4.70 0.84
N VAL I 335 21.74 -3.99 0.14
CA VAL I 335 20.33 -3.98 0.50
C VAL I 335 19.62 -5.30 0.15
N ASN I 336 20.13 -6.00 -0.86
CA ASN I 336 19.51 -7.24 -1.35
C ASN I 336 20.34 -8.46 -0.93
N LEU I 337 19.79 -9.27 -0.02
CA LEU I 337 20.52 -10.39 0.55
C LEU I 337 20.79 -11.52 -0.46
N ASP I 338 19.90 -11.71 -1.42
CA ASP I 338 20.12 -12.70 -2.46
C ASP I 338 21.44 -12.45 -3.20
N LYS I 339 21.72 -11.18 -3.44
CA LYS I 339 22.92 -10.82 -4.20
C LYS I 339 24.18 -10.98 -3.36
N LEU I 340 24.03 -10.95 -2.03
CA LEU I 340 25.16 -11.19 -1.14
C LEU I 340 25.29 -12.68 -0.80
N LYS I 341 24.38 -13.49 -1.32
CA LYS I 341 24.44 -14.95 -1.20
C LYS I 341 24.41 -15.42 0.25
N TYR I 342 23.62 -14.78 1.10
CA TYR I 342 23.28 -15.35 2.40
C TYR I 342 21.85 -15.01 2.81
N ASN I 343 21.32 -15.80 3.73
CA ASN I 343 20.04 -15.48 4.36
C ASN I 343 20.00 -16.11 5.75
N PHE I 344 18.81 -16.15 6.34
CA PHE I 344 18.65 -16.69 7.69
C PHE I 344 17.62 -17.81 7.70
N ILE I 345 17.96 -18.89 8.39
CA ILE I 345 17.01 -19.94 8.71
C ILE I 345 16.00 -19.41 9.70
N GLU I 346 14.78 -19.18 9.22
CA GLU I 346 13.69 -18.76 10.06
C GLU I 346 12.99 -19.97 10.64
N ASN I 347 13.57 -20.54 11.69
CA ASN I 347 12.96 -21.67 12.37
C ASN I 347 11.69 -21.25 13.11
N ASP J 1 4.07 -3.45 25.72
CA ASP J 1 3.68 -3.04 24.39
C ASP J 1 3.37 -4.29 23.56
N GLY J 2 2.90 -4.10 22.33
CA GLY J 2 2.39 -5.22 21.56
C GLY J 2 1.13 -5.75 22.25
N VAL J 3 1.10 -7.04 22.54
CA VAL J 3 -0.06 -7.64 23.20
C VAL J 3 0.11 -7.75 24.72
N PHE J 4 1.24 -7.25 25.23
CA PHE J 4 1.57 -7.38 26.65
C PHE J 4 1.46 -6.04 27.39
N THR J 5 0.98 -6.10 28.63
CA THR J 5 0.83 -4.90 29.46
C THR J 5 2.07 -4.68 30.31
N THR J 6 2.73 -3.54 30.08
CA THR J 6 3.92 -3.11 30.82
C THR J 6 4.83 -4.24 31.31
N PRO J 7 5.21 -5.16 30.41
CA PRO J 7 5.99 -6.33 30.85
C PRO J 7 7.41 -5.97 31.29
N CYS J 8 7.89 -4.78 30.94
CA CYS J 8 9.24 -4.37 31.31
C CYS J 8 9.26 -3.57 32.61
N ASP J 9 8.12 -3.45 33.26
CA ASP J 9 8.04 -2.73 34.53
C ASP J 9 8.52 -3.61 35.68
N PRO J 10 9.66 -3.26 36.30
CA PRO J 10 10.14 -4.10 37.40
C PRO J 10 9.27 -4.02 38.64
N GLU J 11 8.48 -2.95 38.75
CA GLU J 11 7.63 -2.75 39.92
C GLU J 11 6.22 -3.31 39.67
N TYR J 12 6.10 -4.20 38.70
CA TYR J 12 4.82 -4.82 38.40
C TYR J 12 4.42 -5.75 39.55
N ALA K 1 -25.03 -11.41 -0.53
CA ALA K 1 -25.72 -12.53 0.10
C ALA K 1 -25.48 -12.57 1.61
N PRO K 2 -25.73 -11.46 2.32
CA PRO K 2 -25.40 -11.39 3.75
C PRO K 2 -26.41 -12.07 4.65
N ILE K 3 -25.91 -12.68 5.73
CA ILE K 3 -26.76 -13.23 6.78
C ILE K 3 -27.58 -12.10 7.41
N THR K 4 -28.88 -12.36 7.55
CA THR K 4 -29.84 -11.34 7.98
C THR K 4 -30.83 -11.95 8.97
N ALA K 5 -30.80 -11.50 10.22
CA ALA K 5 -31.76 -11.96 11.22
C ALA K 5 -33.16 -11.55 10.78
N PRO K 6 -34.16 -12.43 10.99
CA PRO K 6 -35.53 -12.08 10.62
C PRO K 6 -36.17 -11.18 11.67
N ASP K 7 -37.48 -10.98 11.58
CA ASP K 7 -38.22 -10.42 12.70
C ASP K 7 -38.20 -11.47 13.80
N ILE K 8 -37.29 -11.29 14.75
CA ILE K 8 -37.04 -12.28 15.79
C ILE K 8 -38.26 -12.47 16.71
N THR K 9 -39.17 -11.51 16.72
CA THR K 9 -40.39 -11.62 17.52
C THR K 9 -41.48 -12.34 16.75
N SER K 10 -41.33 -12.38 15.43
CA SER K 10 -42.32 -13.00 14.55
C SER K 10 -41.95 -14.44 14.24
N ILE K 11 -40.70 -14.68 13.85
CA ILE K 11 -40.24 -16.00 13.44
C ILE K 11 -39.09 -16.48 14.34
N CYS K 12 -39.36 -17.50 15.13
CA CYS K 12 -38.39 -18.03 16.07
C CYS K 12 -38.85 -19.41 16.54
N LYS K 13 -37.92 -20.27 16.92
CA LYS K 13 -38.25 -21.61 17.39
C LYS K 13 -37.33 -22.03 18.53
N ASP K 14 -37.76 -23.03 19.28
CA ASP K 14 -36.95 -23.59 20.36
C ASP K 14 -35.56 -23.95 19.87
N ALA K 15 -34.56 -23.66 20.70
CA ALA K 15 -33.19 -24.03 20.38
C ALA K 15 -33.05 -25.55 20.43
N SER K 16 -32.55 -26.13 19.35
CA SER K 16 -32.45 -27.59 19.26
C SER K 16 -31.21 -28.04 18.49
N SER K 17 -30.15 -27.25 18.55
CA SER K 17 -28.87 -27.64 17.95
C SER K 17 -27.70 -27.23 18.83
N GLY K 18 -26.67 -28.06 18.87
CA GLY K 18 -25.46 -27.77 19.62
C GLY K 18 -25.60 -28.08 21.10
N ILE K 19 -26.68 -28.78 21.45
CA ILE K 19 -26.93 -29.20 22.83
C ILE K 19 -27.00 -30.73 22.88
N GLY K 20 -25.93 -31.35 23.35
CA GLY K 20 -25.79 -32.80 23.27
C GLY K 20 -26.73 -33.58 24.17
N ASN K 21 -27.12 -32.97 25.28
CA ASN K 21 -28.07 -33.60 26.20
C ASN K 21 -29.24 -32.66 26.47
N GLN K 22 -30.23 -32.67 25.58
CA GLN K 22 -31.39 -31.80 25.71
C GLN K 22 -32.30 -32.23 26.85
N GLU K 23 -32.37 -33.53 27.09
CA GLU K 23 -33.25 -34.08 28.12
C GLU K 23 -32.80 -33.62 29.51
N GLY K 24 -31.51 -33.48 29.71
CA GLY K 24 -30.96 -33.12 31.00
C GLY K 24 -30.70 -31.63 31.16
N ALA K 25 -30.78 -30.91 30.05
CA ALA K 25 -30.47 -29.47 30.04
C ALA K 25 -31.17 -28.73 31.19
N ILE K 26 -30.40 -27.97 31.97
CA ILE K 26 -30.95 -27.32 33.17
C ILE K 26 -31.48 -25.93 32.89
N ARG K 27 -31.03 -25.34 31.78
CA ARG K 27 -31.58 -24.06 31.33
C ARG K 27 -32.60 -24.34 30.23
N THR K 28 -33.48 -23.38 29.99
CA THR K 28 -34.52 -23.55 28.97
C THR K 28 -33.97 -23.53 27.55
N ARG K 29 -34.67 -24.21 26.65
CA ARG K 29 -34.39 -24.11 25.22
C ARG K 29 -35.44 -23.22 24.52
N LYS K 30 -36.38 -22.70 25.31
CA LYS K 30 -37.34 -21.74 24.79
C LYS K 30 -36.74 -20.35 24.95
N CYS K 31 -35.92 -19.97 23.97
CA CYS K 31 -35.07 -18.80 24.09
C CYS K 31 -35.57 -17.65 23.23
N CYS K 32 -36.81 -17.75 22.78
CA CYS K 32 -37.32 -16.72 21.88
C CYS K 32 -37.57 -15.43 22.66
N PRO K 33 -37.34 -14.28 22.00
CA PRO K 33 -37.45 -12.99 22.70
C PRO K 33 -38.91 -12.59 22.94
N PRO K 34 -39.16 -11.75 23.94
CA PRO K 34 -40.52 -11.30 24.22
C PRO K 34 -41.03 -10.35 23.16
N SER K 35 -42.35 -10.21 23.09
CA SER K 35 -42.99 -9.31 22.14
C SER K 35 -43.72 -8.19 22.88
N LEU K 36 -43.44 -6.96 22.45
CA LEU K 36 -44.06 -5.78 23.03
C LEU K 36 -44.84 -4.99 21.97
N GLY K 37 -45.04 -5.59 20.80
CA GLY K 37 -45.76 -4.93 19.73
C GLY K 37 -44.96 -3.80 19.09
N LYS K 38 -43.64 -3.86 19.21
CA LYS K 38 -42.78 -2.85 18.62
C LYS K 38 -42.48 -3.19 17.16
N LYS K 39 -42.10 -2.18 16.39
CA LYS K 39 -41.61 -2.38 15.03
C LYS K 39 -40.10 -2.25 15.01
N ILE K 40 -39.43 -3.00 14.13
CA ILE K 40 -37.98 -2.97 14.06
C ILE K 40 -37.51 -1.69 13.36
N LYS K 41 -36.69 -0.93 14.07
CA LYS K 41 -36.17 0.34 13.55
C LYS K 41 -34.67 0.22 13.28
N ASP K 42 -34.19 0.98 12.30
CA ASP K 42 -32.78 0.96 11.97
C ASP K 42 -31.96 1.65 13.06
N PHE K 43 -30.76 1.13 13.28
CA PHE K 43 -29.87 1.68 14.30
C PHE K 43 -29.49 3.13 13.98
N GLN K 44 -29.37 3.94 15.03
CA GLN K 44 -28.83 5.28 14.91
C GLN K 44 -27.69 5.44 15.92
N PHE K 45 -26.59 6.03 15.48
CA PHE K 45 -25.42 6.19 16.35
C PHE K 45 -25.74 7.05 17.56
N PRO K 46 -25.20 6.69 18.73
CA PRO K 46 -25.54 7.36 19.99
C PRO K 46 -24.96 8.77 20.11
N ASN K 47 -25.71 9.65 20.78
CA ASN K 47 -25.31 11.03 20.98
C ASN K 47 -24.65 11.26 22.34
N ASP K 48 -24.10 10.20 22.92
CA ASP K 48 -23.48 10.29 24.24
C ASP K 48 -22.44 11.39 24.28
N LYS K 49 -22.46 12.17 25.35
CA LYS K 49 -21.53 13.28 25.50
C LYS K 49 -20.14 12.78 25.84
N LYS K 50 -20.08 11.67 26.57
CA LYS K 50 -18.82 11.10 27.05
C LYS K 50 -18.66 9.65 26.59
N VAL K 51 -17.42 9.20 26.47
CA VAL K 51 -17.15 7.82 26.10
C VAL K 51 -17.13 6.96 27.36
N ARG K 52 -17.99 5.94 27.39
CA ARG K 52 -18.01 4.98 28.48
C ARG K 52 -16.70 4.22 28.52
N MET K 53 -16.07 4.12 29.68
CA MET K 53 -14.75 3.52 29.78
C MET K 53 -14.76 2.20 30.55
N ARG K 54 -14.64 1.09 29.82
CA ARG K 54 -14.65 -0.23 30.42
C ARG K 54 -13.38 -0.48 31.22
N TRP K 55 -13.56 -1.05 32.41
CA TRP K 55 -12.50 -1.12 33.41
C TRP K 55 -12.06 -2.55 33.68
N PRO K 56 -10.75 -2.76 33.93
CA PRO K 56 -10.31 -4.14 34.21
C PRO K 56 -10.94 -4.67 35.48
N ALA K 57 -11.49 -5.88 35.43
CA ALA K 57 -12.25 -6.42 36.55
C ALA K 57 -11.39 -6.59 37.81
N HIS K 58 -10.08 -6.71 37.63
CA HIS K 58 -9.19 -6.88 38.77
C HIS K 58 -8.78 -5.56 39.41
N LYS K 59 -9.17 -4.44 38.80
CA LYS K 59 -8.75 -3.13 39.30
C LYS K 59 -9.84 -2.07 39.13
N GLY K 60 -11.06 -2.40 39.54
CA GLY K 60 -12.15 -1.43 39.51
C GLY K 60 -12.14 -0.58 40.76
N THR K 61 -12.52 0.69 40.63
CA THR K 61 -12.71 1.55 41.81
C THR K 61 -13.92 1.05 42.57
N LYS K 62 -14.13 1.58 43.78
CA LYS K 62 -15.26 1.18 44.60
C LYS K 62 -16.58 1.52 43.90
N LYS K 63 -16.62 2.68 43.24
CA LYS K 63 -17.81 3.08 42.51
C LYS K 63 -18.05 2.18 41.31
N GLN K 64 -16.99 1.79 40.62
CA GLN K 64 -17.13 0.93 39.45
C GLN K 64 -17.74 -0.41 39.84
N VAL K 65 -17.18 -1.06 40.86
CA VAL K 65 -17.64 -2.38 41.25
C VAL K 65 -19.06 -2.29 41.81
N ASP K 66 -19.30 -1.26 42.61
CA ASP K 66 -20.62 -1.05 43.20
C ASP K 66 -21.68 -0.81 42.13
N ASP K 67 -21.37 0.05 41.15
CA ASP K 67 -22.33 0.34 40.07
C ASP K 67 -22.65 -0.90 39.24
N TYR K 68 -21.63 -1.67 38.89
CA TYR K 68 -21.83 -2.88 38.10
C TYR K 68 -22.64 -3.89 38.91
N ARG K 69 -22.29 -4.04 40.18
CA ARG K 69 -22.99 -4.99 41.04
C ARG K 69 -24.47 -4.61 41.16
N ARG K 70 -24.73 -3.32 41.32
CA ARG K 70 -26.11 -2.83 41.48
C ARG K 70 -26.89 -2.99 40.19
N ALA K 71 -26.23 -2.75 39.05
CA ALA K 71 -26.87 -2.86 37.75
C ALA K 71 -27.30 -4.30 37.48
N ILE K 72 -26.46 -5.25 37.82
CA ILE K 72 -26.80 -6.67 37.64
C ILE K 72 -27.93 -7.07 38.59
N ALA K 73 -27.91 -6.56 39.82
CA ALA K 73 -28.97 -6.89 40.77
C ALA K 73 -30.29 -6.34 40.24
N ALA K 74 -30.26 -5.12 39.71
CA ALA K 74 -31.44 -4.52 39.08
C ALA K 74 -31.95 -5.35 37.92
N MET K 75 -31.03 -5.82 37.08
CA MET K 75 -31.38 -6.64 35.93
C MET K 75 -32.03 -7.96 36.37
N ARG K 76 -31.48 -8.58 37.42
CA ARG K 76 -32.07 -9.80 37.97
C ARG K 76 -33.43 -9.55 38.61
N ALA K 77 -33.72 -8.30 38.98
CA ALA K 77 -34.98 -7.98 39.65
C ALA K 77 -36.09 -7.72 38.65
N LEU K 78 -35.73 -7.47 37.39
CA LEU K 78 -36.76 -7.21 36.38
C LEU K 78 -37.62 -8.45 36.17
N PRO K 79 -38.90 -8.25 35.82
CA PRO K 79 -39.73 -9.41 35.46
C PRO K 79 -39.12 -10.17 34.29
N ASP K 80 -39.25 -11.49 34.28
CA ASP K 80 -38.60 -12.31 33.27
C ASP K 80 -38.94 -11.90 31.83
N ASP K 81 -40.19 -11.49 31.62
CA ASP K 81 -40.67 -11.22 30.26
C ASP K 81 -40.19 -9.87 29.74
N ASP K 82 -39.65 -9.05 30.61
CA ASP K 82 -39.01 -7.81 30.19
C ASP K 82 -37.77 -8.12 29.33
N PRO K 83 -37.69 -7.57 28.11
CA PRO K 83 -36.57 -7.92 27.23
C PRO K 83 -35.21 -7.55 27.80
N ARG K 84 -35.20 -6.67 28.79
CA ARG K 84 -33.96 -6.25 29.44
C ARG K 84 -33.60 -7.15 30.63
N SER K 85 -34.48 -8.08 30.99
CA SER K 85 -34.29 -8.90 32.18
C SER K 85 -33.05 -9.78 32.09
N PHE K 86 -32.62 -10.31 33.22
CA PHE K 86 -31.44 -11.16 33.26
C PHE K 86 -31.64 -12.39 32.37
N VAL K 87 -32.81 -13.01 32.48
CA VAL K 87 -33.09 -14.22 31.70
C VAL K 87 -33.19 -13.91 30.22
N SER K 88 -33.80 -12.77 29.87
CA SER K 88 -33.98 -12.40 28.47
C SER K 88 -32.64 -12.15 27.79
N GLN K 89 -31.74 -11.46 28.49
CA GLN K 89 -30.43 -11.19 27.94
C GLN K 89 -29.64 -12.48 27.73
N ALA K 90 -29.80 -13.45 28.63
CA ALA K 90 -29.16 -14.76 28.51
C ALA K 90 -29.70 -15.51 27.30
N LYS K 91 -31.01 -15.40 27.10
CA LYS K 91 -31.69 -16.13 26.05
C LYS K 91 -31.27 -15.68 24.65
N ILE K 92 -30.87 -14.42 24.53
CA ILE K 92 -30.34 -13.90 23.27
C ILE K 92 -29.24 -14.79 22.72
N HIS K 93 -28.31 -15.14 23.59
CA HIS K 93 -27.18 -15.97 23.20
C HIS K 93 -27.66 -17.33 22.70
N CYS K 94 -28.63 -17.88 23.43
CA CYS K 94 -29.21 -19.17 23.09
C CYS K 94 -29.91 -19.15 21.73
N ALA K 95 -30.69 -18.10 21.49
CA ALA K 95 -31.42 -17.97 20.24
C ALA K 95 -30.49 -17.91 19.03
N TYR K 96 -29.44 -17.09 19.13
CA TYR K 96 -28.54 -16.89 17.99
C TYR K 96 -27.50 -18.00 17.83
N CYS K 97 -27.19 -18.73 18.91
CA CYS K 97 -26.09 -19.70 18.89
C CYS K 97 -26.57 -21.15 18.79
N ASN K 98 -27.83 -21.41 19.09
CA ASN K 98 -28.34 -22.78 19.15
C ASN K 98 -29.59 -23.00 18.31
N GLY K 99 -29.75 -22.19 17.27
CA GLY K 99 -30.71 -22.49 16.22
C GLY K 99 -32.10 -21.93 16.42
N GLY K 100 -32.21 -20.77 17.05
CA GLY K 100 -33.51 -20.16 17.25
C GLY K 100 -34.08 -19.56 15.98
N TYR K 101 -33.20 -19.12 15.09
CA TYR K 101 -33.60 -18.37 13.90
C TYR K 101 -33.14 -19.04 12.61
N THR K 102 -33.86 -18.75 11.52
CA THR K 102 -33.53 -19.29 10.21
C THR K 102 -33.18 -18.15 9.25
N GLN K 103 -32.65 -18.52 8.09
CA GLN K 103 -32.30 -17.56 7.06
C GLN K 103 -33.48 -17.26 6.16
N VAL K 104 -34.67 -17.30 6.73
CA VAL K 104 -35.89 -17.11 5.96
C VAL K 104 -35.87 -15.80 5.18
N ASP K 105 -35.40 -14.73 5.82
CA ASP K 105 -35.34 -13.43 5.16
C ASP K 105 -34.30 -13.40 4.03
N SER K 106 -33.51 -14.46 3.92
CA SER K 106 -32.54 -14.58 2.83
C SER K 106 -32.98 -15.65 1.85
N GLY K 107 -34.22 -16.11 1.99
CA GLY K 107 -34.79 -17.09 1.09
C GLY K 107 -34.35 -18.51 1.40
N PHE K 108 -33.90 -18.73 2.63
CA PHE K 108 -33.49 -20.06 3.07
C PHE K 108 -34.16 -20.42 4.41
N PRO K 109 -35.48 -20.58 4.39
CA PRO K 109 -36.25 -20.86 5.61
C PRO K 109 -35.90 -22.20 6.26
N ASP K 110 -35.25 -23.08 5.52
CA ASP K 110 -34.87 -24.40 6.03
C ASP K 110 -33.44 -24.44 6.57
N ILE K 111 -32.79 -23.29 6.65
CA ILE K 111 -31.41 -23.22 7.13
C ILE K 111 -31.31 -22.28 8.33
N ASP K 112 -30.70 -22.77 9.40
CA ASP K 112 -30.53 -21.98 10.61
C ASP K 112 -29.49 -20.87 10.42
N ILE K 113 -29.67 -19.80 11.19
CA ILE K 113 -28.61 -18.83 11.41
C ILE K 113 -27.74 -19.30 12.57
N GLN K 114 -26.43 -19.24 12.37
CA GLN K 114 -25.46 -19.50 13.41
C GLN K 114 -24.45 -18.36 13.33
N ILE K 115 -24.21 -17.67 14.44
CA ILE K 115 -23.28 -16.53 14.43
C ILE K 115 -21.90 -16.95 14.92
N HIS K 116 -21.78 -18.16 15.44
CA HIS K 116 -20.47 -18.66 15.87
C HIS K 116 -19.73 -19.33 14.72
N ASN K 117 -18.41 -19.50 14.92
CA ASN K 117 -17.56 -20.29 14.04
C ASN K 117 -17.46 -19.71 12.65
N SER K 118 -17.45 -18.38 12.58
CA SER K 118 -17.35 -17.65 11.32
C SER K 118 -17.02 -16.19 11.58
N TRP K 119 -16.93 -15.42 10.51
CA TRP K 119 -16.60 -14.01 10.61
C TRP K 119 -17.69 -13.16 11.29
N LEU K 120 -18.85 -13.75 11.61
CA LEU K 120 -19.87 -13.03 12.38
C LEU K 120 -19.58 -12.97 13.88
N PHE K 121 -18.63 -13.80 14.34
CA PHE K 121 -18.36 -13.91 15.78
C PHE K 121 -18.10 -12.57 16.47
N PHE K 122 -17.11 -11.81 16.00
CA PHE K 122 -16.75 -10.57 16.69
C PHE K 122 -17.83 -9.51 16.62
N PRO K 123 -18.37 -9.23 15.42
CA PRO K 123 -19.36 -8.14 15.40
C PRO K 123 -20.68 -8.48 16.10
N PHE K 124 -21.14 -9.73 16.03
CA PHE K 124 -22.33 -10.07 16.78
C PHE K 124 -22.15 -9.78 18.26
N HIS K 125 -21.04 -10.22 18.83
CA HIS K 125 -20.88 -10.10 20.27
C HIS K 125 -20.63 -8.66 20.68
N ARG K 126 -20.02 -7.89 19.79
CA ARG K 126 -19.83 -6.46 20.03
C ARG K 126 -21.19 -5.78 20.19
N TRP K 127 -22.14 -6.09 19.32
CA TRP K 127 -23.49 -5.52 19.39
C TRP K 127 -24.27 -6.02 20.60
N TYR K 128 -24.19 -7.31 20.84
CA TYR K 128 -24.78 -7.96 22.01
C TYR K 128 -24.42 -7.20 23.27
N LEU K 129 -23.12 -6.98 23.45
CA LEU K 129 -22.61 -6.29 24.62
C LEU K 129 -22.95 -4.82 24.61
N TYR K 130 -22.90 -4.21 23.43
CA TYR K 130 -23.24 -2.80 23.28
C TYR K 130 -24.60 -2.46 23.92
N PHE K 131 -25.64 -3.23 23.57
CA PHE K 131 -26.95 -2.99 24.13
C PHE K 131 -27.03 -3.44 25.59
N TYR K 132 -26.36 -4.54 25.91
CA TYR K 132 -26.34 -5.07 27.28
C TYR K 132 -25.81 -4.02 28.25
N GLU K 133 -24.74 -3.35 27.84
CA GLU K 133 -24.09 -2.33 28.65
C GLU K 133 -25.00 -1.12 28.86
N ARG K 134 -25.62 -0.65 27.78
CA ARG K 134 -26.49 0.51 27.84
C ARG K 134 -27.76 0.20 28.62
N ILE K 135 -28.21 -1.04 28.56
CA ILE K 135 -29.36 -1.47 29.36
C ILE K 135 -29.00 -1.35 30.84
N LEU K 136 -27.88 -1.96 31.23
CA LEU K 136 -27.44 -1.91 32.62
C LEU K 136 -27.32 -0.48 33.16
N GLY K 137 -26.76 0.42 32.36
CA GLY K 137 -26.59 1.80 32.78
C GLY K 137 -27.92 2.47 33.06
N SER K 138 -28.90 2.23 32.20
CA SER K 138 -30.21 2.82 32.35
C SER K 138 -30.89 2.37 33.65
N LEU K 139 -30.71 1.11 34.02
CA LEU K 139 -31.39 0.55 35.17
C LEU K 139 -30.95 1.23 36.47
N ILE K 140 -29.77 1.84 36.47
CA ILE K 140 -29.29 2.57 37.64
C ILE K 140 -29.06 4.06 37.34
N ASP K 141 -29.71 4.55 36.29
CA ASP K 141 -29.63 5.94 35.86
C ASP K 141 -28.20 6.48 35.79
N GLU K 142 -27.26 5.65 35.31
CA GLU K 142 -25.89 6.08 35.07
C GLU K 142 -25.62 6.25 33.59
N PRO K 143 -25.69 7.48 33.08
CA PRO K 143 -25.56 7.67 31.63
C PRO K 143 -24.17 7.35 31.09
N ASN K 144 -23.19 7.17 31.98
CA ASN K 144 -21.82 6.88 31.57
C ASN K 144 -21.33 5.51 32.09
N PHE K 145 -22.27 4.63 32.40
CA PHE K 145 -21.96 3.29 32.88
C PHE K 145 -21.15 2.48 31.86
N ALA K 146 -20.14 1.76 32.36
CA ALA K 146 -19.34 0.87 31.52
C ALA K 146 -19.14 -0.48 32.19
N LEU K 147 -19.08 -1.51 31.36
CA LEU K 147 -18.79 -2.87 31.83
C LEU K 147 -17.37 -3.04 32.32
N PRO K 148 -17.16 -3.96 33.27
CA PRO K 148 -15.78 -4.43 33.45
C PRO K 148 -15.38 -5.35 32.31
N TYR K 149 -14.08 -5.63 32.17
CA TYR K 149 -13.63 -6.66 31.26
C TYR K 149 -12.60 -7.53 31.96
N TRP K 150 -12.65 -8.82 31.67
CA TRP K 150 -11.76 -9.78 32.29
C TRP K 150 -10.42 -9.78 31.56
N LYS K 151 -9.44 -9.08 32.12
CA LYS K 151 -8.18 -8.84 31.42
C LYS K 151 -7.19 -10.00 31.60
N TRP K 152 -7.53 -11.16 31.06
CA TRP K 152 -6.68 -12.34 31.21
C TRP K 152 -5.44 -12.34 30.33
N ASP K 153 -5.20 -11.22 29.64
CA ASP K 153 -3.96 -11.05 28.87
C ASP K 153 -2.85 -10.44 29.72
N GLU K 154 -3.20 -10.02 30.93
CA GLU K 154 -2.24 -9.46 31.87
C GLU K 154 -2.28 -10.33 33.15
N PRO K 155 -1.10 -10.64 33.74
CA PRO K 155 -1.06 -11.60 34.85
C PRO K 155 -2.02 -11.29 36.01
N LYS K 156 -2.08 -10.04 36.45
CA LYS K 156 -2.96 -9.68 37.56
C LYS K 156 -4.44 -9.91 37.21
N GLY K 157 -4.77 -9.87 35.91
CA GLY K 157 -6.14 -10.09 35.49
C GLY K 157 -6.49 -11.54 35.16
N MET K 158 -5.52 -12.44 35.28
CA MET K 158 -5.73 -13.84 34.91
C MET K 158 -6.59 -14.62 35.93
N PRO K 159 -6.36 -14.40 37.24
CA PRO K 159 -7.30 -15.01 38.19
C PRO K 159 -8.71 -14.47 37.99
N ILE K 160 -9.73 -15.31 38.10
CA ILE K 160 -11.09 -14.83 38.03
C ILE K 160 -11.27 -13.86 39.19
N SER K 161 -11.83 -12.70 38.92
CA SER K 161 -11.90 -11.64 39.93
C SER K 161 -12.80 -12.07 41.09
N ASN K 162 -12.41 -11.69 42.30
CA ASN K 162 -13.20 -12.08 43.48
C ASN K 162 -14.58 -11.44 43.50
N ILE K 163 -14.82 -10.44 42.64
CA ILE K 163 -16.12 -9.79 42.59
C ILE K 163 -17.20 -10.76 42.11
N PHE K 164 -16.76 -11.82 41.42
CA PHE K 164 -17.68 -12.82 40.89
C PHE K 164 -17.90 -13.99 41.85
N LEU K 165 -17.19 -13.98 42.97
CA LEU K 165 -17.16 -15.14 43.86
C LEU K 165 -18.04 -14.93 45.09
N GLY K 166 -17.93 -15.84 46.05
CA GLY K 166 -18.76 -15.81 47.25
C GLY K 166 -19.86 -16.85 47.17
N ASP K 167 -21.10 -16.38 47.23
CA ASP K 167 -22.24 -17.29 47.09
C ASP K 167 -23.40 -16.56 46.41
N ALA K 168 -24.55 -17.24 46.37
CA ALA K 168 -25.72 -16.76 45.64
C ALA K 168 -26.19 -15.37 46.07
N SER K 169 -25.81 -14.93 47.26
CA SER K 169 -26.22 -13.61 47.73
C SER K 169 -25.52 -12.51 46.93
N ASN K 170 -24.42 -12.86 46.26
CA ASN K 170 -23.72 -11.95 45.36
C ASN K 170 -24.36 -12.01 43.96
N PRO K 171 -24.87 -10.87 43.46
CA PRO K 171 -25.55 -10.90 42.15
C PRO K 171 -24.63 -11.31 40.99
N LEU K 172 -23.32 -11.21 41.19
CA LEU K 172 -22.36 -11.55 40.14
C LEU K 172 -21.95 -13.03 40.18
N TYR K 173 -22.47 -13.75 41.16
CA TYR K 173 -22.15 -15.17 41.35
C TYR K 173 -22.93 -16.09 40.40
N ASP K 174 -22.38 -17.28 40.17
CA ASP K 174 -23.08 -18.36 39.48
C ASP K 174 -22.58 -19.69 40.03
N GLN K 175 -23.49 -20.53 40.53
CA GLN K 175 -23.10 -21.79 41.15
C GLN K 175 -22.67 -22.83 40.11
N TYR K 176 -23.11 -22.65 38.87
CA TYR K 176 -22.77 -23.59 37.81
C TYR K 176 -21.45 -23.18 37.14
N ARG K 177 -20.38 -23.33 37.92
CA ARG K 177 -19.02 -23.15 37.45
C ARG K 177 -18.19 -24.34 37.95
N ASP K 178 -17.10 -24.65 37.25
CA ASP K 178 -16.21 -25.74 37.67
C ASP K 178 -15.60 -25.39 39.02
N ALA K 179 -16.03 -26.10 40.06
CA ALA K 179 -15.63 -25.79 41.43
C ALA K 179 -14.12 -25.94 41.64
N ASN K 180 -13.52 -26.94 41.01
CA ASN K 180 -12.08 -27.12 41.11
C ASN K 180 -11.31 -25.94 40.51
N HIS K 181 -11.78 -25.48 39.35
CA HIS K 181 -11.13 -24.39 38.64
C HIS K 181 -11.28 -23.06 39.37
N ILE K 182 -12.45 -22.85 40.00
CA ILE K 182 -12.65 -21.62 40.75
C ILE K 182 -11.67 -21.58 41.91
N GLU K 183 -11.42 -22.74 42.51
CA GLU K 183 -10.43 -22.84 43.58
C GLU K 183 -9.03 -22.54 43.03
N ASP K 184 -8.74 -23.00 41.81
CA ASP K 184 -7.45 -22.72 41.16
C ASP K 184 -7.28 -21.24 40.84
N ARG K 185 -8.41 -20.58 40.57
CA ARG K 185 -8.50 -19.15 40.30
C ARG K 185 -7.92 -18.74 38.94
N ILE K 186 -6.67 -19.12 38.66
CA ILE K 186 -6.01 -18.68 37.43
C ILE K 186 -6.52 -19.43 36.20
N VAL K 187 -7.10 -18.69 35.26
CA VAL K 187 -7.69 -19.29 34.06
C VAL K 187 -6.58 -19.89 33.17
N ASP K 188 -6.93 -20.97 32.48
CA ASP K 188 -6.03 -21.62 31.55
C ASP K 188 -6.51 -21.32 30.14
N LEU K 189 -5.87 -20.36 29.48
CA LEU K 189 -6.27 -19.94 28.15
C LEU K 189 -5.94 -21.00 27.08
N ASP K 190 -5.23 -22.04 27.50
CA ASP K 190 -4.91 -23.17 26.65
C ASP K 190 -5.66 -24.42 27.12
N TYR K 191 -6.71 -24.24 27.91
CA TYR K 191 -7.46 -25.36 28.45
C TYR K 191 -8.13 -26.17 27.34
N ASP K 192 -7.88 -27.49 27.34
CA ASP K 192 -8.45 -28.38 26.33
C ASP K 192 -9.22 -29.55 26.96
N GLY K 193 -9.66 -29.39 28.19
CA GLY K 193 -10.46 -30.41 28.86
C GLY K 193 -9.70 -31.24 29.87
N LYS K 194 -8.38 -31.08 29.92
CA LYS K 194 -7.55 -31.80 30.89
C LYS K 194 -6.73 -30.79 31.70
N ASP K 195 -6.82 -30.89 33.02
CA ASP K 195 -6.09 -29.98 33.89
C ASP K 195 -4.58 -30.13 33.72
N LYS K 196 -3.89 -29.00 33.60
CA LYS K 196 -2.45 -28.97 33.68
C LYS K 196 -2.06 -28.95 35.16
N ASP K 197 -0.98 -29.63 35.51
CA ASP K 197 -0.52 -29.66 36.91
C ASP K 197 0.75 -28.83 37.05
N ILE K 198 0.68 -27.58 36.62
CA ILE K 198 1.85 -26.72 36.53
C ILE K 198 1.77 -25.57 37.53
N PRO K 199 2.94 -25.03 37.92
CA PRO K 199 2.94 -23.88 38.84
C PRO K 199 2.21 -22.67 38.26
N ASP K 200 1.69 -21.81 39.12
CA ASP K 200 0.96 -20.62 38.70
C ASP K 200 1.74 -19.78 37.69
N GLN K 201 3.02 -19.53 37.96
CA GLN K 201 3.82 -18.68 37.08
C GLN K 201 4.05 -19.32 35.70
N GLN K 202 4.01 -20.65 35.64
CA GLN K 202 4.10 -21.31 34.35
C GLN K 202 2.78 -21.15 33.58
N GLN K 203 1.67 -21.14 34.31
CA GLN K 203 0.36 -20.97 33.70
C GLN K 203 0.23 -19.56 33.15
N VAL K 204 0.82 -18.60 33.87
CA VAL K 204 0.85 -17.21 33.42
C VAL K 204 1.55 -17.14 32.07
N ALA K 205 2.72 -17.77 31.98
CA ALA K 205 3.47 -17.84 30.74
C ALA K 205 2.67 -18.52 29.64
N CYS K 206 2.03 -19.63 29.98
CA CYS K 206 1.16 -20.32 29.02
C CYS K 206 0.10 -19.35 28.46
N ASN K 207 -0.54 -18.61 29.36
CA ASN K 207 -1.56 -17.65 28.96
C ASN K 207 -1.01 -16.53 28.06
N LEU K 208 0.15 -15.98 28.44
CA LEU K 208 0.77 -14.95 27.62
C LEU K 208 1.08 -15.49 26.23
N SER K 209 1.59 -16.72 26.19
CA SER K 209 1.93 -17.40 24.94
C SER K 209 0.71 -17.58 24.05
N THR K 210 -0.42 -17.88 24.69
CA THR K 210 -1.67 -18.08 24.00
C THR K 210 -2.23 -16.79 23.39
N VAL K 211 -2.13 -15.69 24.13
CA VAL K 211 -2.63 -14.41 23.63
C VAL K 211 -1.80 -14.06 22.40
N TYR K 212 -0.50 -14.24 22.49
CA TYR K 212 0.42 -13.96 21.39
C TYR K 212 0.13 -14.84 20.16
N ARG K 213 -0.13 -16.12 20.41
CA ARG K 213 -0.53 -17.02 19.33
C ARG K 213 -1.79 -16.51 18.62
N ASP K 214 -2.83 -16.18 19.38
CA ASP K 214 -4.11 -15.82 18.78
C ASP K 214 -4.07 -14.46 18.07
N LEU K 215 -3.33 -13.51 18.61
CA LEU K 215 -3.32 -12.15 18.06
C LEU K 215 -2.18 -11.84 17.07
N VAL K 216 -1.12 -12.64 17.07
CA VAL K 216 0.06 -12.35 16.24
C VAL K 216 0.41 -13.55 15.35
N ARG K 217 0.68 -14.72 15.94
CA ARG K 217 1.21 -15.83 15.16
C ARG K 217 0.15 -16.43 14.23
N ASN K 218 -1.07 -16.57 14.72
CA ASN K 218 -2.16 -17.20 13.96
C ASN K 218 -3.17 -16.22 13.38
N GLY K 219 -3.35 -15.08 14.03
CA GLY K 219 -4.28 -14.07 13.55
C GLY K 219 -3.54 -13.12 12.63
N VAL K 220 -3.22 -13.59 11.43
CA VAL K 220 -2.34 -12.87 10.52
C VAL K 220 -3.08 -12.09 9.43
N ASP K 221 -4.39 -12.28 9.33
CA ASP K 221 -5.17 -11.59 8.31
C ASP K 221 -6.63 -11.70 8.69
N PRO K 222 -7.52 -11.01 7.95
CA PRO K 222 -8.90 -10.98 8.44
C PRO K 222 -9.53 -12.37 8.52
N THR K 223 -9.24 -13.24 7.56
CA THR K 223 -9.86 -14.56 7.55
C THR K 223 -9.40 -15.42 8.73
N SER K 224 -8.11 -15.36 9.07
CA SER K 224 -7.59 -16.17 10.16
C SER K 224 -7.97 -15.60 11.53
N PHE K 225 -8.19 -14.30 11.60
CA PHE K 225 -8.54 -13.68 12.88
C PHE K 225 -10.05 -13.70 13.13
N PHE K 226 -10.83 -13.19 12.18
CA PHE K 226 -12.27 -13.09 12.34
C PHE K 226 -12.98 -14.41 12.14
N GLY K 227 -12.39 -15.27 11.30
CA GLY K 227 -12.98 -16.55 10.99
C GLY K 227 -13.46 -16.63 9.55
N GLY K 228 -13.92 -17.80 9.15
CA GLY K 228 -14.25 -18.07 7.76
C GLY K 228 -15.48 -17.32 7.24
N LYS K 229 -15.52 -17.17 5.93
CA LYS K 229 -16.64 -16.51 5.27
C LYS K 229 -17.90 -17.37 5.42
N TYR K 230 -18.97 -16.73 5.84
CA TYR K 230 -20.26 -17.37 6.10
C TYR K 230 -21.35 -16.47 5.55
N VAL K 231 -22.11 -16.97 4.58
CA VAL K 231 -23.10 -16.17 3.86
C VAL K 231 -24.44 -16.91 3.75
N ALA K 232 -25.45 -16.20 3.29
CA ALA K 232 -26.77 -16.81 3.11
C ALA K 232 -26.65 -18.07 2.26
N GLY K 233 -27.33 -19.14 2.67
CA GLY K 233 -27.26 -20.42 1.99
C GLY K 233 -26.25 -21.38 2.61
N ASP K 234 -25.33 -20.87 3.43
CA ASP K 234 -24.37 -21.74 4.11
C ASP K 234 -25.00 -22.44 5.31
N SER K 235 -24.63 -23.70 5.53
CA SER K 235 -24.99 -24.42 6.73
C SER K 235 -24.09 -23.98 7.90
N PRO K 236 -24.49 -24.32 9.13
CA PRO K 236 -23.66 -23.91 10.28
C PRO K 236 -22.33 -24.61 10.33
N VAL K 237 -21.29 -23.83 10.60
CA VAL K 237 -19.96 -24.38 10.76
C VAL K 237 -19.85 -25.03 12.13
N ALA K 238 -19.25 -26.21 12.16
CA ALA K 238 -19.12 -26.99 13.39
C ALA K 238 -18.09 -26.38 14.35
N ASN K 239 -18.36 -26.52 15.64
CA ASN K 239 -17.37 -26.16 16.65
C ASN K 239 -16.05 -26.89 16.36
N GLY K 240 -14.94 -26.18 16.46
CA GLY K 240 -13.63 -26.78 16.24
C GLY K 240 -13.20 -26.91 14.79
N ASP K 241 -14.04 -26.45 13.85
CA ASP K 241 -13.67 -26.44 12.43
C ASP K 241 -12.38 -25.62 12.25
N PRO K 242 -11.48 -26.07 11.35
CA PRO K 242 -10.26 -25.29 11.11
C PRO K 242 -10.52 -23.85 10.64
N SER K 243 -11.70 -23.55 10.11
CA SER K 243 -11.97 -22.21 9.55
C SER K 243 -12.33 -21.18 10.64
N VAL K 244 -12.62 -21.65 11.83
CA VAL K 244 -12.92 -20.77 12.95
C VAL K 244 -11.72 -19.86 13.22
N GLY K 245 -11.97 -18.62 13.60
CA GLY K 245 -10.91 -17.65 13.80
C GLY K 245 -10.05 -17.94 15.01
N SER K 246 -8.90 -17.29 15.08
CA SER K 246 -7.89 -17.63 16.09
C SER K 246 -8.35 -17.40 17.52
N VAL K 247 -8.95 -16.24 17.81
CA VAL K 247 -9.42 -15.97 19.15
C VAL K 247 -10.62 -16.85 19.50
N GLU K 248 -11.59 -16.95 18.60
CA GLU K 248 -12.78 -17.73 18.91
C GLU K 248 -12.42 -19.19 19.23
N ALA K 249 -11.55 -19.78 18.42
CA ALA K 249 -11.20 -21.21 18.57
C ALA K 249 -10.17 -21.43 19.67
N GLY K 250 -9.45 -20.37 20.03
CA GLY K 250 -8.38 -20.45 21.00
C GLY K 250 -8.82 -20.02 22.38
N SER K 251 -8.27 -18.89 22.82
CA SER K 251 -8.49 -18.40 24.17
C SER K 251 -9.97 -18.27 24.52
N HS8 K 252 -10.80 -17.86 23.57
CA HS8 K 252 -12.23 -17.75 23.81
CB HS8 K 252 -13.02 -17.18 22.61
CG HS8 K 252 -14.47 -17.20 22.85
ND1 HS8 K 252 -15.12 -16.36 23.78
CE1 HS8 K 252 -16.44 -16.62 23.79
NE2 HS8 K 252 -16.71 -17.61 22.87
CD2 HS8 K 252 -15.48 -17.99 22.27
C HS8 K 252 -12.88 -19.07 24.25
O HS8 K 252 -13.57 -19.19 25.26
O3 HS8 K 252 -18.32 -19.48 23.15
S HS8 K 252 -18.30 -18.25 22.56
O1 HS8 K 252 -19.16 -17.21 22.78
O2 HS8 K 252 -18.24 -18.52 20.97
N THR K 253 -12.62 -20.10 23.46
CA THR K 253 -13.17 -21.42 23.75
C THR K 253 -12.59 -21.97 25.04
N ALA K 254 -11.31 -21.71 25.29
CA ALA K 254 -10.66 -22.20 26.49
C ALA K 254 -11.35 -21.66 27.75
N VAL K 255 -11.66 -20.36 27.78
CA VAL K 255 -12.26 -19.79 28.98
C VAL K 255 -13.63 -20.39 29.22
N HIS K 256 -14.41 -20.57 28.15
CA HIS K 256 -15.73 -21.17 28.29
C HIS K 256 -15.66 -22.61 28.80
N ARG K 257 -14.73 -23.41 28.26
CA ARG K 257 -14.59 -24.78 28.72
C ARG K 257 -14.11 -24.85 30.18
N TRP K 258 -13.22 -23.94 30.55
CA TRP K 258 -12.63 -23.91 31.89
C TRP K 258 -13.61 -23.48 32.97
N VAL K 259 -14.44 -22.47 32.70
CA VAL K 259 -15.41 -22.01 33.68
C VAL K 259 -16.61 -22.95 33.80
N GLY K 260 -17.03 -23.53 32.68
CA GLY K 260 -18.20 -24.41 32.67
C GLY K 260 -18.11 -25.54 33.69
N ASP K 261 -19.24 -25.91 34.28
CA ASP K 261 -19.27 -26.91 35.36
C ASP K 261 -19.41 -28.33 34.79
N PRO K 262 -18.35 -29.15 34.91
CA PRO K 262 -18.40 -30.48 34.29
C PRO K 262 -19.39 -31.46 34.94
N THR K 263 -19.94 -31.10 36.09
CA THR K 263 -20.91 -31.96 36.73
C THR K 263 -22.32 -31.74 36.16
N GLN K 264 -22.46 -30.75 35.28
CA GLN K 264 -23.76 -30.47 34.66
C GLN K 264 -23.83 -31.18 33.30
N PRO K 265 -25.05 -31.49 32.83
CA PRO K 265 -25.23 -32.35 31.65
C PRO K 265 -24.59 -31.81 30.38
N ASN K 266 -24.57 -30.50 30.20
CA ASN K 266 -23.95 -29.88 29.05
C ASN K 266 -22.86 -28.91 29.48
N ASN K 267 -22.31 -29.15 30.66
CA ASN K 267 -21.29 -28.30 31.26
C ASN K 267 -21.79 -26.86 31.44
N GLU K 268 -23.09 -26.73 31.72
CA GLU K 268 -23.68 -25.43 32.04
C GLU K 268 -22.92 -24.78 33.20
N ASP K 269 -22.90 -23.45 33.27
CA ASP K 269 -23.51 -22.55 32.29
C ASP K 269 -22.58 -22.20 31.12
N MET K 270 -21.37 -21.76 31.43
CA MET K 270 -20.43 -21.28 30.41
C MET K 270 -19.99 -22.35 29.41
N GLY K 271 -20.12 -23.62 29.76
CA GLY K 271 -19.65 -24.70 28.90
C GLY K 271 -20.47 -25.02 27.67
N ASN K 272 -21.59 -24.32 27.49
CA ASN K 272 -22.38 -24.45 26.26
C ASN K 272 -22.97 -23.08 25.92
N PHE K 273 -23.05 -22.76 24.63
CA PHE K 273 -23.61 -21.48 24.19
C PHE K 273 -24.97 -21.19 24.81
N TYR K 274 -25.80 -22.21 24.84
CA TYR K 274 -27.21 -22.03 25.14
C TYR K 274 -27.41 -21.55 26.59
N SER K 275 -26.42 -21.80 27.44
CA SER K 275 -26.50 -21.51 28.87
C SER K 275 -25.48 -20.47 29.35
N ALA K 276 -24.57 -20.07 28.49
CA ALA K 276 -23.46 -19.24 28.94
C ALA K 276 -23.91 -17.89 29.49
N GLY K 277 -24.97 -17.34 28.92
CA GLY K 277 -25.47 -16.04 29.31
C GLY K 277 -26.02 -15.93 30.72
N TYR K 278 -26.24 -17.06 31.40
CA TYR K 278 -26.75 -17.02 32.77
C TYR K 278 -25.63 -16.80 33.80
N ASP K 279 -24.38 -16.82 33.34
CA ASP K 279 -23.25 -16.50 34.20
C ASP K 279 -22.84 -15.05 33.95
N PRO K 280 -22.93 -14.19 34.98
CA PRO K 280 -22.51 -12.80 34.76
C PRO K 280 -21.11 -12.69 34.16
N VAL K 281 -20.22 -13.64 34.43
CA VAL K 281 -18.85 -13.51 33.97
C VAL K 281 -18.76 -13.73 32.46
N PHE K 282 -19.80 -14.30 31.86
CA PHE K 282 -19.86 -14.49 30.41
C PHE K 282 -19.64 -13.18 29.65
N TYR K 283 -20.36 -12.16 30.08
CA TYR K 283 -20.34 -10.86 29.43
C TYR K 283 -19.01 -10.14 29.65
N ILE K 284 -18.37 -10.42 30.78
CA ILE K 284 -17.14 -9.72 31.17
C ILE K 284 -15.92 -10.35 30.52
N HIS K 285 -15.96 -11.67 30.39
CA HIS K 285 -15.06 -12.37 29.50
C HIS K 285 -15.19 -11.83 28.08
N HIS K 286 -16.42 -11.78 27.56
CA HIS K 286 -16.61 -11.33 26.19
C HIS K 286 -16.25 -9.87 25.98
N ALA K 287 -16.30 -9.07 27.03
CA ALA K 287 -15.85 -7.69 26.94
C ALA K 287 -14.36 -7.68 26.61
N ASN K 288 -13.59 -8.62 27.16
CA ASN K 288 -12.18 -8.66 26.80
C ASN K 288 -11.97 -9.25 25.41
N VAL K 289 -12.82 -10.19 25.01
CA VAL K 289 -12.78 -10.69 23.63
C VAL K 289 -13.01 -9.52 22.70
N ASP K 290 -13.96 -8.66 23.05
CA ASP K 290 -14.25 -7.48 22.26
C ASP K 290 -13.01 -6.58 22.19
N ARG K 291 -12.30 -6.49 23.30
CA ARG K 291 -11.08 -5.69 23.36
C ARG K 291 -9.95 -6.27 22.51
N MET K 292 -9.93 -7.60 22.35
CA MET K 292 -8.93 -8.24 21.50
C MET K 292 -9.04 -7.76 20.06
N TRP K 293 -10.26 -7.53 19.59
CA TRP K 293 -10.47 -6.97 18.25
C TRP K 293 -9.80 -5.59 18.17
N LYS K 294 -10.05 -4.76 19.17
CA LYS K 294 -9.42 -3.45 19.24
C LYS K 294 -7.89 -3.56 19.26
N LEU K 295 -7.38 -4.43 20.13
CA LEU K 295 -5.94 -4.65 20.29
C LEU K 295 -5.30 -5.13 18.99
N TRP K 296 -5.97 -6.08 18.35
CA TRP K 296 -5.47 -6.66 17.10
C TRP K 296 -5.29 -5.59 16.02
N LYS K 297 -6.26 -4.68 15.91
CA LYS K 297 -6.13 -3.53 15.00
C LYS K 297 -5.02 -2.58 15.42
N GLU K 298 -4.92 -2.32 16.72
CA GLU K 298 -3.95 -1.34 17.21
C GLU K 298 -2.52 -1.84 17.10
N LEU K 299 -2.33 -3.15 16.92
CA LEU K 299 -0.99 -3.68 16.70
C LEU K 299 -0.38 -3.15 15.41
N ARG K 300 -1.22 -2.76 14.47
CA ARG K 300 -0.78 -2.18 13.20
C ARG K 300 0.24 -3.09 12.50
N LEU K 301 -0.02 -4.40 12.56
CA LEU K 301 0.77 -5.37 11.82
C LEU K 301 0.13 -5.64 10.46
N PRO K 302 0.92 -6.18 9.53
CA PRO K 302 0.35 -6.46 8.19
C PRO K 302 -0.84 -7.39 8.27
N GLY K 303 -1.91 -7.03 7.57
CA GLY K 303 -3.10 -7.86 7.52
C GLY K 303 -4.04 -7.62 8.68
N HIS K 304 -3.63 -6.78 9.64
CA HIS K 304 -4.52 -6.48 10.76
C HIS K 304 -5.47 -5.37 10.40
N VAL K 305 -6.43 -5.71 9.52
CA VAL K 305 -7.36 -4.73 8.98
C VAL K 305 -8.75 -5.31 9.05
N ASP K 306 -9.75 -4.44 8.99
CA ASP K 306 -11.13 -4.88 9.07
C ASP K 306 -11.61 -5.46 7.74
N ILE K 307 -12.69 -6.23 7.82
CA ILE K 307 -13.32 -6.87 6.66
C ILE K 307 -14.03 -5.83 5.81
N THR K 308 -13.90 -5.94 4.50
CA THR K 308 -14.54 -5.00 3.58
C THR K 308 -15.49 -5.70 2.59
N ASP K 309 -15.63 -7.01 2.73
CA ASP K 309 -16.59 -7.78 1.93
C ASP K 309 -18.03 -7.33 2.24
N PRO K 310 -18.81 -6.96 1.20
CA PRO K 310 -20.20 -6.54 1.41
C PRO K 310 -21.08 -7.59 2.11
N ASP K 311 -20.80 -8.86 1.90
CA ASP K 311 -21.59 -9.91 2.54
C ASP K 311 -21.39 -9.91 4.05
N TRP K 312 -20.25 -9.39 4.51
CA TRP K 312 -20.02 -9.21 5.93
C TRP K 312 -20.56 -7.87 6.41
N LEU K 313 -20.24 -6.79 5.70
CA LEU K 313 -20.62 -5.44 6.09
C LEU K 313 -22.13 -5.31 6.28
N ASN K 314 -22.88 -5.98 5.42
CA ASN K 314 -24.34 -5.81 5.37
C ASN K 314 -25.07 -6.87 6.16
N ALA K 315 -24.33 -7.74 6.83
CA ALA K 315 -24.95 -8.72 7.70
C ALA K 315 -25.55 -7.99 8.89
N SER K 316 -26.70 -8.47 9.39
CA SER K 316 -27.43 -7.74 10.43
C SER K 316 -28.12 -8.65 11.44
N TYR K 317 -28.32 -8.08 12.63
CA TYR K 317 -29.02 -8.75 13.72
C TYR K 317 -30.05 -7.81 14.30
N VAL K 318 -30.85 -8.33 15.23
CA VAL K 318 -31.88 -7.54 15.89
C VAL K 318 -31.78 -7.74 17.39
N PHE K 319 -31.78 -6.62 18.10
CA PHE K 319 -31.71 -6.60 19.56
C PHE K 319 -32.74 -5.61 20.11
N TYR K 320 -33.19 -5.84 21.34
CA TYR K 320 -33.88 -4.80 22.12
C TYR K 320 -32.88 -3.85 22.75
N ASP K 321 -33.18 -2.55 22.77
CA ASP K 321 -32.31 -1.58 23.46
C ASP K 321 -32.88 -1.17 24.83
N GLU K 322 -32.27 -0.16 25.45
CA GLU K 322 -32.63 0.24 26.81
C GLU K 322 -34.03 0.83 26.91
N ASN K 323 -34.59 1.25 25.78
CA ASN K 323 -35.93 1.81 25.73
C ASN K 323 -36.96 0.78 25.31
N LYS K 324 -36.56 -0.49 25.36
CA LYS K 324 -37.38 -1.60 24.89
C LYS K 324 -37.80 -1.44 23.42
N ASP K 325 -37.00 -0.73 22.64
CA ASP K 325 -37.21 -0.65 21.19
C ASP K 325 -36.46 -1.77 20.49
N LEU K 326 -37.03 -2.26 19.38
CA LEU K 326 -36.37 -3.24 18.54
C LEU K 326 -35.48 -2.56 17.50
N VAL K 327 -34.20 -2.87 17.53
CA VAL K 327 -33.21 -2.22 16.67
C VAL K 327 -32.51 -3.24 15.79
N ARG K 328 -32.39 -2.92 14.50
CA ARG K 328 -31.59 -3.72 13.57
C ARG K 328 -30.21 -3.08 13.42
N VAL K 329 -29.17 -3.88 13.61
CA VAL K 329 -27.79 -3.40 13.53
C VAL K 329 -27.00 -4.16 12.49
N TYR K 330 -26.04 -3.47 11.87
CA TYR K 330 -25.23 -4.02 10.79
C TYR K 330 -23.77 -4.13 11.20
N ASN K 331 -23.06 -5.15 10.69
CA ASN K 331 -21.64 -5.34 11.00
C ASN K 331 -20.81 -4.10 10.70
N LYS K 332 -21.11 -3.43 9.60
CA LYS K 332 -20.32 -2.28 9.16
C LYS K 332 -20.31 -1.14 10.18
N ASP K 333 -21.30 -1.10 11.05
CA ASP K 333 -21.49 0.05 11.94
C ASP K 333 -20.89 -0.12 13.32
N CYS K 334 -20.24 -1.25 13.60
CA CYS K 334 -19.62 -1.44 14.91
C CYS K 334 -18.09 -1.43 14.86
N VAL K 335 -17.51 -1.13 13.71
CA VAL K 335 -16.07 -1.23 13.58
C VAL K 335 -15.33 -0.04 14.23
N ASN K 336 -16.04 1.06 14.43
CA ASN K 336 -15.45 2.25 15.02
C ASN K 336 -15.98 2.47 16.45
N LEU K 337 -15.12 2.24 17.43
CA LEU K 337 -15.50 2.36 18.84
C LEU K 337 -15.85 3.78 19.27
N ASP K 338 -15.24 4.78 18.63
CA ASP K 338 -15.54 6.17 18.96
C ASP K 338 -17.01 6.45 18.66
N LYS K 339 -17.49 5.89 17.56
CA LYS K 339 -18.88 6.11 17.15
C LYS K 339 -19.86 5.34 18.03
N LEU K 340 -19.39 4.27 18.68
CA LEU K 340 -20.24 3.54 19.62
C LEU K 340 -20.08 4.09 21.03
N LYS K 341 -19.18 5.06 21.18
CA LYS K 341 -19.01 5.81 22.43
C LYS K 341 -18.64 4.95 23.62
N TYR K 342 -17.78 3.95 23.40
CA TYR K 342 -17.14 3.27 24.50
C TYR K 342 -15.72 2.89 24.14
N ASN K 343 -14.93 2.60 25.16
CA ASN K 343 -13.59 2.09 24.95
C ASN K 343 -13.15 1.35 26.22
N PHE K 344 -11.84 1.14 26.35
CA PHE K 344 -11.30 0.38 27.46
C PHE K 344 -10.19 1.14 28.15
N ILE K 345 -10.19 1.11 29.48
CA ILE K 345 -9.12 1.70 30.27
C ILE K 345 -7.88 0.83 30.14
N GLU K 346 -6.86 1.36 29.48
CA GLU K 346 -5.57 0.69 29.32
C GLU K 346 -4.57 1.23 30.34
N ASN K 347 -3.54 0.45 30.62
CA ASN K 347 -2.51 0.86 31.58
C ASN K 347 -1.85 2.17 31.17
N SER K 348 -1.95 3.17 32.04
CA SER K 348 -1.47 4.53 31.76
C SER K 348 0.07 4.66 31.74
N LYS K 349 0.77 3.59 32.11
CA LYS K 349 2.23 3.63 32.16
C LYS K 349 2.85 3.12 30.86
N GLU K 350 1.99 2.65 29.94
CA GLU K 350 2.45 2.18 28.65
C GLU K 350 2.96 3.35 27.80
N THR L 6 5.52 -24.47 24.60
CA THR L 6 6.46 -24.91 25.62
C THR L 6 5.88 -24.71 27.02
N PRO L 7 5.64 -23.44 27.42
CA PRO L 7 5.15 -23.23 28.78
C PRO L 7 3.78 -23.88 29.02
N CYS L 8 3.05 -24.15 27.94
CA CYS L 8 1.76 -24.81 28.04
C CYS L 8 1.89 -26.34 28.14
N ASP L 9 3.10 -26.87 27.92
CA ASP L 9 3.33 -28.31 27.98
C ASP L 9 3.66 -28.74 29.40
CU CU M . 12.03 8.51 -29.89
C1 RCO N . 35.97 11.63 -35.48
C2 RCO N . 34.95 12.37 -35.94
C3 RCO N . 34.70 13.75 -35.43
C4 RCO N . 35.50 14.28 -34.47
C5 RCO N . 36.66 13.46 -33.93
C6 RCO N . 36.89 12.21 -34.40
O1 RCO N . 36.18 10.33 -35.99
O3 RCO N . 33.62 14.48 -35.95
H2 RCO N . 34.37 11.99 -36.64
H4 RCO N . 35.34 15.18 -34.13
H5 RCO N . 37.25 13.83 -33.24
H6 RCO N . 37.63 11.68 -34.05
H1 RCO N . 35.40 9.99 -36.26
H3 RCO N . 33.21 14.00 -36.58
C1 RCO O . -2.71 0.58 -9.21
C2 RCO O . -3.09 1.35 -8.17
C3 RCO O . -3.63 2.74 -8.40
C4 RCO O . -3.74 3.21 -9.66
C5 RCO O . -3.32 2.35 -10.83
C6 RCO O . -2.84 1.11 -10.62
O1 RCO O . -2.20 -0.72 -9.00
O3 RCO O . -4.01 3.55 -7.32
H2 RCO O . -3.01 1.00 -7.26
H4 RCO O . -4.09 4.11 -9.82
H5 RCO O . -3.40 2.70 -11.74
H6 RCO O . -2.57 0.55 -11.38
H1 RCO O . -1.77 -0.74 -8.22
H3 RCO O . -4.30 4.32 -7.63
C1 RCO P . 8.71 31.43 -8.48
C2 RCO P . 10.05 31.38 -8.42
C3 RCO P . 10.89 32.48 -9.02
C4 RCO P . 10.28 33.53 -9.62
C5 RCO P . 8.76 33.58 -9.70
C6 RCO P . 8.02 32.59 -9.15
O1 RCO P . 7.95 30.39 -7.91
O3 RCO P . 12.29 32.43 -8.93
H2 RCO P . 10.50 30.63 -7.98
H4 RCO P . 10.82 34.25 -10.01
H5 RCO P . 8.32 34.34 -10.14
H6 RCO P . 7.05 32.62 -9.20
H1 RCO P . 8.45 29.65 -7.84
H3 RCO P . 12.54 31.60 -8.75
C1 GOL Q . 14.07 30.63 -29.82
O1 GOL Q . 15.37 30.56 -30.39
C2 GOL Q . 13.15 31.48 -30.69
O2 GOL Q . 13.12 30.94 -31.99
C3 GOL Q . 11.74 31.51 -30.10
O3 GOL Q . 11.67 32.35 -28.97
H11 GOL Q . 13.66 29.62 -29.72
H12 GOL Q . 14.14 31.07 -28.82
HO1 GOL Q . 15.96 30.07 -29.79
H2 GOL Q . 13.54 32.50 -30.71
HO2 GOL Q . 12.75 30.03 -31.96
H31 GOL Q . 11.03 31.85 -30.85
H32 GOL Q . 11.45 30.49 -29.81
HO3 GOL Q . 10.75 32.64 -28.83
CU CU R . -2.78 -32.78 -5.55
C1 RCO S . -18.24 -14.96 -24.16
C2 RCO S . -17.01 -14.60 -24.57
C3 RCO S . -16.25 -13.53 -23.82
C4 RCO S . -16.80 -12.94 -22.74
C5 RCO S . -18.18 -13.36 -22.27
C6 RCO S . -18.86 -14.32 -22.94
O1 RCO S . -18.94 -15.96 -24.86
O3 RCO S . -14.97 -13.14 -24.26
H2 RCO S . -16.61 -15.02 -25.36
H4 RCO S . -16.31 -12.26 -22.25
H5 RCO S . -18.58 -12.94 -21.49
H6 RCO S . -19.75 -14.58 -22.64
H1 RCO S . -18.77 -15.91 -25.73
H3 RCO S . -14.72 -12.42 -23.83
C1 RCO T . -1.78 -8.16 4.22
C2 RCO T . -2.57 -7.09 4.00
C3 RCO T . -4.08 -7.24 4.05
C4 RCO T . -4.64 -8.44 4.31
C5 RCO T . -3.74 -9.64 4.57
C6 RCO T . -2.40 -9.52 4.52
O1 RCO T . -0.38 -8.00 4.17
O3 RCO T . -4.87 -6.09 3.82
H2 RCO T . -2.18 -6.22 3.81
H4 RCO T . -5.62 -8.53 4.35
H5 RCO T . -4.14 -10.51 4.76
H6 RCO T . -1.82 -10.28 4.68
H1 RCO T . 0.00 -8.58 4.73
H3 RCO T . -4.35 -5.36 3.80
C1 GOL U . 0.91 -14.38 6.14
O1 GOL U . 1.76 -15.23 6.87
C2 GOL U . 0.95 -12.97 6.73
O2 GOL U . 2.18 -12.36 6.39
C3 GOL U . -0.22 -12.13 6.21
O3 GOL U . -0.25 -10.89 6.87
H11 GOL U . 1.23 -14.35 5.10
H12 GOL U . -0.12 -14.75 6.18
HO1 GOL U . 1.67 -16.14 6.53
H2 GOL U . 0.86 -13.04 7.82
HO2 GOL U . 2.25 -12.27 5.42
H31 GOL U . -0.11 -11.99 5.13
H32 GOL U . -1.16 -12.67 6.39
HO3 GOL U . 0.08 -10.99 7.78
C1 GOL V . 18.77 -29.29 -6.28
O1 GOL V . 19.46 -30.36 -5.65
C2 GOL V . 17.77 -29.81 -7.30
O2 GOL V . 17.43 -28.75 -8.19
C3 GOL V . 18.35 -31.00 -8.05
O3 GOL V . 17.46 -31.39 -9.07
H11 GOL V . 18.24 -28.71 -5.52
H12 GOL V . 19.49 -28.63 -6.77
HO1 GOL V . 20.14 -29.99 -5.05
H2 GOL V . 16.88 -30.13 -6.78
HO2 GOL V . 18.23 -28.46 -8.68
H31 GOL V . 19.31 -30.73 -8.49
H32 GOL V . 18.51 -31.83 -7.37
HO3 GOL V . 17.15 -32.30 -8.90
C1 GOL W . 17.23 -23.22 1.61
O1 GOL W . 16.63 -24.05 2.58
C2 GOL W . 17.72 -24.04 0.43
O2 GOL W . 18.46 -23.23 -0.46
C3 GOL W . 18.58 -25.20 0.91
O3 GOL W . 17.80 -26.39 0.90
H11 GOL W . 16.50 -22.48 1.27
H12 GOL W . 18.07 -22.69 2.06
HO1 GOL W . 16.38 -23.52 3.36
H2 GOL W . 16.85 -24.45 -0.09
HO2 GOL W . 19.25 -22.88 0.00
H31 GOL W . 19.44 -25.32 0.25
H32 GOL W . 18.94 -25.01 1.92
HO3 GOL W . 17.45 -26.53 -0.01
CU CU X . 6.71 27.79 19.44
C1 RCO Y . 17.32 25.58 -6.14
C2 RCO Y . 18.07 26.50 -6.79
C3 RCO Y . 17.40 27.68 -7.43
C4 RCO Y . 16.07 27.84 -7.35
C5 RCO Y . 15.22 26.81 -6.60
C6 RCO Y . 15.82 25.76 -6.03
O1 RCO Y . 17.95 24.49 -5.54
O3 RCO Y . 18.20 28.63 -8.12
H2 RCO Y . 19.04 26.37 -6.85
H4 RCO Y . 15.63 28.61 -7.77
H5 RCO Y . 14.26 26.92 -6.54
H6 RCO Y . 15.29 25.09 -5.56
H1 RCO Y . 17.36 24.05 -5.03
H3 RCO Y . 19.06 28.42 -8.02
C1 RCO Z . 6.77 5.82 2.95
C2 RCO Z . 5.52 5.68 3.45
C3 RCO Z . 5.22 6.11 4.88
C4 RCO Z . 6.20 6.60 5.64
C5 RCO Z . 7.60 6.76 5.08
C6 RCO Z . 7.87 6.39 3.82
O1 RCO Z . 7.06 5.42 1.62
O3 RCO Z . 3.92 5.96 5.40
H2 RCO Z . 4.81 5.31 2.90
H4 RCO Z . 6.01 6.88 6.56
H5 RCO Z . 8.31 7.13 5.64
H6 RCO Z . 8.77 6.49 3.46
H1 RCO Z . 6.75 4.60 1.49
H3 RCO Z . 3.84 5.16 5.78
C1 GOL AA . 11.39 14.90 -5.91
O1 GOL AA . 11.08 13.59 -5.52
C2 GOL AA . 10.18 15.52 -6.61
O2 GOL AA . 10.28 16.92 -6.60
C3 GOL AA . 10.16 15.00 -8.03
O3 GOL AA . 10.34 13.60 -7.99
H11 GOL AA . 11.65 15.50 -5.03
H12 GOL AA . 12.25 14.91 -6.58
HO1 GOL AA . 11.88 13.16 -5.13
H2 GOL AA . 9.28 15.20 -6.09
HO2 GOL AA . 11.09 17.20 -7.08
H31 GOL AA . 9.20 15.24 -8.50
H32 GOL AA . 10.95 15.47 -8.62
HO3 GOL AA . 9.85 13.24 -7.23
C1 GOL BA . -14.05 25.86 22.12
O1 GOL BA . -13.80 27.09 21.49
C2 GOL BA . -14.71 24.91 21.15
O2 GOL BA . -14.03 24.88 19.90
C3 GOL BA . -14.71 23.51 21.78
O3 GOL BA . -14.95 23.57 23.17
H11 GOL BA . -13.10 25.43 22.47
H12 GOL BA . -14.68 26.01 22.99
HO1 GOL BA . -13.43 27.72 22.13
H2 GOL BA . -15.74 25.22 21.00
HO2 GOL BA . -13.11 24.57 20.04
H31 GOL BA . -15.49 22.91 21.30
H32 GOL BA . -13.76 23.03 21.59
HO3 GOL BA . -15.22 22.69 23.49
CU CU CA . -23.48 13.58 -22.01
C1 RCO DA . -8.06 -10.01 -13.62
C2 RCO DA . -9.38 -9.94 -13.88
C3 RCO DA . -10.29 -11.10 -13.50
C4 RCO DA . -9.79 -12.19 -12.90
C5 RCO DA . -8.31 -12.27 -12.61
C6 RCO DA . -7.49 -11.26 -12.96
O1 RCO DA . -7.21 -8.95 -13.98
O3 RCO DA . -11.67 -11.00 -13.76
H2 RCO DA . -9.75 -9.15 -14.31
H4 RCO DA . -10.37 -12.93 -12.66
H5 RCO DA . -7.93 -13.07 -12.19
H6 RCO DA . -6.53 -11.31 -12.77
H1 RCO DA . -6.52 -9.25 -14.46
H3 RCO DA . -11.87 -11.54 -14.44
C1 RCO EA . -48.61 13.26 -21.02
C2 RCO EA . -49.29 12.10 -20.99
C3 RCO EA . -49.04 11.07 -22.07
C4 RCO EA . -48.14 11.32 -23.05
C5 RCO EA . -47.37 12.61 -23.06
C6 RCO EA . -47.60 13.54 -22.10
O1 RCO EA . -48.84 14.23 -20.03
O3 RCO EA . -49.75 9.86 -22.05
H2 RCO EA . -49.95 11.93 -20.29
H4 RCO EA . -47.98 10.65 -23.74
H5 RCO EA . -46.72 12.79 -23.77
H6 RCO EA . -47.11 14.38 -22.11
H1 RCO EA . -49.05 15.00 -20.41
H3 RCO EA . -50.00 9.66 -22.88
C1 GOL FA . -39.71 13.71 -28.20
O1 GOL FA . -39.98 13.14 -26.94
C2 GOL FA . -40.97 13.89 -29.06
O2 GOL FA . -41.09 15.24 -29.51
C3 GOL FA . -41.00 12.99 -30.29
O3 GOL FA . -41.71 11.79 -30.02
H11 GOL FA . -39.23 14.68 -28.07
H12 GOL FA . -39.00 13.07 -28.73
HO1 GOL FA . -39.14 12.99 -26.45
H2 GOL FA . -41.83 13.65 -28.45
HO2 GOL FA . -40.35 15.45 -30.12
H31 GOL FA . -41.46 13.52 -31.12
H32 GOL FA . -39.97 12.74 -30.58
HO3 GOL FA . -42.29 11.58 -30.79
CU CU GA . 29.27 -1.21 15.74
C1 RCO HA . 3.37 -8.76 31.74
C2 RCO HA . 3.79 -10.05 31.66
C3 RCO HA . 4.46 -10.70 32.85
C4 RCO HA . 4.62 -10.00 34.00
C5 RCO HA . 4.15 -8.57 34.08
C6 RCO HA . 3.55 -7.98 33.02
O1 RCO HA . 2.74 -8.14 30.65
O3 RCO HA . 4.90 -12.03 32.80
H2 RCO HA . 3.66 -10.55 30.83
H4 RCO HA . 5.04 -10.42 34.77
H5 RCO HA . 4.26 -8.06 34.91
H6 RCO HA . 3.24 -7.06 33.08
H1 RCO HA . 2.37 -7.38 30.92
H3 RCO HA . 5.15 -12.23 31.96
C1 RCO IA . 5.96 -16.93 25.54
C2 RCO IA . 6.64 -17.50 26.56
C3 RCO IA . 6.71 -16.77 27.89
C4 RCO IA . 6.11 -15.56 28.04
C5 RCO IA . 5.35 -14.94 26.88
C6 RCO IA . 5.28 -15.59 25.70
O1 RCO IA . 5.88 -17.61 24.31
O3 RCO IA . 7.42 -17.35 28.95
H2 RCO IA . 7.07 -18.35 26.45
H4 RCO IA . 6.17 -15.11 28.89
H5 RCO IA . 4.92 -14.08 27.00
H6 RCO IA . 4.79 -15.19 24.95
H1 RCO IA . 5.44 -17.10 23.72
H3 RCO IA . 7.84 -18.08 28.68
C ACT JA . -1.94 -2.94 25.38
O ACT JA . -2.89 -2.20 25.07
OXT ACT JA . -0.87 -2.76 24.75
CH3 ACT JA . -2.06 -3.99 26.44
H1 ACT JA . -3.06 -3.98 26.86
H2 ACT JA . -1.33 -3.79 27.23
H3 ACT JA . -1.85 -4.97 26.01
CU CU KA . -21.60 -16.36 21.51
#